data_7TZP
#
_entry.id   7TZP
#
_cell.length_a   161.387
_cell.length_b   256.020
_cell.length_c   260.642
_cell.angle_alpha   90.000
_cell.angle_beta   90.000
_cell.angle_gamma   90.000
#
_symmetry.space_group_name_H-M   'F 2 2 2'
#
loop_
_entity.id
_entity.type
_entity.pdbx_description
1 polymer '3-oxoacyl-ACP reductase'
2 non-polymer 'POTASSIUM ION'
3 non-polymer 'CHLORIDE ION'
4 non-polymer '1,4-DIHYDRONICOTINAMIDE ADENINE DINUCLEOTIDE'
5 non-polymer GLYCEROL
6 non-polymer 1,2-ETHANEDIOL
7 water water
#
_entity_poly.entity_id   1
_entity_poly.type   'polypeptide(L)'
_entity_poly.pdbx_seq_one_letter_code
;SNA(MSE)KLASKTAIVTGAARGIGFGIAQVLAREGARVIIADRDAHGEAAAASLRESGAQALFISCNIAEKTQVEALFS
QAEEAFGPVDILVNNAGINRDA(MSE)LHKLTEADWDTVIDVNLKGTFLC(MSE)QQAAIR(MSE)RERGAGRIINIASA
SWLGNVGQTNYSASKAGVVG(MSE)TKTACRELAKKGVTVNAICPGFIDTD(MSE)TRGVPENVWQI(MSE)VSKIPAGY
AGEAKDVGECVAFLASDGARYINGEVINVGGG(MSE)VL
;
_entity_poly.pdbx_strand_id   A,B,C,D,E,F,G,H
#
# COMPACT_ATOMS: atom_id res chain seq x y z
N ALA A 3 22.83 -39.52 -34.67
CA ALA A 3 22.91 -38.33 -35.57
C ALA A 3 21.52 -37.78 -35.81
N LYS A 5 17.94 -38.57 -34.34
CA LYS A 5 17.11 -39.23 -33.36
C LYS A 5 15.65 -39.39 -33.84
N LEU A 6 15.25 -38.72 -34.92
CA LEU A 6 13.83 -38.85 -35.42
C LEU A 6 13.78 -39.49 -36.80
N ALA A 7 14.87 -40.15 -37.23
CA ALA A 7 14.86 -40.81 -38.56
C ALA A 7 13.82 -41.94 -38.52
N SER A 8 13.07 -42.11 -39.62
CA SER A 8 12.03 -43.16 -39.74
C SER A 8 10.73 -42.76 -39.00
N LYS A 9 10.50 -41.45 -38.84
CA LYS A 9 9.26 -40.97 -38.15
C LYS A 9 8.55 -39.94 -39.03
N THR A 10 7.23 -40.09 -39.17
CA THR A 10 6.38 -39.17 -39.97
C THR A 10 5.79 -38.14 -39.00
N ALA A 11 5.83 -36.86 -39.35
CA ALA A 11 5.30 -35.82 -38.44
C ALA A 11 4.38 -34.85 -39.17
N ILE A 12 3.23 -34.54 -38.55
CA ILE A 12 2.25 -33.56 -39.09
C ILE A 12 2.36 -32.30 -38.22
N VAL A 13 2.64 -31.14 -38.83
CA VAL A 13 2.75 -29.88 -38.06
C VAL A 13 1.73 -28.89 -38.63
N THR A 14 0.70 -28.56 -37.85
CA THR A 14 -0.36 -27.61 -38.32
C THR A 14 0.22 -26.19 -38.29
N GLY A 15 -0.24 -25.32 -39.20
CA GLY A 15 0.23 -23.92 -39.29
C GLY A 15 1.72 -23.83 -39.51
N ALA A 16 2.29 -24.82 -40.21
CA ALA A 16 3.75 -24.88 -40.47
C ALA A 16 4.14 -24.10 -41.74
N ALA A 17 3.21 -23.35 -42.35
CA ALA A 17 3.56 -22.58 -43.56
C ALA A 17 4.52 -21.45 -43.22
N ARG A 18 4.49 -20.96 -41.98
CA ARG A 18 5.37 -19.84 -41.56
C ARG A 18 5.56 -19.85 -40.03
N GLY A 19 6.21 -18.80 -39.52
CA GLY A 19 6.47 -18.59 -38.07
C GLY A 19 6.91 -19.82 -37.31
N ILE A 20 6.48 -19.93 -36.06
CA ILE A 20 6.83 -21.06 -35.14
C ILE A 20 6.63 -22.40 -35.84
N GLY A 21 5.48 -22.61 -36.46
CA GLY A 21 5.21 -23.88 -37.16
C GLY A 21 6.32 -24.27 -38.12
N PHE A 22 6.75 -23.34 -38.98
CA PHE A 22 7.84 -23.65 -39.95
C PHE A 22 9.13 -23.92 -39.18
N GLY A 23 9.34 -23.21 -38.06
CA GLY A 23 10.55 -23.44 -37.24
C GLY A 23 10.58 -24.86 -36.72
N ILE A 24 9.42 -25.38 -36.30
CA ILE A 24 9.30 -26.78 -35.78
C ILE A 24 9.56 -27.76 -36.94
N ALA A 25 9.01 -27.45 -38.12
CA ALA A 25 9.19 -28.32 -39.31
C ALA A 25 10.68 -28.39 -39.67
N GLN A 26 11.40 -27.28 -39.52
CA GLN A 26 12.86 -27.23 -39.83
C GLN A 26 13.66 -28.09 -38.87
N VAL A 27 13.36 -28.03 -37.56
CA VAL A 27 14.11 -28.84 -36.56
C VAL A 27 13.73 -30.33 -36.72
N LEU A 28 12.45 -30.63 -36.94
CA LEU A 28 12.04 -32.06 -37.11
C LEU A 28 12.70 -32.63 -38.36
N ALA A 29 12.65 -31.87 -39.47
CA ALA A 29 13.26 -32.30 -40.76
C ALA A 29 14.76 -32.52 -40.58
N ARG A 30 15.41 -31.67 -39.79
CA ARG A 30 16.88 -31.75 -39.53
C ARG A 30 17.20 -33.04 -38.77
N GLU A 31 16.27 -33.52 -37.94
CA GLU A 31 16.47 -34.75 -37.13
C GLU A 31 16.09 -35.99 -37.96
N GLY A 32 15.83 -35.81 -39.26
CA GLY A 32 15.51 -36.91 -40.19
C GLY A 32 14.04 -37.30 -40.23
N ALA A 33 13.14 -36.44 -39.75
CA ALA A 33 11.70 -36.79 -39.75
C ALA A 33 11.05 -36.38 -41.07
N ARG A 34 10.10 -37.18 -41.55
CA ARG A 34 9.33 -36.86 -42.78
C ARG A 34 8.29 -35.85 -42.30
N VAL A 35 8.28 -34.64 -42.86
CA VAL A 35 7.34 -33.59 -42.33
C VAL A 35 6.18 -33.29 -43.28
N ILE A 36 4.96 -33.38 -42.73
CA ILE A 36 3.71 -33.03 -43.45
C ILE A 36 3.38 -31.60 -43.03
N ILE A 37 3.45 -30.63 -43.95
CA ILE A 37 3.10 -29.22 -43.60
C ILE A 37 1.60 -29.04 -43.79
N ALA A 38 0.86 -29.04 -42.67
CA ALA A 38 -0.61 -28.87 -42.69
C ALA A 38 -0.93 -27.40 -42.42
N ASP A 39 -1.53 -26.72 -43.40
CA ASP A 39 -1.86 -25.29 -43.17
C ASP A 39 -3.00 -24.91 -44.11
N ARG A 40 -3.72 -23.84 -43.78
CA ARG A 40 -4.87 -23.39 -44.61
C ARG A 40 -4.37 -22.44 -45.70
N ASP A 41 -3.15 -21.92 -45.54
CA ASP A 41 -2.57 -20.96 -46.54
C ASP A 41 -1.69 -21.71 -47.54
N ALA A 42 -1.84 -21.39 -48.82
CA ALA A 42 -1.08 -22.01 -49.93
C ALA A 42 0.42 -21.74 -49.78
N HIS A 43 0.83 -20.87 -48.87
CA HIS A 43 2.29 -20.62 -48.70
C HIS A 43 2.93 -21.89 -48.12
N GLY A 44 2.11 -22.81 -47.62
CA GLY A 44 2.62 -24.08 -47.06
C GLY A 44 3.36 -24.87 -48.13
N GLU A 45 3.01 -24.66 -49.40
CA GLU A 45 3.67 -25.36 -50.53
C GLU A 45 5.09 -24.80 -50.67
N ALA A 46 5.26 -23.50 -50.41
CA ALA A 46 6.59 -22.87 -50.50
C ALA A 46 7.45 -23.36 -49.33
N ALA A 47 6.79 -23.64 -48.19
CA ALA A 47 7.48 -24.13 -46.98
C ALA A 47 7.92 -25.59 -47.19
N ALA A 48 7.06 -26.41 -47.84
CA ALA A 48 7.39 -27.83 -48.11
C ALA A 48 8.50 -27.89 -49.16
N ALA A 49 8.41 -27.06 -50.20
CA ALA A 49 9.44 -27.02 -51.27
C ALA A 49 10.77 -26.56 -50.67
N SER A 50 10.71 -25.74 -49.62
CA SER A 50 11.93 -25.22 -48.94
C SER A 50 12.62 -26.37 -48.20
N LEU A 51 11.83 -27.24 -47.53
CA LEU A 51 12.40 -28.39 -46.77
C LEU A 51 12.96 -29.43 -47.75
N ARG A 52 12.26 -29.70 -48.87
CA ARG A 52 12.76 -30.70 -49.85
C ARG A 52 14.07 -30.22 -50.49
N GLU A 53 14.21 -28.91 -50.68
CA GLU A 53 15.43 -28.32 -51.30
C GLU A 53 16.61 -28.51 -50.34
N SER A 54 16.34 -28.55 -49.03
CA SER A 54 17.42 -28.73 -48.01
C SER A 54 17.79 -30.21 -47.85
N GLY A 55 17.11 -31.12 -48.57
CA GLY A 55 17.41 -32.56 -48.51
C GLY A 55 16.39 -33.38 -47.72
N ALA A 56 15.45 -32.73 -47.03
CA ALA A 56 14.44 -33.46 -46.23
C ALA A 56 13.25 -33.88 -47.11
N GLN A 57 12.37 -34.75 -46.57
CA GLN A 57 11.15 -35.20 -47.27
C GLN A 57 9.96 -34.43 -46.68
N ALA A 58 9.32 -33.58 -47.48
CA ALA A 58 8.17 -32.79 -46.97
C ALA A 58 7.05 -32.74 -48.01
N LEU A 59 5.82 -32.61 -47.52
CA LEU A 59 4.61 -32.53 -48.38
C LEU A 59 3.64 -31.53 -47.77
N PHE A 60 3.08 -30.65 -48.59
CA PHE A 60 2.08 -29.66 -48.12
C PHE A 60 0.68 -30.21 -48.34
N ILE A 61 -0.18 -30.10 -47.32
CA ILE A 61 -1.60 -30.54 -47.44
C ILE A 61 -2.48 -29.40 -46.96
N SER A 62 -3.21 -28.78 -47.89
CA SER A 62 -4.13 -27.67 -47.56
C SER A 62 -5.13 -28.19 -46.52
N CYS A 63 -5.37 -27.45 -45.44
CA CYS A 63 -6.30 -27.95 -44.40
C CYS A 63 -6.75 -26.86 -43.42
N ASN A 64 -8.05 -26.82 -43.13
CA ASN A 64 -8.67 -25.90 -42.15
C ASN A 64 -9.00 -26.80 -40.96
N ILE A 65 -8.12 -26.85 -39.94
CA ILE A 65 -8.30 -27.74 -38.76
C ILE A 65 -9.67 -27.51 -38.09
N ALA A 66 -10.35 -26.41 -38.39
CA ALA A 66 -11.68 -26.15 -37.78
C ALA A 66 -12.75 -27.09 -38.37
N GLU A 67 -12.51 -27.59 -39.60
CA GLU A 67 -13.45 -28.51 -40.30
C GLU A 67 -12.99 -29.96 -40.09
N LYS A 68 -13.86 -30.81 -39.54
CA LYS A 68 -13.52 -32.23 -39.26
C LYS A 68 -13.26 -32.99 -40.57
N THR A 69 -14.06 -32.75 -41.62
CA THR A 69 -13.86 -33.47 -42.91
C THR A 69 -12.46 -33.19 -43.47
N GLN A 70 -11.94 -31.97 -43.30
CA GLN A 70 -10.59 -31.64 -43.82
C GLN A 70 -9.51 -32.29 -42.93
N VAL A 71 -9.78 -32.39 -41.61
CA VAL A 71 -8.79 -33.04 -40.69
C VAL A 71 -8.73 -34.53 -41.06
N GLU A 72 -9.88 -35.16 -41.29
CA GLU A 72 -9.92 -36.60 -41.68
C GLU A 72 -9.15 -36.78 -42.98
N ALA A 73 -9.31 -35.84 -43.93
CA ALA A 73 -8.61 -35.90 -45.22
C ALA A 73 -7.11 -35.71 -45.00
N LEU A 74 -6.73 -34.82 -44.07
CA LEU A 74 -5.31 -34.54 -43.75
C LEU A 74 -4.59 -35.84 -43.34
N PHE A 75 -5.09 -36.52 -42.31
CA PHE A 75 -4.49 -37.78 -41.80
C PHE A 75 -4.56 -38.90 -42.86
N SER A 76 -5.58 -38.90 -43.71
CA SER A 76 -5.68 -39.96 -44.75
C SER A 76 -4.56 -39.78 -45.80
N GLN A 77 -4.44 -38.57 -46.35
CA GLN A 77 -3.40 -38.28 -47.38
C GLN A 77 -2.00 -38.41 -46.78
N ALA A 78 -1.81 -37.93 -45.55
CA ALA A 78 -0.49 -37.98 -44.87
C ALA A 78 0.03 -39.42 -44.80
N GLU A 79 -0.83 -40.36 -44.40
CA GLU A 79 -0.44 -41.79 -44.27
C GLU A 79 -0.28 -42.44 -45.66
N GLU A 80 -1.07 -42.02 -46.64
CA GLU A 80 -0.93 -42.59 -48.01
C GLU A 80 0.38 -42.06 -48.61
N ALA A 81 0.87 -40.95 -48.09
CA ALA A 81 2.12 -40.31 -48.58
C ALA A 81 3.36 -40.84 -47.83
N PHE A 82 3.45 -40.62 -46.51
CA PHE A 82 4.63 -41.09 -45.75
C PHE A 82 4.30 -42.19 -44.72
N GLY A 83 3.21 -42.94 -44.91
CA GLY A 83 2.87 -44.02 -43.97
C GLY A 83 2.39 -43.51 -42.61
N PRO A 84 2.35 -44.39 -41.59
CA PRO A 84 1.89 -44.03 -40.25
C PRO A 84 2.47 -42.73 -39.66
N VAL A 85 1.60 -41.91 -39.06
CA VAL A 85 1.97 -40.61 -38.44
C VAL A 85 2.39 -40.90 -36.99
N ASP A 86 3.65 -40.64 -36.66
CA ASP A 86 4.18 -40.91 -35.28
C ASP A 86 4.14 -39.65 -34.43
N ILE A 87 4.14 -38.46 -35.06
CA ILE A 87 4.17 -37.17 -34.30
C ILE A 87 3.11 -36.19 -34.83
N LEU A 88 2.38 -35.55 -33.91
CA LEU A 88 1.37 -34.52 -34.26
C LEU A 88 1.74 -33.24 -33.52
N VAL A 89 1.93 -32.15 -34.25
CA VAL A 89 2.27 -30.86 -33.61
C VAL A 89 1.12 -29.89 -33.89
N ASN A 90 0.27 -29.65 -32.88
CA ASN A 90 -0.88 -28.72 -33.00
C ASN A 90 -0.35 -27.31 -32.71
N ASN A 91 0.02 -26.60 -33.78
CA ASN A 91 0.60 -25.23 -33.74
C ASN A 91 -0.39 -24.21 -34.28
N ALA A 92 -1.20 -24.61 -35.27
CA ALA A 92 -2.20 -23.71 -35.89
C ALA A 92 -2.94 -22.91 -34.81
N GLY A 93 -2.98 -21.58 -34.97
CA GLY A 93 -3.65 -20.68 -34.01
C GLY A 93 -3.90 -19.32 -34.65
N ILE A 94 -4.79 -18.54 -34.06
CA ILE A 94 -5.15 -17.17 -34.55
C ILE A 94 -5.48 -16.28 -33.35
N ASN A 95 -5.46 -14.96 -33.57
CA ASN A 95 -5.81 -13.99 -32.49
C ASN A 95 -6.82 -12.97 -33.03
N ARG A 96 -7.84 -12.71 -32.22
CA ARG A 96 -8.92 -11.73 -32.47
C ARG A 96 -9.10 -11.00 -31.13
N ASP A 97 -8.02 -10.37 -30.65
CA ASP A 97 -7.96 -9.65 -29.35
C ASP A 97 -9.04 -8.57 -29.25
N ALA A 98 -9.53 -8.37 -28.02
CA ALA A 98 -10.57 -7.37 -27.68
C ALA A 98 -10.77 -7.44 -26.17
N LEU A 100 -12.85 -7.68 -22.74
CA LEU A 100 -14.01 -8.47 -22.37
C LEU A 100 -15.32 -7.76 -22.72
N HIS A 101 -15.47 -6.48 -22.34
CA HIS A 101 -16.71 -5.72 -22.59
C HIS A 101 -16.91 -5.35 -24.06
N LYS A 102 -15.91 -5.57 -24.92
CA LYS A 102 -16.03 -5.22 -26.37
C LYS A 102 -16.01 -6.46 -27.28
N LEU A 103 -15.34 -7.54 -26.87
CA LEU A 103 -15.21 -8.76 -27.71
C LEU A 103 -16.55 -9.12 -28.39
N THR A 104 -16.54 -9.21 -29.72
CA THR A 104 -17.74 -9.58 -30.51
C THR A 104 -17.94 -11.10 -30.45
N GLU A 105 -19.19 -11.53 -30.60
CA GLU A 105 -19.55 -12.97 -30.57
C GLU A 105 -18.86 -13.66 -31.77
N ALA A 106 -18.66 -12.93 -32.86
CA ALA A 106 -18.00 -13.48 -34.07
C ALA A 106 -16.50 -13.73 -33.79
N ASP A 107 -15.81 -12.76 -33.16
CA ASP A 107 -14.37 -12.91 -32.84
C ASP A 107 -14.21 -14.02 -31.79
N TRP A 108 -15.21 -14.19 -30.93
CA TRP A 108 -15.16 -15.27 -29.92
C TRP A 108 -15.22 -16.63 -30.62
N ASP A 109 -16.25 -16.83 -31.44
CA ASP A 109 -16.50 -18.10 -32.19
C ASP A 109 -15.29 -18.52 -33.05
N THR A 110 -14.75 -17.62 -33.89
N THR A 110 -14.77 -17.60 -33.87
CA THR A 110 -13.61 -17.97 -34.78
CA THR A 110 -13.62 -17.88 -34.78
C THR A 110 -12.39 -18.42 -33.95
C THR A 110 -12.39 -18.36 -34.00
N VAL A 111 -12.03 -17.69 -32.90
CA VAL A 111 -10.83 -18.07 -32.09
C VAL A 111 -11.04 -19.43 -31.40
N ILE A 112 -12.22 -19.67 -30.83
CA ILE A 112 -12.51 -20.97 -30.14
C ILE A 112 -12.63 -22.11 -31.17
N ASP A 113 -13.21 -21.83 -32.34
CA ASP A 113 -13.42 -22.86 -33.39
C ASP A 113 -12.07 -23.34 -33.95
N VAL A 114 -11.08 -22.44 -34.04
CA VAL A 114 -9.75 -22.82 -34.60
C VAL A 114 -8.80 -23.31 -33.49
N ASN A 115 -8.47 -22.45 -32.52
CA ASN A 115 -7.52 -22.78 -31.42
C ASN A 115 -7.99 -23.94 -30.54
N LEU A 116 -9.28 -23.99 -30.17
CA LEU A 116 -9.75 -25.08 -29.26
C LEU A 116 -10.35 -26.24 -30.06
N LYS A 117 -11.48 -26.07 -30.75
CA LYS A 117 -12.05 -27.22 -31.51
C LYS A 117 -11.04 -27.76 -32.53
N GLY A 118 -10.39 -26.87 -33.29
CA GLY A 118 -9.40 -27.31 -34.30
C GLY A 118 -8.36 -28.24 -33.70
N THR A 119 -7.80 -27.85 -32.55
CA THR A 119 -6.77 -28.68 -31.87
C THR A 119 -7.42 -30.00 -31.43
N PHE A 120 -8.70 -29.97 -31.07
CA PHE A 120 -9.43 -31.20 -30.66
C PHE A 120 -9.55 -32.18 -31.84
N LEU A 121 -10.09 -31.71 -32.97
CA LEU A 121 -10.28 -32.57 -34.16
C LEU A 121 -8.96 -33.25 -34.57
N CYS A 122 -7.83 -32.53 -34.51
CA CYS A 122 -6.51 -33.13 -34.88
C CYS A 122 -6.08 -34.17 -33.85
N GLN A 124 -7.89 -35.91 -31.91
CA GLN A 124 -8.77 -37.04 -32.02
C GLN A 124 -8.29 -38.00 -33.13
N GLN A 125 -8.00 -37.48 -34.33
CA GLN A 125 -7.54 -38.34 -35.45
C GLN A 125 -6.21 -39.02 -35.09
N ALA A 126 -5.38 -38.35 -34.29
CA ALA A 126 -4.09 -38.94 -33.87
C ALA A 126 -4.35 -40.00 -32.80
N ALA A 127 -5.30 -39.74 -31.90
CA ALA A 127 -5.64 -40.68 -30.82
C ALA A 127 -6.22 -41.98 -31.38
N ILE A 128 -7.17 -41.88 -32.32
CA ILE A 128 -7.83 -43.07 -32.94
C ILE A 128 -6.78 -44.03 -33.52
N ARG A 129 -5.68 -43.49 -34.06
CA ARG A 129 -4.60 -44.30 -34.70
C ARG A 129 -3.53 -44.75 -33.71
N ARG A 131 -3.51 -44.99 -30.49
CA ARG A 131 -3.90 -45.88 -29.40
C ARG A 131 -3.92 -47.34 -29.88
N GLU A 132 -4.01 -47.58 -31.20
CA GLU A 132 -4.02 -48.95 -31.77
C GLU A 132 -2.59 -49.43 -32.02
N ARG A 133 -1.71 -48.53 -32.47
CA ARG A 133 -0.29 -48.80 -32.80
C ARG A 133 0.57 -48.87 -31.53
N GLY A 134 0.04 -48.42 -30.38
CA GLY A 134 0.79 -48.47 -29.11
C GLY A 134 2.03 -47.58 -29.11
N ALA A 135 1.98 -46.47 -29.82
CA ALA A 135 3.12 -45.52 -29.91
C ALA A 135 2.65 -44.21 -30.53
N GLY A 136 3.25 -43.09 -30.13
CA GLY A 136 2.81 -41.80 -30.70
C GLY A 136 3.29 -40.61 -29.89
N ARG A 137 3.28 -39.44 -30.53
CA ARG A 137 3.70 -38.17 -29.92
C ARG A 137 2.72 -37.06 -30.33
N ILE A 138 2.11 -36.41 -29.32
CA ILE A 138 1.19 -35.27 -29.57
C ILE A 138 1.78 -34.08 -28.83
N ILE A 139 2.07 -33.00 -29.57
CA ILE A 139 2.66 -31.79 -28.94
C ILE A 139 1.78 -30.61 -29.33
N ASN A 140 1.12 -30.02 -28.33
CA ASN A 140 0.20 -28.88 -28.52
C ASN A 140 0.92 -27.58 -28.21
N ILE A 141 0.79 -26.58 -29.08
CA ILE A 141 1.36 -25.24 -28.78
C ILE A 141 0.29 -24.42 -28.06
N ALA A 142 0.52 -24.04 -26.79
CA ALA A 142 -0.45 -23.20 -26.04
C ALA A 142 0.12 -21.78 -25.95
N SER A 143 -0.18 -21.01 -24.89
CA SER A 143 0.48 -19.69 -24.85
C SER A 143 0.76 -19.34 -23.41
N ALA A 144 1.73 -18.46 -23.21
CA ALA A 144 1.91 -18.00 -21.81
C ALA A 144 0.61 -17.33 -21.37
N SER A 145 -0.24 -16.94 -22.33
CA SER A 145 -1.53 -16.27 -22.05
C SER A 145 -2.56 -17.26 -21.49
N TRP A 146 -2.19 -18.54 -21.27
CA TRP A 146 -3.20 -19.50 -20.76
C TRP A 146 -3.55 -19.15 -19.31
N LEU A 147 -2.67 -18.39 -18.63
CA LEU A 147 -2.93 -17.97 -17.22
C LEU A 147 -3.31 -16.49 -17.18
N GLY A 148 -3.96 -15.99 -18.24
CA GLY A 148 -4.42 -14.58 -18.29
C GLY A 148 -3.54 -13.63 -19.07
N ASN A 149 -4.17 -12.68 -19.77
CA ASN A 149 -3.47 -11.63 -20.56
C ASN A 149 -4.52 -10.61 -21.01
N VAL A 150 -4.28 -9.32 -20.75
CA VAL A 150 -5.23 -8.23 -21.13
C VAL A 150 -5.58 -8.30 -22.63
N GLY A 151 -6.87 -8.14 -22.94
CA GLY A 151 -7.41 -8.14 -24.31
C GLY A 151 -7.47 -9.52 -24.94
N GLN A 152 -7.27 -10.59 -24.16
CA GLN A 152 -7.29 -11.95 -24.76
C GLN A 152 -8.25 -12.88 -24.01
N THR A 153 -9.52 -12.48 -23.87
CA THR A 153 -10.51 -13.35 -23.18
C THR A 153 -10.69 -14.63 -24.01
N ASN A 154 -10.87 -14.48 -25.32
CA ASN A 154 -11.08 -15.64 -26.23
C ASN A 154 -9.78 -16.44 -26.41
N TYR A 155 -8.63 -15.76 -26.54
CA TYR A 155 -7.33 -16.45 -26.76
C TYR A 155 -6.91 -17.22 -25.51
N SER A 156 -6.97 -16.59 -24.33
CA SER A 156 -6.58 -17.27 -23.07
C SER A 156 -7.49 -18.47 -22.80
N ALA A 157 -8.78 -18.32 -23.12
CA ALA A 157 -9.78 -19.41 -22.93
C ALA A 157 -9.41 -20.61 -23.82
N SER A 158 -9.09 -20.35 -25.08
CA SER A 158 -8.75 -21.43 -26.04
C SER A 158 -7.42 -22.10 -25.65
N LYS A 159 -6.38 -21.32 -25.36
CA LYS A 159 -5.06 -21.89 -25.00
C LYS A 159 -5.15 -22.61 -23.65
N ALA A 160 -5.88 -22.05 -22.69
CA ALA A 160 -6.04 -22.71 -21.38
C ALA A 160 -6.77 -24.04 -21.63
N GLY A 161 -7.74 -24.02 -22.55
CA GLY A 161 -8.52 -25.22 -22.90
C GLY A 161 -7.63 -26.28 -23.52
N VAL A 162 -6.62 -25.84 -24.29
CA VAL A 162 -5.66 -26.78 -24.93
C VAL A 162 -4.86 -27.50 -23.85
N VAL A 163 -4.48 -26.79 -22.77
CA VAL A 163 -3.70 -27.39 -21.66
C VAL A 163 -4.56 -28.46 -20.99
N GLY A 164 -5.82 -28.13 -20.67
CA GLY A 164 -6.74 -29.09 -20.03
C GLY A 164 -6.85 -30.38 -20.85
N THR A 166 -4.68 -31.47 -23.10
CA THR A 166 -3.37 -32.09 -23.09
C THR A 166 -3.25 -33.03 -21.88
N LYS A 167 -3.67 -32.54 -20.71
CA LYS A 167 -3.60 -33.34 -19.44
C LYS A 167 -4.64 -34.46 -19.48
N THR A 168 -5.75 -34.28 -20.19
CA THR A 168 -6.79 -35.34 -20.28
C THR A 168 -6.26 -36.45 -21.21
N ALA A 169 -5.71 -36.04 -22.36
CA ALA A 169 -5.15 -37.00 -23.36
C ALA A 169 -4.02 -37.82 -22.72
N CYS A 170 -3.22 -37.18 -21.86
CA CYS A 170 -2.11 -37.89 -21.16
C CYS A 170 -2.66 -39.09 -20.38
N ARG A 171 -3.70 -38.84 -19.58
CA ARG A 171 -4.38 -39.86 -18.72
C ARG A 171 -5.00 -40.98 -19.56
N GLU A 172 -5.51 -40.67 -20.76
CA GLU A 172 -6.17 -41.70 -21.62
C GLU A 172 -5.18 -42.45 -22.52
N LEU A 173 -4.13 -41.80 -23.02
CA LEU A 173 -3.17 -42.46 -23.96
C LEU A 173 -1.84 -42.89 -23.32
N ALA A 174 -1.49 -42.40 -22.12
CA ALA A 174 -0.19 -42.76 -21.50
C ALA A 174 0.05 -44.28 -21.47
N LYS A 175 -0.92 -45.08 -21.05
CA LYS A 175 -0.72 -46.56 -20.99
C LYS A 175 -0.59 -47.17 -22.39
N LYS A 176 -0.91 -46.41 -23.43
CA LYS A 176 -0.81 -46.92 -24.82
C LYS A 176 0.59 -46.59 -25.38
N GLY A 177 1.50 -46.10 -24.53
CA GLY A 177 2.87 -45.76 -24.97
C GLY A 177 2.90 -44.46 -25.76
N VAL A 178 1.94 -43.57 -25.49
CA VAL A 178 1.84 -42.26 -26.19
C VAL A 178 2.04 -41.13 -25.18
N THR A 179 2.72 -40.06 -25.59
CA THR A 179 2.94 -38.89 -24.69
C THR A 179 2.23 -37.69 -25.31
N VAL A 180 1.53 -36.93 -24.47
CA VAL A 180 0.79 -35.71 -24.90
C VAL A 180 1.33 -34.58 -24.02
N ASN A 181 2.04 -33.63 -24.62
CA ASN A 181 2.65 -32.50 -23.89
C ASN A 181 2.30 -31.18 -24.56
N ALA A 182 2.32 -30.10 -23.78
CA ALA A 182 2.01 -28.75 -24.30
C ALA A 182 3.22 -27.85 -24.12
N ILE A 183 3.45 -26.98 -25.11
CA ILE A 183 4.57 -26.00 -25.08
C ILE A 183 3.93 -24.60 -25.07
N CYS A 184 4.32 -23.75 -24.12
CA CYS A 184 3.79 -22.37 -24.02
C CYS A 184 4.88 -21.39 -24.44
N PRO A 185 4.96 -21.02 -25.74
CA PRO A 185 5.97 -20.07 -26.18
C PRO A 185 5.66 -18.71 -25.54
N GLY A 186 6.71 -18.00 -25.10
CA GLY A 186 6.51 -16.66 -24.49
C GLY A 186 6.27 -15.65 -25.59
N PHE A 187 7.32 -14.94 -25.99
CA PHE A 187 7.23 -13.93 -27.08
C PHE A 187 8.27 -14.34 -28.13
N ILE A 188 7.80 -14.91 -29.24
CA ILE A 188 8.68 -15.40 -30.33
C ILE A 188 8.62 -14.43 -31.52
N ASP A 189 9.76 -14.23 -32.20
CA ASP A 189 9.87 -13.34 -33.38
C ASP A 189 9.24 -14.04 -34.59
N THR A 190 8.09 -13.55 -35.05
CA THR A 190 7.37 -14.11 -36.22
C THR A 190 6.70 -12.97 -36.98
N ASP A 191 5.96 -13.30 -38.05
CA ASP A 191 5.25 -12.27 -38.85
C ASP A 191 4.12 -11.65 -38.02
N THR A 193 4.12 -11.31 -34.56
CA THR A 193 4.70 -10.42 -33.55
C THR A 193 5.36 -9.21 -34.22
N ARG A 194 5.81 -9.34 -35.48
CA ARG A 194 6.43 -8.18 -36.18
C ARG A 194 5.32 -7.24 -36.67
N GLY A 195 4.07 -7.73 -36.68
CA GLY A 195 2.91 -6.93 -37.12
C GLY A 195 2.39 -5.97 -36.05
N VAL A 196 2.88 -6.08 -34.81
CA VAL A 196 2.42 -5.17 -33.71
C VAL A 196 3.23 -3.89 -33.76
N PRO A 197 2.76 -2.78 -33.14
CA PRO A 197 3.50 -1.52 -33.14
C PRO A 197 4.89 -1.62 -32.50
N GLU A 198 5.73 -0.61 -32.75
CA GLU A 198 7.13 -0.54 -32.24
C GLU A 198 7.17 -0.61 -30.70
N ASN A 199 6.56 0.35 -30.01
CA ASN A 199 6.57 0.41 -28.52
C ASN A 199 6.03 -0.90 -27.92
N VAL A 200 4.99 -1.51 -28.52
CA VAL A 200 4.42 -2.78 -27.98
C VAL A 200 5.51 -3.86 -27.95
N TRP A 201 6.42 -3.84 -28.93
CA TRP A 201 7.53 -4.83 -29.00
C TRP A 201 8.47 -4.65 -27.79
N GLN A 202 8.88 -3.41 -27.52
CA GLN A 202 9.81 -3.09 -26.39
C GLN A 202 9.18 -3.48 -25.04
N ILE A 203 7.87 -3.23 -24.87
CA ILE A 203 7.17 -3.56 -23.59
C ILE A 203 7.25 -5.06 -23.32
N VAL A 205 9.54 -7.28 -24.70
CA VAL A 205 10.92 -7.69 -24.51
C VAL A 205 11.40 -7.28 -23.11
N SER A 206 10.88 -6.18 -22.56
CA SER A 206 11.29 -5.72 -21.21
C SER A 206 10.83 -6.74 -20.15
N LYS A 207 9.85 -7.59 -20.49
CA LYS A 207 9.32 -8.63 -19.56
C LYS A 207 10.13 -9.93 -19.69
N ILE A 208 11.01 -10.05 -20.68
CA ILE A 208 11.79 -11.31 -20.89
C ILE A 208 13.12 -11.25 -20.14
N PRO A 209 13.30 -12.03 -19.06
CA PRO A 209 14.56 -12.03 -18.30
C PRO A 209 15.78 -12.28 -19.19
N ALA A 210 15.64 -13.13 -20.22
CA ALA A 210 16.76 -13.45 -21.14
C ALA A 210 17.20 -12.16 -21.85
N GLY A 211 16.27 -11.23 -22.09
CA GLY A 211 16.55 -9.94 -22.74
C GLY A 211 16.35 -9.94 -24.25
N TYR A 212 15.58 -10.89 -24.79
CA TYR A 212 15.37 -10.90 -26.27
C TYR A 212 14.21 -11.83 -26.64
N ALA A 213 13.55 -11.52 -27.76
CA ALA A 213 12.42 -12.36 -28.25
C ALA A 213 13.01 -13.66 -28.79
N GLY A 214 12.39 -14.79 -28.48
CA GLY A 214 12.90 -16.09 -28.95
C GLY A 214 12.74 -16.27 -30.45
N GLU A 215 13.36 -17.31 -31.01
CA GLU A 215 13.27 -17.63 -32.45
C GLU A 215 12.36 -18.85 -32.61
N ALA A 216 11.77 -19.03 -33.80
CA ALA A 216 10.86 -20.18 -34.05
C ALA A 216 11.59 -21.50 -33.77
N LYS A 217 12.90 -21.57 -34.03
CA LYS A 217 13.68 -22.82 -33.79
C LYS A 217 13.84 -23.10 -32.30
N ASP A 218 13.71 -22.09 -31.43
CA ASP A 218 13.81 -22.32 -29.96
C ASP A 218 12.64 -23.22 -29.55
N VAL A 219 11.49 -23.03 -30.19
CA VAL A 219 10.28 -23.86 -29.91
C VAL A 219 10.51 -25.22 -30.58
N GLY A 220 11.08 -25.21 -31.79
CA GLY A 220 11.35 -26.45 -32.55
C GLY A 220 12.27 -27.40 -31.80
N GLU A 221 13.29 -26.86 -31.14
CA GLU A 221 14.27 -27.67 -30.37
C GLU A 221 13.53 -28.41 -29.25
N CYS A 222 12.61 -27.73 -28.57
CA CYS A 222 11.85 -28.35 -27.46
C CYS A 222 10.90 -29.42 -27.99
N VAL A 223 10.28 -29.17 -29.15
CA VAL A 223 9.34 -30.15 -29.78
C VAL A 223 10.14 -31.41 -30.18
N ALA A 224 11.25 -31.21 -30.90
CA ALA A 224 12.11 -32.33 -31.36
C ALA A 224 12.48 -33.22 -30.18
N PHE A 225 12.72 -32.62 -29.00
CA PHE A 225 13.09 -33.41 -27.80
C PHE A 225 11.89 -34.23 -27.30
N LEU A 226 10.72 -33.58 -27.14
CA LEU A 226 9.51 -34.29 -26.65
C LEU A 226 9.11 -35.41 -27.62
N ALA A 227 9.42 -35.24 -28.90
CA ALA A 227 9.06 -36.25 -29.93
C ALA A 227 10.07 -37.41 -29.95
N SER A 228 11.20 -37.28 -29.25
CA SER A 228 12.22 -38.37 -29.24
C SER A 228 11.87 -39.42 -28.17
N ASP A 229 12.47 -40.61 -28.29
CA ASP A 229 12.24 -41.74 -27.34
C ASP A 229 12.80 -41.34 -25.96
N GLY A 230 13.78 -40.44 -25.93
CA GLY A 230 14.38 -39.98 -24.66
C GLY A 230 13.39 -39.21 -23.78
N ALA A 231 12.31 -38.69 -24.38
CA ALA A 231 11.28 -37.93 -23.63
C ALA A 231 10.03 -38.80 -23.43
N ARG A 232 10.21 -40.12 -23.44
CA ARG A 232 9.06 -41.05 -23.28
C ARG A 232 8.47 -41.01 -21.86
N TYR A 233 9.19 -40.44 -20.89
CA TYR A 233 8.64 -40.47 -19.50
C TYR A 233 8.14 -39.07 -19.11
N ILE A 234 8.08 -38.16 -20.08
CA ILE A 234 7.57 -36.77 -19.90
C ILE A 234 6.15 -36.81 -20.50
N ASN A 235 5.11 -36.61 -19.70
CA ASN A 235 3.75 -36.72 -20.28
C ASN A 235 2.79 -35.82 -19.50
N GLY A 236 1.94 -35.08 -20.22
CA GLY A 236 0.96 -34.16 -19.59
C GLY A 236 1.62 -32.89 -19.06
N GLU A 237 2.86 -32.60 -19.47
CA GLU A 237 3.59 -31.39 -19.01
C GLU A 237 3.34 -30.17 -19.89
N VAL A 238 3.56 -29.00 -19.27
CA VAL A 238 3.44 -27.66 -19.88
C VAL A 238 4.86 -27.07 -19.80
N ILE A 239 5.57 -27.02 -20.93
CA ILE A 239 6.96 -26.47 -20.93
C ILE A 239 6.97 -25.05 -21.49
N ASN A 240 7.34 -24.07 -20.66
CA ASN A 240 7.42 -22.65 -21.08
C ASN A 240 8.72 -22.40 -21.83
N VAL A 241 8.60 -21.86 -23.04
CA VAL A 241 9.76 -21.51 -23.91
C VAL A 241 9.63 -20.00 -24.15
N GLY A 242 9.89 -19.22 -23.10
CA GLY A 242 9.76 -17.74 -23.18
C GLY A 242 10.93 -17.01 -22.56
N GLY A 243 12.08 -17.66 -22.39
CA GLY A 243 13.26 -17.02 -21.80
C GLY A 243 13.06 -16.64 -20.35
N GLY A 244 12.17 -17.36 -19.65
CA GLY A 244 11.89 -17.10 -18.22
C GLY A 244 10.83 -16.03 -17.99
N VAL A 246 7.39 -14.27 -17.27
CA VAL A 246 6.23 -14.56 -16.46
C VAL A 246 5.18 -13.51 -16.85
N LEU A 247 4.41 -13.79 -17.90
CA LEU A 247 3.38 -12.86 -18.43
C LEU A 247 2.47 -12.37 -17.30
N ALA B 3 -23.18 -9.01 11.59
CA ALA B 3 -24.43 -9.05 10.78
C ALA B 3 -24.19 -9.83 9.49
N LYS B 5 -23.13 -10.25 5.92
CA LYS B 5 -22.13 -9.59 5.09
C LYS B 5 -22.59 -9.26 3.66
N LEU B 6 -23.71 -9.82 3.18
CA LEU B 6 -24.12 -9.50 1.77
C LEU B 6 -25.48 -8.80 1.73
N ALA B 7 -25.83 -8.06 2.80
CA ALA B 7 -27.12 -7.34 2.85
C ALA B 7 -27.20 -6.29 1.74
N SER B 8 -28.39 -6.18 1.11
CA SER B 8 -28.71 -5.22 0.02
C SER B 8 -27.91 -5.52 -1.27
N LYS B 9 -27.27 -6.69 -1.37
CA LYS B 9 -26.51 -7.00 -2.61
C LYS B 9 -27.34 -7.93 -3.50
N THR B 10 -27.33 -7.64 -4.80
CA THR B 10 -28.08 -8.45 -5.80
C THR B 10 -27.10 -9.44 -6.43
N ALA B 11 -27.46 -10.72 -6.46
CA ALA B 11 -26.56 -11.75 -7.01
C ALA B 11 -27.28 -12.60 -8.05
N ILE B 12 -26.58 -12.92 -9.14
CA ILE B 12 -27.11 -13.80 -10.21
C ILE B 12 -26.32 -15.12 -10.14
N VAL B 13 -27.04 -16.24 -10.00
CA VAL B 13 -26.40 -17.58 -9.96
C VAL B 13 -26.98 -18.37 -11.13
N THR B 14 -26.18 -18.67 -12.15
CA THR B 14 -26.65 -19.45 -13.33
C THR B 14 -26.74 -20.93 -12.96
N GLY B 15 -27.65 -21.67 -13.60
CA GLY B 15 -27.82 -23.11 -13.32
C GLY B 15 -27.98 -23.37 -11.83
N ALA B 16 -28.75 -22.50 -11.15
CA ALA B 16 -28.97 -22.60 -9.69
C ALA B 16 -30.34 -23.21 -9.36
N ALA B 17 -30.97 -23.90 -10.31
CA ALA B 17 -32.29 -24.53 -10.02
C ALA B 17 -32.07 -25.75 -9.13
N ARG B 18 -30.90 -26.40 -9.26
CA ARG B 18 -30.59 -27.62 -8.46
C ARG B 18 -29.08 -27.74 -8.16
N GLY B 19 -28.70 -28.82 -7.48
CA GLY B 19 -27.32 -29.17 -7.10
C GLY B 19 -26.52 -28.04 -6.49
N ILE B 20 -25.23 -27.96 -6.88
CA ILE B 20 -24.26 -26.94 -6.39
C ILE B 20 -24.83 -25.52 -6.57
N GLY B 21 -25.41 -25.24 -7.74
CA GLY B 21 -25.98 -23.89 -7.99
C GLY B 21 -26.96 -23.48 -6.93
N PHE B 22 -27.92 -24.36 -6.59
CA PHE B 22 -28.94 -24.03 -5.56
C PHE B 22 -28.27 -23.89 -4.19
N GLY B 23 -27.27 -24.72 -3.91
CA GLY B 23 -26.56 -24.63 -2.62
C GLY B 23 -25.89 -23.26 -2.48
N ILE B 24 -25.31 -22.77 -3.57
CA ILE B 24 -24.63 -21.43 -3.59
C ILE B 24 -25.68 -20.35 -3.32
N ALA B 25 -26.86 -20.47 -3.92
CA ALA B 25 -27.96 -19.48 -3.76
C ALA B 25 -28.43 -19.46 -2.29
N GLN B 26 -28.48 -20.63 -1.65
CA GLN B 26 -28.93 -20.75 -0.24
C GLN B 26 -27.97 -19.96 0.68
N VAL B 27 -26.67 -20.14 0.50
CA VAL B 27 -25.66 -19.43 1.34
C VAL B 27 -25.75 -17.92 1.06
N LEU B 28 -25.84 -17.51 -0.21
CA LEU B 28 -25.94 -16.06 -0.56
C LEU B 28 -27.20 -15.48 0.09
N ALA B 29 -28.32 -16.23 0.03
CA ALA B 29 -29.59 -15.78 0.61
C ALA B 29 -29.44 -15.64 2.14
N ARG B 30 -28.79 -16.62 2.77
CA ARG B 30 -28.55 -16.64 4.24
C ARG B 30 -27.74 -15.40 4.64
N GLU B 31 -26.87 -14.92 3.75
CA GLU B 31 -26.01 -13.74 4.05
C GLU B 31 -26.75 -12.45 3.67
N GLY B 32 -28.07 -12.52 3.44
CA GLY B 32 -28.92 -11.35 3.14
C GLY B 32 -28.84 -10.83 1.72
N ALA B 33 -28.36 -11.62 0.76
CA ALA B 33 -28.28 -11.12 -0.64
C ALA B 33 -29.55 -11.45 -1.41
N ARG B 34 -30.00 -10.52 -2.28
CA ARG B 34 -31.18 -10.77 -3.15
C ARG B 34 -30.66 -11.76 -4.20
N VAL B 35 -31.40 -12.82 -4.51
CA VAL B 35 -30.82 -13.82 -5.46
C VAL B 35 -31.67 -14.01 -6.72
N ILE B 36 -31.02 -13.93 -7.88
CA ILE B 36 -31.70 -14.19 -9.19
C ILE B 36 -31.26 -15.60 -9.62
N ILE B 37 -32.19 -16.55 -9.69
CA ILE B 37 -31.85 -17.93 -10.14
C ILE B 37 -32.07 -17.97 -11.66
N ALA B 38 -30.98 -18.08 -12.43
CA ALA B 38 -31.05 -18.13 -13.90
C ALA B 38 -30.78 -19.56 -14.37
N ASP B 39 -31.77 -20.22 -14.96
CA ASP B 39 -31.56 -21.62 -15.40
C ASP B 39 -32.62 -21.97 -16.46
N ARG B 40 -32.31 -22.96 -17.32
CA ARG B 40 -33.26 -23.41 -18.37
C ARG B 40 -34.30 -24.35 -17.71
N ASP B 41 -33.93 -24.94 -16.58
CA ASP B 41 -34.80 -25.87 -15.82
C ASP B 41 -35.96 -25.07 -15.21
N ALA B 42 -37.20 -25.46 -15.53
CA ALA B 42 -38.43 -24.79 -15.02
C ALA B 42 -38.50 -24.92 -13.48
N HIS B 43 -37.80 -25.91 -12.93
CA HIS B 43 -37.77 -26.13 -11.45
C HIS B 43 -37.14 -24.91 -10.78
N GLY B 44 -36.55 -24.01 -11.57
CA GLY B 44 -35.93 -22.79 -11.03
C GLY B 44 -36.95 -21.94 -10.28
N GLU B 45 -38.24 -22.13 -10.58
CA GLU B 45 -39.31 -21.36 -9.90
C GLU B 45 -39.47 -21.91 -8.48
N ALA B 46 -39.52 -23.24 -8.34
CA ALA B 46 -39.65 -23.85 -7.00
C ALA B 46 -38.40 -23.47 -6.18
N ALA B 47 -37.23 -23.41 -6.84
CA ALA B 47 -35.97 -23.04 -6.17
C ALA B 47 -36.09 -21.62 -5.61
N ALA B 48 -36.44 -20.65 -6.45
CA ALA B 48 -36.60 -19.24 -6.01
C ALA B 48 -37.67 -19.16 -4.90
N ALA B 49 -38.78 -19.91 -5.06
CA ALA B 49 -39.87 -19.94 -4.06
C ALA B 49 -39.33 -20.48 -2.72
N SER B 50 -38.46 -21.50 -2.77
CA SER B 50 -37.88 -22.09 -1.53
C SER B 50 -37.06 -21.01 -0.79
N LEU B 51 -36.37 -20.15 -1.55
CA LEU B 51 -35.55 -19.08 -0.94
C LEU B 51 -36.47 -18.02 -0.34
N ARG B 52 -37.66 -17.81 -0.94
CA ARG B 52 -38.63 -16.81 -0.41
C ARG B 52 -39.30 -17.35 0.86
N GLU B 53 -39.48 -18.68 0.95
CA GLU B 53 -40.11 -19.28 2.16
C GLU B 53 -39.16 -19.08 3.35
N SER B 54 -37.85 -19.16 3.10
CA SER B 54 -36.81 -19.00 4.15
C SER B 54 -36.70 -17.52 4.59
N GLY B 55 -37.49 -16.63 3.97
CA GLY B 55 -37.51 -15.19 4.31
C GLY B 55 -36.52 -14.35 3.51
N ALA B 56 -36.17 -14.77 2.29
CA ALA B 56 -35.21 -13.99 1.47
C ALA B 56 -35.88 -13.50 0.18
N GLN B 57 -35.26 -12.53 -0.48
CA GLN B 57 -35.78 -12.00 -1.77
C GLN B 57 -35.12 -12.82 -2.89
N ALA B 58 -35.93 -13.60 -3.61
CA ALA B 58 -35.42 -14.44 -4.72
C ALA B 58 -36.33 -14.29 -5.94
N LEU B 59 -35.77 -14.52 -7.12
CA LEU B 59 -36.52 -14.41 -8.41
C LEU B 59 -35.94 -15.43 -9.41
N PHE B 60 -36.82 -16.04 -10.18
CA PHE B 60 -36.39 -17.02 -11.22
C PHE B 60 -36.57 -16.39 -12.61
N ILE B 61 -35.54 -16.53 -13.45
CA ILE B 61 -35.58 -16.01 -14.84
C ILE B 61 -35.13 -17.14 -15.78
N SER B 62 -36.09 -17.72 -16.51
CA SER B 62 -35.77 -18.80 -17.47
C SER B 62 -34.73 -18.23 -18.46
N CYS B 63 -33.59 -18.90 -18.62
CA CYS B 63 -32.57 -18.31 -19.53
C CYS B 63 -31.57 -19.34 -20.07
N ASN B 64 -31.33 -19.27 -21.38
CA ASN B 64 -30.35 -20.13 -22.10
C ASN B 64 -29.10 -19.25 -22.26
N ILE B 65 -28.10 -19.46 -21.40
CA ILE B 65 -26.84 -18.62 -21.40
C ILE B 65 -26.06 -18.75 -22.72
N ALA B 66 -26.37 -19.73 -23.57
CA ALA B 66 -25.64 -19.88 -24.85
C ALA B 66 -26.11 -18.80 -25.85
N GLU B 67 -27.33 -18.29 -25.67
CA GLU B 67 -27.90 -17.23 -26.56
C GLU B 67 -27.66 -15.86 -25.92
N LYS B 68 -26.84 -15.03 -26.56
CA LYS B 68 -26.49 -13.67 -26.04
C LYS B 68 -27.74 -12.82 -25.80
N THR B 69 -28.73 -12.86 -26.69
CA THR B 69 -29.96 -12.04 -26.51
C THR B 69 -30.67 -12.41 -25.21
N GLN B 70 -30.63 -13.69 -24.80
CA GLN B 70 -31.31 -14.10 -23.54
C GLN B 70 -30.45 -13.67 -22.35
N VAL B 71 -29.12 -13.63 -22.51
CA VAL B 71 -28.20 -13.20 -21.42
C VAL B 71 -28.38 -11.70 -21.22
N GLU B 72 -28.58 -10.95 -22.31
CA GLU B 72 -28.79 -9.48 -22.23
C GLU B 72 -30.12 -9.20 -21.52
N ALA B 73 -31.15 -10.01 -21.82
CA ALA B 73 -32.48 -9.84 -21.19
C ALA B 73 -32.40 -10.21 -19.70
N LEU B 74 -31.63 -11.25 -19.37
CA LEU B 74 -31.44 -11.71 -17.96
C LEU B 74 -30.95 -10.54 -17.10
N PHE B 75 -29.81 -9.94 -17.48
CA PHE B 75 -29.24 -8.80 -16.72
C PHE B 75 -30.19 -7.59 -16.73
N SER B 76 -30.91 -7.37 -17.84
CA SER B 76 -31.86 -6.22 -17.90
C SER B 76 -33.01 -6.45 -16.91
N GLN B 77 -33.69 -7.60 -17.02
N GLN B 77 -33.69 -7.60 -17.02
CA GLN B 77 -34.84 -7.95 -16.14
CA GLN B 77 -34.83 -7.95 -16.13
C GLN B 77 -34.36 -8.11 -14.68
C GLN B 77 -34.35 -8.08 -14.68
N ALA B 78 -33.13 -8.58 -14.48
CA ALA B 78 -32.58 -8.78 -13.11
C ALA B 78 -32.38 -7.44 -12.40
N GLU B 79 -31.82 -6.44 -13.09
CA GLU B 79 -31.56 -5.10 -12.48
C GLU B 79 -32.85 -4.28 -12.36
N GLU B 80 -33.81 -4.49 -13.27
CA GLU B 80 -35.08 -3.73 -13.21
C GLU B 80 -35.86 -4.19 -11.96
N ALA B 81 -35.66 -5.44 -11.55
CA ALA B 81 -36.37 -6.02 -10.39
C ALA B 81 -35.59 -5.80 -9.08
N PHE B 82 -34.37 -6.31 -8.95
CA PHE B 82 -33.63 -6.15 -7.67
C PHE B 82 -32.47 -5.14 -7.74
N GLY B 83 -32.47 -4.25 -8.73
CA GLY B 83 -31.40 -3.24 -8.82
C GLY B 83 -30.06 -3.78 -9.31
N PRO B 84 -29.02 -2.92 -9.39
CA PRO B 84 -27.68 -3.29 -9.86
C PRO B 84 -27.14 -4.64 -9.40
N VAL B 85 -26.62 -5.43 -10.35
CA VAL B 85 -26.03 -6.78 -10.04
C VAL B 85 -24.59 -6.57 -9.56
N ASP B 86 -24.38 -6.89 -8.27
CA ASP B 86 -23.07 -6.76 -7.58
C ASP B 86 -22.30 -8.08 -7.67
N ILE B 87 -23.01 -9.20 -7.72
CA ILE B 87 -22.39 -10.56 -7.74
C ILE B 87 -22.90 -11.39 -8.92
N LEU B 88 -21.98 -12.05 -9.63
CA LEU B 88 -22.32 -12.95 -10.77
C LEU B 88 -21.66 -14.31 -10.49
N VAL B 89 -22.46 -15.35 -10.29
CA VAL B 89 -21.90 -16.71 -10.07
C VAL B 89 -22.19 -17.52 -11.33
N ASN B 90 -21.14 -17.85 -12.08
CA ASN B 90 -21.26 -18.67 -13.32
C ASN B 90 -21.13 -20.14 -12.92
N ASN B 91 -22.26 -20.78 -12.62
CA ASN B 91 -22.30 -22.21 -12.21
C ASN B 91 -22.82 -23.10 -13.34
N ALA B 92 -23.63 -22.55 -14.24
CA ALA B 92 -24.21 -23.32 -15.37
C ALA B 92 -23.13 -24.23 -15.99
N GLY B 93 -23.44 -25.52 -16.10
CA GLY B 93 -22.48 -26.49 -16.67
C GLY B 93 -23.16 -27.79 -17.00
N ILE B 94 -22.68 -28.47 -18.04
CA ILE B 94 -23.26 -29.79 -18.44
C ILE B 94 -22.12 -30.71 -18.81
N ASN B 95 -22.40 -32.02 -18.84
CA ASN B 95 -21.36 -33.02 -19.20
C ASN B 95 -21.87 -33.87 -20.36
N ARG B 96 -20.95 -34.20 -21.27
CA ARG B 96 -21.18 -35.06 -22.46
C ARG B 96 -19.87 -35.83 -22.59
N ASP B 97 -19.51 -36.51 -21.51
CA ASP B 97 -18.27 -37.31 -21.36
C ASP B 97 -18.15 -38.36 -22.48
N ALA B 98 -16.91 -38.65 -22.86
CA ALA B 98 -16.56 -39.64 -23.90
C ALA B 98 -15.03 -39.63 -23.98
N LEU B 100 -11.44 -39.42 -25.88
CA LEU B 100 -10.95 -38.56 -26.95
C LEU B 100 -11.25 -39.13 -28.34
N HIS B 101 -11.00 -40.42 -28.55
CA HIS B 101 -11.21 -41.09 -29.86
C HIS B 101 -12.67 -41.43 -30.14
N LYS B 102 -13.62 -41.04 -29.28
CA LYS B 102 -15.05 -41.36 -29.50
C LYS B 102 -15.94 -40.11 -29.46
N LEU B 103 -15.49 -39.07 -28.76
CA LEU B 103 -16.29 -37.81 -28.60
C LEU B 103 -16.86 -37.35 -29.95
N THR B 104 -18.19 -37.24 -30.03
CA THR B 104 -18.85 -36.77 -31.27
C THR B 104 -18.67 -35.25 -31.36
N GLU B 105 -18.77 -34.69 -32.57
CA GLU B 105 -18.62 -33.23 -32.77
C GLU B 105 -19.77 -32.52 -32.02
N ALA B 106 -20.94 -33.17 -31.95
CA ALA B 106 -22.14 -32.61 -31.27
C ALA B 106 -21.90 -32.50 -29.76
N ASP B 107 -21.41 -33.57 -29.14
CA ASP B 107 -21.14 -33.58 -27.66
C ASP B 107 -20.05 -32.55 -27.36
N TRP B 108 -19.14 -32.30 -28.30
CA TRP B 108 -18.09 -31.27 -28.10
C TRP B 108 -18.74 -29.88 -28.12
N ASP B 109 -19.50 -29.60 -29.18
CA ASP B 109 -20.18 -28.28 -29.40
C ASP B 109 -21.08 -27.91 -28.22
N THR B 110 -21.98 -28.80 -27.78
CA THR B 110 -22.92 -28.46 -26.67
C THR B 110 -22.17 -28.14 -25.37
N VAL B 111 -21.12 -28.89 -25.04
CA VAL B 111 -20.37 -28.62 -23.77
C VAL B 111 -19.63 -27.28 -23.87
N ILE B 112 -18.99 -27.00 -25.00
CA ILE B 112 -18.23 -25.72 -25.16
C ILE B 112 -19.21 -24.54 -25.26
N ASP B 113 -20.34 -24.74 -25.93
CA ASP B 113 -21.36 -23.67 -26.12
C ASP B 113 -21.96 -23.24 -24.77
N VAL B 114 -22.18 -24.18 -23.85
CA VAL B 114 -22.79 -23.87 -22.53
C VAL B 114 -21.75 -23.52 -21.46
N ASN B 115 -20.78 -24.41 -21.22
CA ASN B 115 -19.76 -24.21 -20.15
C ASN B 115 -18.78 -23.06 -20.46
N LEU B 116 -18.31 -22.94 -21.71
CA LEU B 116 -17.30 -21.89 -22.01
C LEU B 116 -17.95 -20.62 -22.58
N LYS B 117 -18.59 -20.72 -23.75
CA LYS B 117 -19.22 -19.52 -24.37
C LYS B 117 -20.29 -18.96 -23.42
N GLY B 118 -21.06 -19.84 -22.77
CA GLY B 118 -22.09 -19.38 -21.83
C GLY B 118 -21.50 -18.51 -20.73
N THR B 119 -20.41 -19.00 -20.11
CA THR B 119 -19.72 -18.24 -19.04
C THR B 119 -19.24 -16.90 -19.60
N PHE B 120 -18.71 -16.92 -20.83
CA PHE B 120 -18.21 -15.68 -21.48
C PHE B 120 -19.33 -14.64 -21.61
N LEU B 121 -20.44 -15.01 -22.24
CA LEU B 121 -21.58 -14.07 -22.45
C LEU B 121 -22.02 -13.44 -21.13
N CYS B 122 -22.12 -14.22 -20.04
CA CYS B 122 -22.53 -13.67 -18.73
C CYS B 122 -21.46 -12.74 -18.16
N GLN B 124 -19.34 -11.02 -19.80
CA GLN B 124 -19.32 -9.82 -20.62
C GLN B 124 -20.39 -8.83 -20.14
N GLN B 125 -21.62 -9.30 -19.92
CA GLN B 125 -22.72 -8.42 -19.45
C GLN B 125 -22.38 -7.84 -18.07
N ALA B 126 -21.69 -8.62 -17.23
CA ALA B 126 -21.31 -8.16 -15.87
C ALA B 126 -20.21 -7.11 -15.98
N ALA B 127 -19.21 -7.37 -16.83
CA ALA B 127 -18.06 -6.45 -17.04
C ALA B 127 -18.56 -5.09 -17.54
N ILE B 128 -19.47 -5.10 -18.52
CA ILE B 128 -20.03 -3.85 -19.12
C ILE B 128 -20.68 -2.98 -18.04
N ARG B 129 -21.33 -3.59 -17.04
CA ARG B 129 -22.03 -2.86 -15.96
C ARG B 129 -21.13 -2.54 -14.77
N ARG B 131 -17.87 -2.25 -14.69
CA ARG B 131 -16.73 -1.38 -14.94
C ARG B 131 -17.16 0.08 -14.81
N GLU B 132 -18.43 0.42 -15.07
CA GLU B 132 -18.93 1.81 -14.96
C GLU B 132 -19.22 2.17 -13.49
N ARG B 133 -19.70 1.19 -12.71
CA ARG B 133 -20.05 1.39 -11.27
C ARG B 133 -18.78 1.40 -10.40
N GLY B 134 -17.71 0.74 -10.83
CA GLY B 134 -16.46 0.72 -10.06
C GLY B 134 -16.52 -0.23 -8.87
N ALA B 135 -17.31 -1.30 -9.00
CA ALA B 135 -17.45 -2.32 -7.92
C ALA B 135 -18.14 -3.55 -8.50
N GLY B 136 -17.85 -4.72 -7.95
CA GLY B 136 -18.50 -5.94 -8.45
C GLY B 136 -17.75 -7.20 -8.07
N ARG B 137 -18.42 -8.34 -8.25
CA ARG B 137 -17.86 -9.68 -7.94
C ARG B 137 -18.26 -10.68 -9.03
N ILE B 138 -17.27 -11.33 -9.63
CA ILE B 138 -17.52 -12.38 -10.65
C ILE B 138 -16.87 -13.65 -10.11
N ILE B 139 -17.69 -14.67 -9.86
CA ILE B 139 -17.20 -15.95 -9.30
C ILE B 139 -17.58 -17.06 -10.27
N ASN B 140 -16.58 -17.68 -10.91
CA ASN B 140 -16.80 -18.77 -11.89
C ASN B 140 -16.60 -20.12 -11.23
N ILE B 141 -17.55 -21.04 -11.40
CA ILE B 141 -17.37 -22.42 -10.87
C ILE B 141 -16.75 -23.29 -11.97
N ALA B 142 -15.45 -23.64 -11.83
CA ALA B 142 -14.76 -24.50 -12.82
C ALA B 142 -14.80 -25.95 -12.33
N SER B 143 -13.79 -26.79 -12.65
CA SER B 143 -13.86 -28.15 -12.07
C SER B 143 -12.49 -28.66 -11.70
N ALA B 144 -12.46 -29.64 -10.81
CA ALA B 144 -11.14 -30.28 -10.55
C ALA B 144 -10.62 -30.87 -11.87
N SER B 145 -11.50 -30.96 -12.87
CA SER B 145 -11.17 -31.52 -14.21
C SER B 145 -10.42 -30.51 -15.09
N TRP B 146 -10.19 -29.28 -14.61
CA TRP B 146 -9.52 -28.27 -15.48
C TRP B 146 -8.06 -28.68 -15.75
N LEU B 147 -7.46 -29.52 -14.88
CA LEU B 147 -6.07 -29.98 -15.07
C LEU B 147 -6.09 -31.44 -15.57
N GLY B 148 -7.15 -31.78 -16.31
CA GLY B 148 -7.31 -33.13 -16.90
C GLY B 148 -8.16 -34.07 -16.07
N ASN B 149 -8.86 -34.97 -16.78
CA ASN B 149 -9.73 -36.02 -16.19
C ASN B 149 -10.17 -36.95 -17.32
N VAL B 150 -9.96 -38.25 -17.16
CA VAL B 150 -10.31 -39.28 -18.19
C VAL B 150 -11.77 -39.13 -18.65
N GLY B 151 -12.00 -39.21 -19.96
CA GLY B 151 -13.34 -39.12 -20.56
C GLY B 151 -13.94 -37.72 -20.50
N GLN B 152 -13.12 -36.68 -20.34
CA GLN B 152 -13.68 -35.30 -20.27
C GLN B 152 -12.86 -34.30 -21.10
N THR B 153 -12.55 -34.66 -22.36
CA THR B 153 -11.78 -33.77 -23.25
C THR B 153 -12.51 -32.43 -23.39
N ASN B 154 -13.82 -32.49 -23.68
CA ASN B 154 -14.67 -31.29 -23.87
C ASN B 154 -14.89 -30.55 -22.54
N TYR B 155 -15.19 -31.28 -21.46
CA TYR B 155 -15.45 -30.64 -20.14
C TYR B 155 -14.16 -30.02 -19.58
N SER B 156 -13.04 -30.75 -19.64
CA SER B 156 -11.75 -30.21 -19.12
C SER B 156 -11.35 -28.98 -19.95
N ALA B 157 -11.65 -29.00 -21.25
CA ALA B 157 -11.32 -27.87 -22.14
C ALA B 157 -12.15 -26.64 -21.74
N SER B 158 -13.45 -26.84 -21.49
CA SER B 158 -14.35 -25.71 -21.13
C SER B 158 -14.01 -25.16 -19.73
N LYS B 159 -13.69 -26.02 -18.77
CA LYS B 159 -13.36 -25.55 -17.38
C LYS B 159 -11.97 -24.91 -17.35
N ALA B 160 -11.00 -25.47 -18.08
CA ALA B 160 -9.65 -24.85 -18.11
C ALA B 160 -9.80 -23.49 -18.79
N GLY B 161 -10.66 -23.41 -19.81
CA GLY B 161 -10.91 -22.15 -20.52
C GLY B 161 -11.51 -21.11 -19.57
N VAL B 162 -12.43 -21.55 -18.71
CA VAL B 162 -13.08 -20.64 -17.71
C VAL B 162 -11.99 -20.05 -16.81
N VAL B 163 -11.04 -20.88 -16.38
CA VAL B 163 -9.92 -20.44 -15.49
C VAL B 163 -9.08 -19.42 -16.27
N GLY B 164 -8.88 -19.64 -17.57
CA GLY B 164 -8.10 -18.71 -18.40
C GLY B 164 -8.77 -17.34 -18.49
N THR B 166 -11.00 -16.20 -16.31
CA THR B 166 -11.01 -15.67 -14.96
C THR B 166 -9.78 -14.78 -14.74
N LYS B 167 -8.59 -15.30 -15.03
CA LYS B 167 -7.32 -14.55 -14.84
C LYS B 167 -7.23 -13.38 -15.82
N THR B 168 -7.86 -13.48 -17.00
CA THR B 168 -7.82 -12.37 -17.98
C THR B 168 -8.71 -11.22 -17.48
N ALA B 169 -9.93 -11.55 -17.05
CA ALA B 169 -10.90 -10.53 -16.54
C ALA B 169 -10.31 -9.82 -15.32
N CYS B 170 -9.52 -10.55 -14.52
CA CYS B 170 -8.87 -9.99 -13.31
C CYS B 170 -7.96 -8.82 -13.70
N ARG B 171 -7.12 -9.03 -14.71
CA ARG B 171 -6.15 -8.03 -15.23
C ARG B 171 -6.85 -6.81 -15.85
N GLU B 172 -8.09 -6.98 -16.34
CA GLU B 172 -8.81 -5.87 -17.01
C GLU B 172 -9.81 -5.17 -16.08
N LEU B 173 -10.24 -5.81 -14.99
CA LEU B 173 -11.27 -5.19 -14.10
C LEU B 173 -10.76 -4.91 -12.69
N ALA B 174 -9.55 -5.35 -12.33
CA ALA B 174 -9.02 -5.10 -10.97
C ALA B 174 -9.00 -3.59 -10.67
N LYS B 175 -8.44 -2.79 -11.57
CA LYS B 175 -8.33 -1.31 -11.39
C LYS B 175 -9.72 -0.69 -11.25
N LYS B 176 -10.76 -1.35 -11.78
CA LYS B 176 -12.15 -0.83 -11.72
C LYS B 176 -12.81 -1.25 -10.40
N GLY B 177 -12.06 -1.89 -9.49
CA GLY B 177 -12.58 -2.35 -8.19
C GLY B 177 -13.44 -3.59 -8.29
N VAL B 178 -13.22 -4.40 -9.34
CA VAL B 178 -14.00 -5.65 -9.57
C VAL B 178 -13.06 -6.85 -9.37
N THR B 179 -13.50 -7.86 -8.62
CA THR B 179 -12.67 -9.08 -8.42
C THR B 179 -13.26 -10.20 -9.26
N VAL B 180 -12.40 -10.98 -9.91
CA VAL B 180 -12.82 -12.14 -10.75
C VAL B 180 -12.05 -13.36 -10.24
N ASN B 181 -12.76 -14.31 -9.65
CA ASN B 181 -12.12 -15.54 -9.08
C ASN B 181 -12.86 -16.79 -9.56
N ALA B 182 -12.19 -17.94 -9.47
CA ALA B 182 -12.76 -19.24 -9.89
C ALA B 182 -12.72 -20.21 -8.72
N ILE B 183 -13.73 -21.08 -8.67
CA ILE B 183 -13.85 -22.13 -7.61
C ILE B 183 -13.88 -23.48 -8.31
N CYS B 184 -13.05 -24.42 -7.85
CA CYS B 184 -12.99 -25.79 -8.43
C CYS B 184 -13.49 -26.79 -7.40
N PRO B 185 -14.79 -27.16 -7.44
CA PRO B 185 -15.34 -28.14 -6.50
C PRO B 185 -14.82 -29.54 -6.82
N GLY B 186 -14.49 -30.34 -5.80
CA GLY B 186 -14.02 -31.72 -6.02
C GLY B 186 -15.22 -32.63 -6.21
N PHE B 187 -15.35 -33.65 -5.36
N PHE B 187 -15.34 -33.67 -5.39
CA PHE B 187 -16.49 -34.60 -5.45
CA PHE B 187 -16.51 -34.58 -5.49
C PHE B 187 -17.55 -34.11 -4.45
C PHE B 187 -17.54 -34.10 -4.47
N ILE B 188 -18.65 -33.54 -4.97
CA ILE B 188 -19.74 -33.00 -4.11
C ILE B 188 -20.97 -33.90 -4.21
N ASP B 189 -21.60 -34.15 -3.07
CA ASP B 189 -22.83 -34.99 -2.96
C ASP B 189 -24.05 -34.14 -3.31
N THR B 190 -24.71 -34.45 -4.43
CA THR B 190 -25.93 -33.73 -4.89
C THR B 190 -26.87 -34.76 -5.55
N ASP B 191 -28.13 -34.40 -5.79
CA ASP B 191 -29.11 -35.33 -6.41
C ASP B 191 -28.66 -35.73 -7.81
N THR B 193 -25.55 -36.73 -8.36
CA THR B 193 -24.37 -37.56 -8.17
C THR B 193 -24.74 -38.88 -7.45
N ARG B 194 -25.90 -38.92 -6.78
CA ARG B 194 -26.35 -40.15 -6.06
C ARG B 194 -27.02 -41.12 -7.05
N GLY B 195 -26.51 -41.18 -8.28
CA GLY B 195 -27.05 -42.08 -9.32
C GLY B 195 -26.10 -43.24 -9.56
N VAL B 196 -24.81 -43.02 -9.29
CA VAL B 196 -23.76 -44.06 -9.49
C VAL B 196 -23.79 -45.03 -8.30
N PRO B 197 -23.37 -46.30 -8.48
CA PRO B 197 -23.36 -47.28 -7.40
C PRO B 197 -22.44 -46.86 -6.25
N GLU B 198 -22.62 -47.46 -5.07
CA GLU B 198 -21.79 -47.10 -3.88
C GLU B 198 -20.33 -47.54 -4.10
N ASN B 199 -20.11 -48.69 -4.76
CA ASN B 199 -18.72 -49.17 -4.99
C ASN B 199 -17.97 -48.11 -5.83
N VAL B 200 -18.71 -47.33 -6.63
CA VAL B 200 -18.12 -46.23 -7.46
C VAL B 200 -17.88 -45.03 -6.54
N TRP B 201 -18.82 -44.82 -5.61
CA TRP B 201 -18.77 -43.71 -4.63
C TRP B 201 -17.55 -43.91 -3.70
N GLN B 202 -17.34 -45.14 -3.22
CA GLN B 202 -16.20 -45.46 -2.31
C GLN B 202 -14.86 -45.13 -2.97
N ILE B 203 -14.69 -45.51 -4.24
CA ILE B 203 -13.42 -45.26 -5.01
C ILE B 203 -13.12 -43.77 -5.09
N VAL B 205 -14.28 -41.45 -3.10
CA VAL B 205 -14.05 -40.95 -1.76
C VAL B 205 -12.65 -41.30 -1.26
N SER B 206 -12.11 -42.48 -1.62
CA SER B 206 -10.75 -42.88 -1.17
C SER B 206 -9.69 -41.92 -1.72
N LYS B 207 -10.06 -41.09 -2.72
CA LYS B 207 -9.13 -40.09 -3.32
C LYS B 207 -9.23 -38.76 -2.57
N ILE B 208 -10.15 -38.65 -1.61
CA ILE B 208 -10.37 -37.39 -0.82
C ILE B 208 -9.69 -37.54 0.54
N PRO B 209 -8.56 -36.84 0.78
CA PRO B 209 -7.86 -36.92 2.07
C PRO B 209 -8.78 -36.62 3.27
N ALA B 210 -9.82 -35.81 3.07
CA ALA B 210 -10.77 -35.46 4.16
C ALA B 210 -11.55 -36.71 4.56
N GLY B 211 -11.74 -37.65 3.63
CA GLY B 211 -12.44 -38.92 3.90
C GLY B 211 -13.96 -38.85 3.69
N TYR B 212 -14.45 -37.78 3.06
CA TYR B 212 -15.93 -37.66 2.84
C TYR B 212 -16.20 -36.71 1.67
N ALA B 213 -17.30 -36.95 0.96
CA ALA B 213 -17.71 -36.11 -0.18
C ALA B 213 -18.25 -34.78 0.38
N GLY B 214 -18.01 -33.68 -0.33
CA GLY B 214 -18.48 -32.34 0.13
C GLY B 214 -19.97 -32.15 -0.13
N GLU B 215 -20.51 -31.01 0.34
CA GLU B 215 -21.94 -30.64 0.17
C GLU B 215 -22.01 -29.38 -0.69
N ALA B 216 -23.17 -29.11 -1.30
CA ALA B 216 -23.34 -27.91 -2.15
C ALA B 216 -23.02 -26.65 -1.35
N LYS B 217 -23.33 -26.64 -0.05
CA LYS B 217 -23.07 -25.46 0.82
C LYS B 217 -21.57 -25.29 1.06
N ASP B 218 -20.77 -26.35 0.98
CA ASP B 218 -19.30 -26.17 1.16
C ASP B 218 -18.79 -25.24 0.06
N VAL B 219 -19.39 -25.32 -1.13
CA VAL B 219 -18.99 -24.45 -2.28
C VAL B 219 -19.58 -23.05 -2.04
N GLY B 220 -20.82 -22.99 -1.56
CA GLY B 220 -21.52 -21.72 -1.29
C GLY B 220 -20.80 -20.87 -0.27
N GLU B 221 -20.25 -21.49 0.78
CA GLU B 221 -19.50 -20.77 1.84
C GLU B 221 -18.33 -20.02 1.21
N CYS B 222 -17.62 -20.67 0.29
CA CYS B 222 -16.46 -20.05 -0.39
C CYS B 222 -16.92 -18.92 -1.31
N VAL B 223 -18.08 -19.10 -1.97
CA VAL B 223 -18.64 -18.05 -2.87
C VAL B 223 -19.03 -16.83 -2.03
N ALA B 224 -19.70 -17.05 -0.90
CA ALA B 224 -20.13 -15.96 0.01
C ALA B 224 -18.92 -15.16 0.49
N PHE B 225 -17.81 -15.83 0.75
CA PHE B 225 -16.59 -15.10 1.21
C PHE B 225 -16.03 -14.24 0.07
N LEU B 226 -15.74 -14.86 -1.10
CA LEU B 226 -15.19 -14.10 -2.26
C LEU B 226 -16.12 -12.94 -2.65
N ALA B 227 -17.43 -13.10 -2.46
CA ALA B 227 -18.41 -12.06 -2.82
C ALA B 227 -18.47 -10.95 -1.77
N SER B 228 -17.84 -11.14 -0.61
CA SER B 228 -17.88 -10.11 0.47
C SER B 228 -16.87 -8.99 0.20
N ASP B 229 -17.05 -7.86 0.89
CA ASP B 229 -16.16 -6.68 0.77
C ASP B 229 -14.78 -7.03 1.35
N GLY B 230 -14.73 -8.02 2.26
CA GLY B 230 -13.47 -8.43 2.90
C GLY B 230 -12.54 -9.20 1.96
N ALA B 231 -13.06 -9.73 0.86
CA ALA B 231 -12.25 -10.50 -0.12
C ALA B 231 -11.93 -9.62 -1.34
N ARG B 232 -11.94 -8.30 -1.16
CA ARG B 232 -11.67 -7.34 -2.27
C ARG B 232 -10.22 -7.45 -2.77
N TYR B 233 -9.31 -8.04 -2.00
CA TYR B 233 -7.90 -8.07 -2.45
C TYR B 233 -7.56 -9.45 -3.05
N ILE B 234 -8.53 -10.37 -3.08
CA ILE B 234 -8.32 -11.71 -3.70
C ILE B 234 -8.82 -11.55 -5.13
N ASN B 235 -7.95 -11.76 -6.13
CA ASN B 235 -8.41 -11.53 -7.52
C ASN B 235 -7.61 -12.44 -8.46
N GLY B 236 -8.28 -13.08 -9.41
CA GLY B 236 -7.64 -13.99 -10.38
C GLY B 236 -7.19 -15.30 -9.73
N GLU B 237 -7.84 -15.70 -8.63
CA GLU B 237 -7.49 -16.95 -7.91
C GLU B 237 -8.39 -18.13 -8.26
N VAL B 238 -7.83 -19.32 -8.10
CA VAL B 238 -8.50 -20.63 -8.33
C VAL B 238 -8.46 -21.33 -6.97
N ILE B 239 -9.60 -21.35 -6.28
CA ILE B 239 -9.69 -21.98 -4.93
C ILE B 239 -10.35 -23.35 -5.05
N ASN B 240 -9.64 -24.41 -4.66
CA ASN B 240 -10.16 -25.79 -4.71
C ASN B 240 -11.00 -26.07 -3.45
N VAL B 241 -12.20 -26.62 -3.65
CA VAL B 241 -13.12 -27.00 -2.54
C VAL B 241 -13.38 -28.51 -2.72
N GLY B 242 -12.37 -29.32 -2.40
CA GLY B 242 -12.48 -30.79 -2.57
C GLY B 242 -11.78 -31.59 -1.49
N GLY B 243 -11.78 -31.10 -0.25
CA GLY B 243 -11.14 -31.82 0.88
C GLY B 243 -9.69 -32.19 0.62
N GLY B 244 -8.98 -31.39 -0.17
CA GLY B 244 -7.56 -31.61 -0.50
C GLY B 244 -7.34 -32.70 -1.55
N VAL B 246 -6.69 -34.34 -5.08
CA VAL B 246 -5.97 -34.03 -6.30
C VAL B 246 -6.50 -35.01 -7.36
N LEU B 247 -7.39 -34.52 -8.24
CA LEU B 247 -7.99 -35.37 -9.29
C LEU B 247 -6.90 -35.86 -10.25
N ALA C 3 -23.71 -15.04 15.11
CA ALA C 3 -23.26 -13.64 15.39
C ALA C 3 -21.77 -13.50 15.07
N LYS C 5 -18.52 -16.00 13.99
CA LYS C 5 -18.09 -17.31 13.51
C LYS C 5 -17.04 -17.98 14.40
N LEU C 6 -15.94 -17.29 14.73
CA LEU C 6 -14.86 -17.92 15.54
C LEU C 6 -15.12 -17.78 17.04
N ALA C 7 -16.37 -17.59 17.46
CA ALA C 7 -16.68 -17.47 18.90
C ALA C 7 -16.42 -18.82 19.58
N SER C 8 -15.79 -18.80 20.76
CA SER C 8 -15.47 -20.01 21.56
C SER C 8 -14.23 -20.74 20.98
N LYS C 9 -13.38 -20.04 20.23
CA LYS C 9 -12.15 -20.69 19.66
C LYS C 9 -10.89 -19.94 20.13
N THR C 10 -9.85 -20.70 20.47
CA THR C 10 -8.54 -20.15 20.92
C THR C 10 -7.59 -20.16 19.71
N ALA C 11 -6.88 -19.06 19.46
CA ALA C 11 -5.97 -19.01 18.30
C ALA C 11 -4.60 -18.44 18.66
N ILE C 12 -3.56 -19.02 18.07
CA ILE C 12 -2.14 -18.56 18.26
C ILE C 12 -1.70 -17.94 16.93
N VAL C 13 -1.28 -16.68 16.95
CA VAL C 13 -0.80 -15.98 15.72
C VAL C 13 0.65 -15.59 15.98
N THR C 14 1.60 -16.17 15.24
CA THR C 14 3.04 -15.86 15.41
C THR C 14 3.33 -14.52 14.72
N GLY C 15 4.21 -13.71 15.30
CA GLY C 15 4.56 -12.38 14.73
C GLY C 15 3.37 -11.46 14.65
N ALA C 16 2.45 -11.56 15.63
CA ALA C 16 1.22 -10.72 15.66
C ALA C 16 1.44 -9.42 16.42
N ALA C 17 2.70 -9.04 16.66
CA ALA C 17 2.99 -7.77 17.38
C ALA C 17 2.72 -6.56 16.49
N ARG C 18 2.95 -6.70 15.17
N ARG C 18 2.98 -6.70 15.18
CA ARG C 18 2.74 -5.58 14.22
CA ARG C 18 2.76 -5.58 14.21
C ARG C 18 2.47 -6.15 12.82
C ARG C 18 2.51 -6.15 12.81
N GLY C 19 2.31 -5.26 11.83
CA GLY C 19 2.07 -5.64 10.43
C GLY C 19 0.89 -6.58 10.21
N ILE C 20 1.06 -7.53 9.28
CA ILE C 20 0.02 -8.54 8.91
C ILE C 20 -0.43 -9.33 10.14
N GLY C 21 0.52 -9.78 10.96
CA GLY C 21 0.21 -10.57 12.17
C GLY C 21 -0.83 -9.89 13.04
N PHE C 22 -0.61 -8.62 13.38
CA PHE C 22 -1.57 -7.88 14.24
C PHE C 22 -2.90 -7.71 13.49
N GLY C 23 -2.84 -7.51 12.16
CA GLY C 23 -4.07 -7.38 11.36
C GLY C 23 -4.90 -8.65 11.46
N ILE C 24 -4.23 -9.81 11.41
CA ILE C 24 -4.88 -11.15 11.52
C ILE C 24 -5.46 -11.26 12.93
N ALA C 25 -4.70 -10.86 13.94
CA ALA C 25 -5.16 -10.92 15.35
C ALA C 25 -6.40 -10.06 15.53
N GLN C 26 -6.43 -8.88 14.91
CA GLN C 26 -7.60 -7.95 15.01
C GLN C 26 -8.86 -8.59 14.42
N VAL C 27 -8.77 -9.18 13.23
CA VAL C 27 -9.97 -9.82 12.58
C VAL C 27 -10.40 -11.05 13.38
N LEU C 28 -9.46 -11.90 13.80
CA LEU C 28 -9.82 -13.12 14.58
C LEU C 28 -10.54 -12.69 15.88
N ALA C 29 -10.06 -11.62 16.52
CA ALA C 29 -10.67 -11.10 17.77
C ALA C 29 -12.08 -10.57 17.45
N ARG C 30 -12.22 -9.87 16.32
CA ARG C 30 -13.53 -9.29 15.89
C ARG C 30 -14.57 -10.41 15.74
N GLU C 31 -14.10 -11.62 15.43
CA GLU C 31 -14.99 -12.81 15.23
C GLU C 31 -15.16 -13.56 16.55
N GLY C 32 -14.73 -12.97 17.67
CA GLY C 32 -14.88 -13.59 19.02
C GLY C 32 -13.87 -14.66 19.35
N ALA C 33 -12.71 -14.67 18.67
CA ALA C 33 -11.69 -15.69 18.96
C ALA C 33 -10.71 -15.20 20.03
N ARG C 34 -10.39 -16.05 21.00
CA ARG C 34 -9.39 -15.69 22.05
C ARG C 34 -8.04 -15.74 21.33
N VAL C 35 -7.32 -14.62 21.28
CA VAL C 35 -6.03 -14.58 20.52
C VAL C 35 -4.81 -14.61 21.45
N ILE C 36 -3.80 -15.37 21.02
CA ILE C 36 -2.48 -15.51 21.71
C ILE C 36 -1.46 -14.80 20.81
N ILE C 37 -1.02 -13.60 21.21
CA ILE C 37 -0.02 -12.83 20.40
C ILE C 37 1.35 -13.44 20.67
N ALA C 38 1.81 -14.32 19.78
CA ALA C 38 3.14 -14.97 19.93
C ALA C 38 4.15 -14.19 19.09
N ASP C 39 5.17 -13.61 19.73
CA ASP C 39 6.19 -12.84 18.97
C ASP C 39 7.45 -12.72 19.82
N ARG C 40 8.59 -12.48 19.16
CA ARG C 40 9.88 -12.34 19.87
C ARG C 40 10.09 -10.89 20.34
N ASP C 41 9.23 -9.97 19.91
CA ASP C 41 9.36 -8.54 20.31
C ASP C 41 8.36 -8.24 21.45
N ALA C 42 8.82 -7.52 22.47
CA ALA C 42 8.00 -7.15 23.64
C ALA C 42 6.84 -6.24 23.23
N HIS C 43 6.86 -5.71 22.01
CA HIS C 43 5.76 -4.82 21.55
C HIS C 43 4.46 -5.65 21.45
N GLY C 44 4.58 -6.98 21.47
CA GLY C 44 3.40 -7.86 21.40
C GLY C 44 2.53 -7.67 22.64
N GLU C 45 3.15 -7.26 23.75
CA GLU C 45 2.41 -7.02 25.02
C GLU C 45 1.51 -5.80 24.81
N ALA C 46 1.94 -4.85 23.97
CA ALA C 46 1.15 -3.64 23.66
C ALA C 46 0.03 -4.03 22.70
N ALA C 47 0.32 -4.96 21.79
CA ALA C 47 -0.66 -5.44 20.78
C ALA C 47 -1.78 -6.20 21.51
N ALA C 48 -1.42 -7.07 22.46
CA ALA C 48 -2.41 -7.85 23.23
C ALA C 48 -3.27 -6.90 24.07
N ALA C 49 -2.66 -5.90 24.68
CA ALA C 49 -3.39 -4.90 25.51
C ALA C 49 -4.35 -4.10 24.62
N SER C 50 -3.94 -3.83 23.38
CA SER C 50 -4.79 -3.07 22.43
C SER C 50 -6.02 -3.90 22.06
N LEU C 51 -5.89 -5.24 22.07
CA LEU C 51 -7.03 -6.13 21.74
C LEU C 51 -7.93 -6.26 22.97
N ARG C 52 -7.35 -6.31 24.18
CA ARG C 52 -8.16 -6.43 25.42
C ARG C 52 -8.95 -5.13 25.64
N GLU C 53 -8.35 -3.98 25.31
CA GLU C 53 -9.02 -2.66 25.47
C GLU C 53 -10.17 -2.53 24.45
N SER C 54 -10.16 -3.36 23.40
CA SER C 54 -11.24 -3.31 22.38
C SER C 54 -12.41 -4.24 22.78
N GLY C 55 -12.27 -4.92 23.92
CA GLY C 55 -13.31 -5.83 24.44
C GLY C 55 -13.01 -7.31 24.17
N ALA C 56 -11.94 -7.60 23.45
CA ALA C 56 -11.58 -9.01 23.12
C ALA C 56 -10.62 -9.58 24.17
N GLN C 57 -10.42 -10.91 24.15
CA GLN C 57 -9.49 -11.59 25.10
C GLN C 57 -8.17 -11.83 24.37
N ALA C 58 -7.07 -11.30 24.89
CA ALA C 58 -5.74 -11.47 24.24
C ALA C 58 -4.64 -11.63 25.28
N LEU C 59 -3.62 -12.42 24.95
CA LEU C 59 -2.46 -12.68 25.85
C LEU C 59 -1.17 -12.74 25.02
N PHE C 60 -0.14 -12.02 25.46
CA PHE C 60 1.18 -12.02 24.78
C PHE C 60 2.09 -13.06 25.43
N ILE C 61 2.86 -13.78 24.61
CA ILE C 61 3.81 -14.82 25.09
C ILE C 61 5.12 -14.66 24.33
N SER C 62 6.17 -14.16 25.00
CA SER C 62 7.48 -13.98 24.33
C SER C 62 7.90 -15.33 23.73
N CYS C 63 8.34 -15.34 22.48
CA CYS C 63 8.71 -16.65 21.87
C CYS C 63 9.50 -16.49 20.57
N ASN C 64 10.59 -17.27 20.45
CA ASN C 64 11.43 -17.30 19.23
C ASN C 64 11.11 -18.66 18.58
N ILE C 65 10.24 -18.65 17.57
CA ILE C 65 9.79 -19.90 16.88
C ILE C 65 10.99 -20.74 16.40
N ALA C 66 12.17 -20.13 16.23
CA ALA C 66 13.36 -20.89 15.77
C ALA C 66 13.80 -21.90 16.84
N GLU C 67 13.52 -21.62 18.11
CA GLU C 67 13.90 -22.53 19.24
C GLU C 67 12.71 -23.41 19.61
N LYS C 68 12.89 -24.74 19.57
CA LYS C 68 11.80 -25.71 19.86
C LYS C 68 11.36 -25.60 21.33
N THR C 69 12.29 -25.54 22.28
CA THR C 69 11.91 -25.45 23.72
C THR C 69 11.00 -24.25 23.96
N GLN C 70 11.22 -23.15 23.23
CA GLN C 70 10.38 -21.92 23.40
C GLN C 70 9.03 -22.13 22.69
N VAL C 71 9.00 -22.96 21.64
CA VAL C 71 7.72 -23.24 20.91
C VAL C 71 6.88 -24.18 21.79
N GLU C 72 7.53 -25.14 22.44
CA GLU C 72 6.82 -26.09 23.35
C GLU C 72 6.20 -25.30 24.50
N ALA C 73 6.94 -24.35 25.06
CA ALA C 73 6.48 -23.49 26.18
C ALA C 73 5.32 -22.60 25.73
N LEU C 74 5.32 -22.17 24.47
CA LEU C 74 4.25 -21.30 23.92
C LEU C 74 2.90 -22.01 24.00
N PHE C 75 2.80 -23.21 23.42
CA PHE C 75 1.55 -24.02 23.42
C PHE C 75 1.14 -24.38 24.85
N SER C 76 2.08 -24.76 25.71
CA SER C 76 1.74 -25.12 27.12
C SER C 76 1.06 -23.94 27.81
N GLN C 77 1.70 -22.76 27.78
CA GLN C 77 1.16 -21.52 28.41
C GLN C 77 -0.14 -21.08 27.72
N ALA C 78 -0.25 -21.30 26.42
CA ALA C 78 -1.46 -20.89 25.66
C ALA C 78 -2.67 -21.72 26.09
N GLU C 79 -2.48 -23.03 26.30
CA GLU C 79 -3.60 -23.94 26.69
C GLU C 79 -4.01 -23.75 28.16
N GLU C 80 -3.05 -23.49 29.05
N GLU C 80 -3.04 -23.48 29.03
CA GLU C 80 -3.42 -23.28 30.48
CA GLU C 80 -3.35 -23.27 30.48
C GLU C 80 -4.13 -21.93 30.60
C GLU C 80 -4.04 -21.92 30.63
N ALA C 81 -3.85 -21.02 29.66
CA ALA C 81 -4.46 -19.66 29.68
C ALA C 81 -5.88 -19.69 29.07
N PHE C 82 -6.01 -19.91 27.76
CA PHE C 82 -7.35 -19.92 27.11
C PHE C 82 -7.82 -21.32 26.68
N GLY C 83 -7.22 -22.39 27.19
CA GLY C 83 -7.67 -23.75 26.81
C GLY C 83 -7.11 -24.21 25.47
N PRO C 84 -7.60 -25.37 24.96
CA PRO C 84 -7.14 -25.93 23.69
C PRO C 84 -7.00 -24.96 22.51
N VAL C 85 -5.90 -25.09 21.75
CA VAL C 85 -5.59 -24.24 20.56
C VAL C 85 -6.31 -24.83 19.34
N ASP C 86 -7.36 -24.18 18.87
CA ASP C 86 -8.15 -24.66 17.70
C ASP C 86 -7.59 -24.06 16.40
N ILE C 87 -6.84 -22.96 16.50
CA ILE C 87 -6.30 -22.26 15.30
C ILE C 87 -4.84 -21.85 15.50
N LEU C 88 -4.00 -22.12 14.49
CA LEU C 88 -2.57 -21.73 14.50
C LEU C 88 -2.27 -20.94 13.22
N VAL C 89 -1.75 -19.72 13.37
CA VAL C 89 -1.43 -18.88 12.18
C VAL C 89 0.08 -18.61 12.19
N ASN C 90 0.81 -19.31 11.30
CA ASN C 90 2.28 -19.16 11.16
C ASN C 90 2.54 -17.95 10.26
N ASN C 91 2.69 -16.78 10.88
CA ASN C 91 2.93 -15.49 10.18
C ASN C 91 4.38 -15.04 10.36
N ALA C 92 4.95 -15.27 11.54
CA ALA C 92 6.34 -14.87 11.86
C ALA C 92 7.28 -15.17 10.69
N GLY C 93 8.01 -14.14 10.23
CA GLY C 93 8.95 -14.29 9.11
C GLY C 93 9.93 -13.13 9.03
N ILE C 94 11.11 -13.36 8.45
CA ILE C 94 12.16 -12.30 8.33
C ILE C 94 12.69 -12.27 6.89
N ASN C 95 13.44 -11.20 6.58
CA ASN C 95 14.06 -10.97 5.25
C ASN C 95 15.53 -10.61 5.44
N ARG C 96 16.40 -11.24 4.65
CA ARG C 96 17.87 -11.02 4.61
C ARG C 96 18.22 -11.12 3.12
N ASP C 97 17.56 -10.28 2.32
CA ASP C 97 17.72 -10.24 0.84
C ASP C 97 19.17 -10.00 0.44
N ALA C 98 19.56 -10.61 -0.69
CA ALA C 98 20.92 -10.53 -1.27
C ALA C 98 20.95 -11.35 -2.56
N LEU C 100 22.15 -14.01 -5.31
CA LEU C 100 22.64 -15.37 -5.16
C LEU C 100 24.16 -15.40 -5.01
N HIS C 101 24.88 -14.62 -5.81
CA HIS C 101 26.38 -14.60 -5.77
C HIS C 101 26.92 -13.85 -4.54
N LYS C 102 26.07 -13.21 -3.74
CA LYS C 102 26.58 -12.47 -2.55
C LYS C 102 25.89 -12.91 -1.24
N LEU C 103 24.78 -13.64 -1.33
CA LEU C 103 24.08 -14.06 -0.07
C LEU C 103 25.07 -14.77 0.85
N THR C 104 25.25 -14.23 2.07
CA THR C 104 26.19 -14.83 3.06
C THR C 104 25.57 -16.09 3.67
N GLU C 105 26.41 -16.97 4.21
CA GLU C 105 25.94 -18.24 4.83
C GLU C 105 25.13 -17.88 6.09
N ALA C 106 25.49 -16.78 6.76
CA ALA C 106 24.78 -16.33 7.98
C ALA C 106 23.37 -15.89 7.62
N ASP C 107 23.22 -15.07 6.57
CA ASP C 107 21.89 -14.57 6.12
C ASP C 107 21.06 -15.76 5.62
N TRP C 108 21.71 -16.80 5.12
CA TRP C 108 20.97 -18.00 4.65
C TRP C 108 20.40 -18.74 5.86
N ASP C 109 21.27 -19.13 6.79
CA ASP C 109 20.89 -19.88 8.01
C ASP C 109 19.76 -19.19 8.78
N THR C 110 19.91 -17.91 9.09
CA THR C 110 18.91 -17.14 9.87
C THR C 110 17.53 -17.14 9.20
N VAL C 111 17.44 -16.91 7.88
CA VAL C 111 16.12 -16.89 7.19
C VAL C 111 15.51 -18.30 7.16
N ILE C 112 16.31 -19.32 6.86
CA ILE C 112 15.81 -20.74 6.81
C ILE C 112 15.43 -21.21 8.22
N ASP C 113 16.20 -20.82 9.24
CA ASP C 113 15.93 -21.27 10.63
C ASP C 113 14.62 -20.65 11.15
N VAL C 114 14.29 -19.42 10.74
CA VAL C 114 13.05 -18.75 11.23
C VAL C 114 11.84 -19.06 10.34
N ASN C 115 11.87 -18.63 9.08
CA ASN C 115 10.74 -18.82 8.12
C ASN C 115 10.42 -20.29 7.84
N LEU C 116 11.42 -21.18 7.78
CA LEU C 116 11.12 -22.60 7.44
C LEU C 116 11.11 -23.49 8.70
N LYS C 117 12.24 -23.61 9.41
CA LYS C 117 12.28 -24.48 10.62
C LYS C 117 11.30 -23.97 11.68
N GLY C 118 11.21 -22.64 11.85
CA GLY C 118 10.30 -22.05 12.83
C GLY C 118 8.85 -22.39 12.52
N THR C 119 8.47 -22.29 11.23
CA THR C 119 7.09 -22.62 10.80
C THR C 119 6.84 -24.11 11.08
N PHE C 120 7.87 -24.96 10.89
CA PHE C 120 7.77 -26.42 11.14
C PHE C 120 7.54 -26.71 12.62
N LEU C 121 8.41 -26.19 13.50
CA LEU C 121 8.30 -26.43 14.96
C LEU C 121 6.89 -26.07 15.46
N CYS C 122 6.28 -25.00 14.95
CA CYS C 122 4.91 -24.60 15.38
C CYS C 122 3.87 -25.57 14.83
N GLN C 124 4.27 -28.59 14.07
CA GLN C 124 4.45 -29.87 14.75
C GLN C 124 3.67 -29.88 16.06
N GLN C 125 3.75 -28.79 16.85
CA GLN C 125 3.03 -28.72 18.15
C GLN C 125 1.52 -28.72 17.90
N ALA C 126 1.07 -28.07 16.82
CA ALA C 126 -0.37 -28.03 16.50
C ALA C 126 -0.83 -29.43 16.07
N ALA C 127 0.00 -30.13 15.28
CA ALA C 127 -0.31 -31.49 14.78
C ALA C 127 -0.47 -32.48 15.95
N ILE C 128 0.50 -32.49 16.86
CA ILE C 128 0.47 -33.42 18.05
C ILE C 128 -0.88 -33.31 18.78
N ARG C 129 -1.40 -32.09 18.94
CA ARG C 129 -2.66 -31.82 19.67
C ARG C 129 -3.92 -31.99 18.82
N ARG C 131 -4.41 -33.66 15.95
CA ARG C 131 -4.72 -34.98 15.41
C ARG C 131 -5.41 -35.86 16.47
N GLU C 132 -5.30 -35.50 17.75
CA GLU C 132 -5.94 -36.28 18.85
C GLU C 132 -7.33 -35.72 19.15
N ARG C 133 -7.50 -34.40 19.05
CA ARG C 133 -8.78 -33.68 19.31
C ARG C 133 -9.72 -33.83 18.11
N GLY C 134 -9.22 -34.33 16.98
CA GLY C 134 -10.03 -34.54 15.77
C GLY C 134 -10.57 -33.24 15.17
N ALA C 135 -9.86 -32.13 15.38
CA ALA C 135 -10.30 -30.82 14.83
C ALA C 135 -9.13 -29.84 14.91
N GLY C 136 -9.08 -28.88 13.98
CA GLY C 136 -7.99 -27.90 13.98
C GLY C 136 -7.92 -27.07 12.72
N ARG C 137 -7.10 -26.02 12.76
CA ARG C 137 -6.88 -25.07 11.65
C ARG C 137 -5.43 -24.59 11.70
N ILE C 138 -4.70 -24.79 10.60
CA ILE C 138 -3.28 -24.34 10.49
C ILE C 138 -3.22 -23.47 9.23
N ILE C 139 -2.93 -22.18 9.41
CA ILE C 139 -2.87 -21.23 8.26
C ILE C 139 -1.45 -20.65 8.21
N ASN C 140 -0.71 -20.99 7.17
CA ASN C 140 0.69 -20.54 7.05
C ASN C 140 0.76 -19.35 6.09
N ILE C 141 1.44 -18.29 6.53
CA ILE C 141 1.64 -17.11 5.64
C ILE C 141 2.91 -17.34 4.81
N ALA C 142 2.77 -17.55 3.50
CA ALA C 142 3.94 -17.73 2.61
C ALA C 142 4.20 -16.41 1.88
N SER C 143 4.79 -16.44 0.66
CA SER C 143 4.92 -15.14 -0.03
C SER C 143 4.67 -15.34 -1.52
N ALA C 144 4.27 -14.27 -2.21
CA ALA C 144 4.15 -14.44 -3.68
C ALA C 144 5.54 -14.78 -4.24
N SER C 145 6.58 -14.60 -3.40
CA SER C 145 7.98 -14.89 -3.79
C SER C 145 8.27 -16.40 -3.76
N TRP C 146 7.28 -17.23 -3.42
CA TRP C 146 7.55 -18.70 -3.37
C TRP C 146 7.84 -19.22 -4.79
N LEU C 147 7.46 -18.44 -5.80
CA LEU C 147 7.70 -18.81 -7.23
C LEU C 147 8.83 -17.96 -7.82
N GLY C 148 9.74 -17.47 -6.97
CA GLY C 148 10.89 -16.67 -7.40
C GLY C 148 10.72 -15.16 -7.25
N ASN C 149 11.81 -14.47 -6.94
CA ASN C 149 11.84 -12.99 -6.77
C ASN C 149 13.31 -12.56 -6.63
N VAL C 150 13.75 -11.63 -7.47
CA VAL C 150 15.15 -11.12 -7.47
C VAL C 150 15.61 -10.79 -6.04
N GLY C 151 16.83 -11.23 -5.69
CA GLY C 151 17.46 -10.98 -4.38
C GLY C 151 16.83 -11.75 -3.22
N GLN C 152 15.96 -12.73 -3.49
CA GLN C 152 15.32 -13.49 -2.38
C GLN C 152 15.58 -15.00 -2.53
N THR C 153 16.83 -15.40 -2.72
CA THR C 153 17.18 -16.84 -2.84
C THR C 153 16.82 -17.57 -1.55
N ASN C 154 17.14 -16.96 -0.40
CA ASN C 154 16.87 -17.56 0.93
C ASN C 154 15.39 -17.42 1.30
N TYR C 155 14.76 -16.28 0.98
CA TYR C 155 13.34 -16.03 1.33
C TYR C 155 12.42 -16.89 0.46
N SER C 156 12.68 -16.92 -0.86
CA SER C 156 11.84 -17.74 -1.78
C SER C 156 11.92 -19.20 -1.37
N ALA C 157 13.14 -19.68 -1.07
CA ALA C 157 13.36 -21.09 -0.65
C ALA C 157 12.56 -21.38 0.63
N SER C 158 12.58 -20.46 1.59
CA SER C 158 11.86 -20.66 2.88
C SER C 158 10.34 -20.64 2.67
N LYS C 159 9.84 -19.68 1.89
CA LYS C 159 8.38 -19.56 1.64
C LYS C 159 7.92 -20.72 0.74
N ALA C 160 8.73 -21.12 -0.23
CA ALA C 160 8.35 -22.27 -1.09
C ALA C 160 8.31 -23.53 -0.22
N GLY C 161 9.24 -23.62 0.75
CA GLY C 161 9.30 -24.75 1.68
C GLY C 161 8.04 -24.83 2.53
N VAL C 162 7.50 -23.67 2.93
CA VAL C 162 6.27 -23.62 3.75
C VAL C 162 5.09 -24.16 2.91
N VAL C 163 5.05 -23.80 1.62
CA VAL C 163 3.94 -24.30 0.73
C VAL C 163 4.05 -25.82 0.62
N GLY C 164 5.27 -26.34 0.47
CA GLY C 164 5.48 -27.80 0.37
C GLY C 164 5.00 -28.52 1.62
N THR C 166 2.77 -27.28 3.74
CA THR C 166 1.34 -27.07 3.84
C THR C 166 0.60 -28.23 3.17
N LYS C 167 1.08 -28.64 1.99
CA LYS C 167 0.47 -29.76 1.22
C LYS C 167 0.77 -31.10 1.90
N THR C 168 1.96 -31.27 2.51
CA THR C 168 2.29 -32.54 3.21
C THR C 168 1.36 -32.70 4.42
N ALA C 169 1.23 -31.64 5.23
CA ALA C 169 0.38 -31.65 6.44
C ALA C 169 -1.07 -31.96 6.05
N CYS C 170 -1.56 -31.34 4.97
CA CYS C 170 -2.93 -31.56 4.47
C CYS C 170 -3.19 -33.06 4.29
N ARG C 171 -2.29 -33.75 3.58
CA ARG C 171 -2.40 -35.21 3.31
C ARG C 171 -2.34 -36.03 4.60
N GLU C 172 -1.61 -35.55 5.63
CA GLU C 172 -1.49 -36.33 6.90
C GLU C 172 -2.58 -35.99 7.92
N LEU C 173 -3.17 -34.80 7.87
CA LEU C 173 -4.17 -34.39 8.91
C LEU C 173 -5.58 -34.18 8.37
N ALA C 174 -5.80 -34.25 7.05
CA ALA C 174 -7.15 -34.04 6.49
C ALA C 174 -8.15 -35.07 7.06
N LYS C 175 -7.75 -36.33 7.17
CA LYS C 175 -8.66 -37.40 7.67
C LYS C 175 -8.94 -37.22 9.17
N LYS C 176 -8.19 -36.33 9.84
CA LYS C 176 -8.39 -36.08 11.30
C LYS C 176 -9.34 -34.90 11.50
N GLY C 177 -9.84 -34.29 10.41
CA GLY C 177 -10.76 -33.14 10.50
C GLY C 177 -10.01 -31.82 10.64
N VAL C 178 -8.72 -31.81 10.30
CA VAL C 178 -7.85 -30.61 10.39
C VAL C 178 -7.59 -30.08 8.97
N THR C 179 -7.61 -28.76 8.79
CA THR C 179 -7.32 -28.18 7.44
C THR C 179 -6.00 -27.40 7.53
N VAL C 180 -5.10 -27.63 6.58
CA VAL C 180 -3.79 -26.93 6.53
C VAL C 180 -3.77 -26.17 5.20
N ASN C 181 -3.86 -24.84 5.28
CA ASN C 181 -3.88 -23.97 4.09
C ASN C 181 -2.79 -22.91 4.20
N ALA C 182 -2.40 -22.35 3.06
CA ALA C 182 -1.36 -21.29 3.02
C ALA C 182 -1.91 -20.05 2.31
N ILE C 183 -1.49 -18.88 2.77
CA ILE C 183 -1.89 -17.56 2.19
C ILE C 183 -0.61 -16.89 1.67
N CYS C 184 -0.60 -16.49 0.39
CA CYS C 184 0.56 -15.79 -0.21
C CYS C 184 0.22 -14.31 -0.36
N PRO C 185 0.53 -13.46 0.65
CA PRO C 185 0.25 -12.04 0.54
C PRO C 185 1.11 -11.46 -0.59
N GLY C 186 0.55 -10.52 -1.36
CA GLY C 186 1.32 -9.90 -2.45
C GLY C 186 2.20 -8.81 -1.88
N PHE C 187 1.71 -7.58 -1.89
CA PHE C 187 2.46 -6.42 -1.34
C PHE C 187 1.51 -5.72 -0.37
N ILE C 188 1.75 -5.91 0.94
CA ILE C 188 0.88 -5.32 2.01
C ILE C 188 1.59 -4.13 2.66
N ASP C 189 0.82 -3.07 2.93
CA ASP C 189 1.32 -1.83 3.58
C ASP C 189 1.59 -2.12 5.06
N THR C 190 2.86 -2.15 5.46
CA THR C 190 3.29 -2.42 6.86
C THR C 190 4.53 -1.57 7.16
N ASP C 191 5.12 -1.73 8.35
CA ASP C 191 6.34 -0.97 8.72
C ASP C 191 7.53 -1.44 7.88
N THR C 193 7.46 -2.84 4.79
CA THR C 193 7.30 -2.40 3.42
C THR C 193 7.46 -0.87 3.29
N ARG C 194 7.05 -0.10 4.31
CA ARG C 194 7.19 1.38 4.25
C ARG C 194 8.67 1.78 4.47
N GLY C 195 9.52 0.83 4.84
CA GLY C 195 10.95 1.10 5.10
C GLY C 195 11.82 1.03 3.85
N VAL C 196 11.25 0.61 2.70
CA VAL C 196 12.05 0.52 1.45
C VAL C 196 12.01 1.88 0.74
N PRO C 197 12.95 2.17 -0.18
CA PRO C 197 12.96 3.45 -0.90
C PRO C 197 11.63 3.72 -1.63
N GLU C 198 11.36 4.99 -1.94
CA GLU C 198 10.11 5.41 -2.62
C GLU C 198 10.00 4.84 -4.04
N ASN C 199 11.10 4.78 -4.80
CA ASN C 199 11.01 4.24 -6.19
C ASN C 199 10.63 2.75 -6.15
N VAL C 200 11.16 2.01 -5.17
CA VAL C 200 10.84 0.55 -5.04
C VAL C 200 9.35 0.39 -4.73
N TRP C 201 8.82 1.26 -3.86
CA TRP C 201 7.38 1.22 -3.49
C TRP C 201 6.51 1.36 -4.75
N GLN C 202 6.79 2.38 -5.57
CA GLN C 202 6.02 2.64 -6.83
C GLN C 202 6.18 1.48 -7.82
N ILE C 203 7.39 0.90 -7.92
CA ILE C 203 7.62 -0.24 -8.86
C ILE C 203 6.78 -1.45 -8.42
N VAL C 205 4.02 -1.35 -6.44
CA VAL C 205 2.60 -1.02 -6.53
C VAL C 205 2.16 -0.99 -8.00
N SER C 206 3.07 -0.67 -8.93
CA SER C 206 2.72 -0.61 -10.37
C SER C 206 2.44 -2.02 -10.91
N LYS C 207 2.82 -3.07 -10.16
CA LYS C 207 2.58 -4.47 -10.59
C LYS C 207 1.22 -4.96 -10.09
N ILE C 208 0.61 -4.27 -9.11
CA ILE C 208 -0.69 -4.69 -8.53
C ILE C 208 -1.82 -4.20 -9.43
N PRO C 209 -2.54 -5.11 -10.13
CA PRO C 209 -3.66 -4.71 -10.99
C PRO C 209 -4.73 -3.89 -10.25
N ALA C 210 -4.90 -4.15 -8.95
CA ALA C 210 -5.89 -3.42 -8.13
C ALA C 210 -5.50 -1.93 -8.02
N GLY C 211 -4.20 -1.64 -8.17
CA GLY C 211 -3.67 -0.26 -8.13
C GLY C 211 -3.29 0.22 -6.73
N TYR C 212 -3.15 -0.67 -5.76
CA TYR C 212 -2.78 -0.22 -4.38
C TYR C 212 -2.26 -1.37 -3.52
N ALA C 213 -1.41 -1.05 -2.54
CA ALA C 213 -0.87 -2.06 -1.61
C ALA C 213 -2.00 -2.44 -0.64
N GLY C 214 -2.18 -3.73 -0.39
CA GLY C 214 -3.24 -4.19 0.51
C GLY C 214 -3.02 -3.78 1.96
N GLU C 215 -4.04 -3.97 2.79
CA GLU C 215 -3.98 -3.65 4.24
C GLU C 215 -3.75 -4.97 5.00
N ALA C 216 -3.32 -4.90 6.26
CA ALA C 216 -3.07 -6.11 7.07
C ALA C 216 -4.38 -6.90 7.24
N LYS C 217 -5.51 -6.18 7.43
CA LYS C 217 -6.83 -6.84 7.64
C LYS C 217 -7.27 -7.60 6.38
N ASP C 218 -6.76 -7.25 5.19
CA ASP C 218 -7.14 -7.98 3.96
C ASP C 218 -6.68 -9.44 4.10
N VAL C 219 -5.49 -9.64 4.68
CA VAL C 219 -4.95 -11.01 4.89
C VAL C 219 -5.75 -11.66 6.03
N GLY C 220 -6.05 -10.88 7.06
CA GLY C 220 -6.82 -11.36 8.23
C GLY C 220 -8.22 -11.83 7.86
N GLU C 221 -8.85 -11.16 6.88
CA GLU C 221 -10.22 -11.53 6.42
C GLU C 221 -10.18 -12.93 5.81
N CYS C 222 -9.12 -13.24 5.08
CA CYS C 222 -8.95 -14.57 4.43
C CYS C 222 -8.65 -15.63 5.49
N VAL C 223 -7.88 -15.25 6.53
CA VAL C 223 -7.53 -16.17 7.64
C VAL C 223 -8.80 -16.48 8.43
N ALA C 224 -9.61 -15.46 8.70
CA ALA C 224 -10.88 -15.62 9.45
C ALA C 224 -11.80 -16.61 8.73
N PHE C 225 -11.80 -16.58 7.40
CA PHE C 225 -12.64 -17.51 6.60
C PHE C 225 -12.09 -18.93 6.71
N LEU C 226 -10.81 -19.13 6.39
CA LEU C 226 -10.19 -20.48 6.45
C LEU C 226 -10.32 -21.07 7.87
N ALA C 227 -10.33 -20.22 8.90
CA ALA C 227 -10.44 -20.69 10.30
C ALA C 227 -11.87 -21.09 10.67
N SER C 228 -12.87 -20.65 9.88
CA SER C 228 -14.29 -20.96 10.19
C SER C 228 -14.64 -22.40 9.78
N ASP C 229 -15.81 -22.88 10.23
CA ASP C 229 -16.31 -24.24 9.90
C ASP C 229 -16.74 -24.25 8.43
N GLY C 230 -17.12 -23.09 7.89
CA GLY C 230 -17.55 -22.98 6.49
C GLY C 230 -16.43 -23.34 5.51
N ALA C 231 -15.17 -23.25 5.94
CA ALA C 231 -14.02 -23.56 5.06
C ALA C 231 -13.44 -24.94 5.44
N ARG C 232 -14.29 -25.82 5.98
CA ARG C 232 -13.84 -27.18 6.40
C ARG C 232 -13.49 -28.03 5.18
N TYR C 233 -13.89 -27.63 3.97
CA TYR C 233 -13.61 -28.50 2.79
C TYR C 233 -12.52 -27.87 1.90
N ILE C 234 -11.82 -26.85 2.43
CA ILE C 234 -10.69 -26.21 1.71
C ILE C 234 -9.44 -26.71 2.43
N ASN C 235 -8.58 -27.45 1.74
CA ASN C 235 -7.40 -28.01 2.45
C ASN C 235 -6.24 -28.15 1.46
N GLY C 236 -5.03 -27.76 1.88
CA GLY C 236 -3.83 -27.86 1.03
C GLY C 236 -3.78 -26.78 -0.04
N GLU C 237 -4.64 -25.76 0.06
CA GLU C 237 -4.66 -24.66 -0.94
C GLU C 237 -3.68 -23.53 -0.61
N VAL C 238 -3.29 -22.83 -1.68
CA VAL C 238 -2.39 -21.65 -1.66
C VAL C 238 -3.24 -20.50 -2.19
N ILE C 239 -3.72 -19.63 -1.29
CA ILE C 239 -4.59 -18.49 -1.71
C ILE C 239 -3.74 -17.20 -1.77
N ASN C 240 -3.76 -16.53 -2.92
CA ASN C 240 -3.01 -15.27 -3.11
C ASN C 240 -3.90 -14.10 -2.68
N VAL C 241 -3.34 -13.25 -1.82
CA VAL C 241 -3.99 -12.01 -1.31
C VAL C 241 -3.03 -10.88 -1.71
N GLY C 242 -2.99 -10.58 -3.02
CA GLY C 242 -2.10 -9.54 -3.58
C GLY C 242 -2.76 -8.67 -4.62
N GLY C 243 -4.10 -8.58 -4.60
CA GLY C 243 -4.85 -7.75 -5.56
C GLY C 243 -4.66 -8.19 -7.01
N GLY C 244 -4.36 -9.47 -7.22
CA GLY C 244 -4.16 -10.03 -8.58
C GLY C 244 -2.74 -9.88 -9.10
N VAL C 246 0.96 -10.62 -10.10
CA VAL C 246 1.70 -11.77 -10.60
C VAL C 246 3.18 -11.36 -10.55
N LEU C 247 3.80 -11.56 -9.39
CA LEU C 247 5.22 -11.21 -9.15
C LEU C 247 6.11 -11.88 -10.21
N ALA D 3 26.23 -34.52 -33.43
CA ALA D 3 26.09 -35.89 -32.83
C ALA D 3 26.44 -35.85 -31.35
N LYS D 5 26.28 -33.12 -28.90
CA LYS D 5 25.75 -31.83 -28.46
C LYS D 5 26.44 -31.27 -27.20
N LEU D 6 26.83 -32.11 -26.24
CA LEU D 6 27.48 -31.57 -25.00
C LEU D 6 29.01 -31.70 -25.07
N ALA D 7 29.57 -31.89 -26.27
CA ALA D 7 31.04 -32.02 -26.41
C ALA D 7 31.70 -30.67 -26.11
N SER D 8 32.86 -30.71 -25.45
CA SER D 8 33.65 -29.50 -25.09
C SER D 8 33.06 -28.80 -23.85
N LYS D 9 32.10 -29.45 -23.17
CA LYS D 9 31.47 -28.84 -21.96
C LYS D 9 31.82 -29.67 -20.72
N THR D 10 32.11 -28.99 -19.61
CA THR D 10 32.45 -29.65 -18.32
C THR D 10 31.17 -29.64 -17.47
N ALA D 11 30.81 -30.77 -16.87
CA ALA D 11 29.57 -30.84 -16.06
C ALA D 11 29.82 -31.46 -14.69
N ILE D 12 29.31 -30.80 -13.63
CA ILE D 12 29.43 -31.29 -12.22
C ILE D 12 28.07 -31.88 -11.84
N VAL D 13 28.07 -33.11 -11.34
CA VAL D 13 26.81 -33.79 -10.92
C VAL D 13 26.99 -34.22 -9.46
N THR D 14 26.24 -33.59 -8.54
CA THR D 14 26.32 -33.93 -7.08
C THR D 14 25.53 -35.22 -6.83
N GLY D 15 25.95 -36.01 -5.84
CA GLY D 15 25.27 -37.28 -5.49
C GLY D 15 25.13 -38.19 -6.69
N ALA D 16 26.17 -38.27 -7.53
CA ALA D 16 26.15 -39.09 -8.76
C ALA D 16 26.95 -40.40 -8.59
N ALA D 17 27.20 -40.83 -7.36
CA ALA D 17 27.95 -42.09 -7.14
C ALA D 17 27.11 -43.30 -7.59
N ARG D 18 25.79 -43.21 -7.38
CA ARG D 18 24.86 -44.31 -7.76
C ARG D 18 23.45 -43.72 -7.94
N GLY D 19 22.47 -44.57 -8.32
CA GLY D 19 21.07 -44.13 -8.50
C GLY D 19 20.86 -43.18 -9.66
N ILE D 20 19.93 -42.23 -9.48
CA ILE D 20 19.55 -41.21 -10.51
C ILE D 20 20.76 -40.34 -10.89
N GLY D 21 21.56 -39.92 -9.91
CA GLY D 21 22.74 -39.08 -10.20
C GLY D 21 23.69 -39.74 -11.20
N PHE D 22 23.92 -41.05 -11.04
CA PHE D 22 24.85 -41.78 -11.96
C PHE D 22 24.21 -41.91 -13.35
N GLY D 23 22.88 -42.08 -13.40
CA GLY D 23 22.19 -42.18 -14.70
C GLY D 23 22.38 -40.89 -15.48
N ILE D 24 22.29 -39.75 -14.79
CA ILE D 24 22.47 -38.40 -15.40
C ILE D 24 23.93 -38.27 -15.87
N ALA D 25 24.86 -38.83 -15.09
CA ALA D 25 26.29 -38.77 -15.45
C ALA D 25 26.54 -39.60 -16.72
N GLN D 26 25.87 -40.74 -16.85
CA GLN D 26 26.03 -41.63 -18.04
C GLN D 26 25.51 -40.91 -19.29
N VAL D 27 24.37 -40.23 -19.20
CA VAL D 27 23.80 -39.51 -20.38
C VAL D 27 24.69 -38.32 -20.74
N LEU D 28 25.13 -37.52 -19.76
CA LEU D 28 26.01 -36.37 -20.08
C LEU D 28 27.31 -36.88 -20.72
N ALA D 29 27.81 -38.03 -20.23
CA ALA D 29 29.05 -38.64 -20.76
C ALA D 29 28.79 -39.11 -22.20
N ARG D 30 27.67 -39.80 -22.41
CA ARG D 30 27.27 -40.33 -23.75
C ARG D 30 27.27 -39.17 -24.76
N GLU D 31 26.98 -37.95 -24.31
CA GLU D 31 26.95 -36.74 -25.19
C GLU D 31 28.33 -36.09 -25.23
N GLY D 32 29.38 -36.86 -24.91
CA GLY D 32 30.79 -36.39 -24.94
C GLY D 32 31.07 -35.22 -24.01
N ALA D 33 30.47 -35.21 -22.83
CA ALA D 33 30.71 -34.10 -21.86
C ALA D 33 31.64 -34.60 -20.75
N ARG D 34 32.62 -33.77 -20.36
CA ARG D 34 33.55 -34.14 -19.26
C ARG D 34 32.71 -34.09 -17.98
N VAL D 35 32.58 -35.21 -17.27
CA VAL D 35 31.72 -35.26 -16.05
C VAL D 35 32.54 -35.34 -14.76
N ILE D 36 32.12 -34.54 -13.77
CA ILE D 36 32.72 -34.49 -12.40
C ILE D 36 31.70 -35.09 -11.45
N ILE D 37 32.00 -36.24 -10.84
CA ILE D 37 31.06 -36.91 -9.89
C ILE D 37 31.39 -36.46 -8.46
N ALA D 38 30.57 -35.58 -7.90
CA ALA D 38 30.77 -35.08 -6.51
C ALA D 38 29.82 -35.85 -5.58
N ASP D 39 30.36 -36.56 -4.58
CA ASP D 39 29.48 -37.33 -3.66
C ASP D 39 30.31 -37.79 -2.46
N ARG D 40 29.69 -37.85 -1.28
CA ARG D 40 30.39 -38.30 -0.04
C ARG D 40 30.68 -39.81 -0.13
N ASP D 41 29.82 -40.54 -0.86
CA ASP D 41 29.96 -42.01 -1.05
C ASP D 41 31.28 -42.29 -1.78
N ALA D 42 32.11 -43.17 -1.22
CA ALA D 42 33.43 -43.53 -1.80
C ALA D 42 33.23 -44.34 -3.10
N HIS D 43 32.05 -44.97 -3.26
CA HIS D 43 31.75 -45.77 -4.48
C HIS D 43 31.80 -44.88 -5.72
N GLY D 44 31.88 -43.56 -5.52
CA GLY D 44 31.95 -42.61 -6.66
C GLY D 44 33.19 -42.84 -7.49
N GLU D 45 34.27 -43.34 -6.88
CA GLU D 45 35.54 -43.61 -7.61
C GLU D 45 35.29 -44.72 -8.64
N ALA D 46 34.53 -45.74 -8.27
CA ALA D 46 34.19 -46.87 -9.19
C ALA D 46 33.20 -46.38 -10.25
N ALA D 47 32.40 -45.36 -9.92
CA ALA D 47 31.41 -44.80 -10.87
C ALA D 47 32.14 -44.00 -11.96
N ALA D 48 33.08 -43.14 -11.56
CA ALA D 48 33.87 -42.32 -12.51
C ALA D 48 34.72 -43.24 -13.39
N ALA D 49 35.22 -44.33 -12.82
CA ALA D 49 36.05 -45.31 -13.57
C ALA D 49 35.19 -45.97 -14.65
N SER D 50 33.94 -46.33 -14.29
CA SER D 50 32.99 -46.97 -15.23
C SER D 50 32.79 -46.06 -16.45
N LEU D 51 32.81 -44.74 -16.24
CA LEU D 51 32.62 -43.75 -17.34
C LEU D 51 33.90 -43.69 -18.19
N ARG D 52 35.08 -43.68 -17.55
CA ARG D 52 36.36 -43.63 -18.32
C ARG D 52 36.49 -44.91 -19.15
N GLU D 53 35.82 -45.98 -18.72
CA GLU D 53 35.87 -47.28 -19.43
C GLU D 53 34.96 -47.22 -20.66
N SER D 54 33.89 -46.41 -20.59
CA SER D 54 32.93 -46.27 -21.72
C SER D 54 33.57 -45.39 -22.82
N GLY D 55 34.69 -44.73 -22.51
CA GLY D 55 35.42 -43.86 -23.46
C GLY D 55 35.23 -42.37 -23.20
N ALA D 56 34.69 -41.99 -22.03
CA ALA D 56 34.47 -40.56 -21.70
C ALA D 56 35.48 -40.10 -20.64
N GLN D 57 35.53 -38.79 -20.37
CA GLN D 57 36.44 -38.21 -19.36
C GLN D 57 35.63 -37.94 -18.08
N ALA D 58 36.01 -38.57 -16.96
CA ALA D 58 35.27 -38.38 -15.69
C ALA D 58 36.25 -38.29 -14.51
N LEU D 59 35.81 -37.70 -13.40
CA LEU D 59 36.67 -37.54 -12.19
C LEU D 59 35.80 -37.51 -10.93
N PHE D 60 36.15 -38.34 -9.93
CA PHE D 60 35.40 -38.38 -8.64
C PHE D 60 36.06 -37.42 -7.65
N ILE D 61 35.24 -36.65 -6.92
CA ILE D 61 35.73 -35.68 -5.91
C ILE D 61 34.91 -35.85 -4.62
N SER D 62 35.47 -36.57 -3.64
CA SER D 62 34.78 -36.77 -2.34
C SER D 62 34.47 -35.40 -1.75
N CYS D 63 33.20 -34.98 -1.81
CA CYS D 63 32.81 -33.63 -1.30
C CYS D 63 31.49 -33.66 -0.54
N ASN D 64 31.45 -32.94 0.59
CA ASN D 64 30.25 -32.78 1.46
C ASN D 64 29.67 -31.40 1.13
N ILE D 65 28.70 -31.35 0.22
CA ILE D 65 28.07 -30.08 -0.26
C ILE D 65 27.48 -29.27 0.91
N ALA D 66 27.33 -29.87 2.10
CA ALA D 66 26.78 -29.14 3.27
C ALA D 66 27.80 -28.12 3.78
N GLU D 67 29.09 -28.34 3.51
CA GLU D 67 30.19 -27.43 3.93
C GLU D 67 30.59 -26.53 2.76
N LYS D 68 30.52 -25.21 2.96
CA LYS D 68 30.84 -24.23 1.89
C LYS D 68 32.32 -24.36 1.46
N THR D 69 33.23 -24.57 2.42
CA THR D 69 34.67 -24.69 2.13
C THR D 69 34.95 -25.88 1.20
N GLN D 70 34.15 -26.95 1.29
CA GLN D 70 34.37 -28.13 0.41
C GLN D 70 33.76 -27.86 -0.96
N VAL D 71 32.67 -27.09 -1.03
CA VAL D 71 32.01 -26.76 -2.32
C VAL D 71 32.97 -25.83 -3.09
N GLU D 72 33.61 -24.90 -2.38
CA GLU D 72 34.58 -23.95 -3.03
C GLU D 72 35.75 -24.76 -3.59
N ALA D 73 36.15 -25.83 -2.88
CA ALA D 73 37.27 -26.70 -3.32
C ALA D 73 36.81 -27.54 -4.52
N LEU D 74 35.54 -27.96 -4.53
CA LEU D 74 34.97 -28.78 -5.63
C LEU D 74 35.16 -28.04 -6.97
N PHE D 75 34.64 -26.81 -7.08
CA PHE D 75 34.77 -26.01 -8.32
C PHE D 75 36.24 -25.69 -8.63
N SER D 76 37.06 -25.43 -7.59
CA SER D 76 38.50 -25.13 -7.82
C SER D 76 39.20 -26.35 -8.44
N GLN D 77 39.04 -27.52 -7.80
CA GLN D 77 39.65 -28.80 -8.24
C GLN D 77 39.06 -29.26 -9.58
N ALA D 78 37.78 -28.95 -9.84
CA ALA D 78 37.12 -29.37 -11.10
C ALA D 78 37.64 -28.56 -12.29
N GLU D 79 37.92 -27.27 -12.08
CA GLU D 79 38.40 -26.37 -13.18
C GLU D 79 39.86 -26.67 -13.54
N GLU D 80 40.76 -26.74 -12.55
CA GLU D 80 42.20 -27.02 -12.87
C GLU D 80 42.32 -28.37 -13.60
N ALA D 81 41.26 -29.19 -13.57
CA ALA D 81 41.26 -30.52 -14.23
C ALA D 81 40.68 -30.43 -15.64
N PHE D 82 39.36 -30.24 -15.78
CA PHE D 82 38.72 -30.18 -17.12
C PHE D 82 38.40 -28.75 -17.58
N GLY D 83 38.83 -27.72 -16.84
CA GLY D 83 38.56 -26.34 -17.26
C GLY D 83 37.23 -25.78 -16.75
N PRO D 84 36.79 -24.61 -17.27
CA PRO D 84 35.55 -23.96 -16.85
C PRO D 84 34.33 -24.89 -16.75
N VAL D 85 33.58 -24.76 -15.64
CA VAL D 85 32.35 -25.58 -15.39
C VAL D 85 31.18 -24.90 -16.11
N ASP D 86 30.65 -25.55 -17.15
CA ASP D 86 29.53 -24.99 -17.94
C ASP D 86 28.19 -25.55 -17.45
N ILE D 87 28.20 -26.75 -16.85
CA ILE D 87 26.93 -27.39 -16.39
C ILE D 87 27.03 -27.84 -14.93
N LEU D 88 25.99 -27.57 -14.13
CA LEU D 88 25.92 -27.99 -12.71
C LEU D 88 24.60 -28.73 -12.50
N VAL D 89 24.68 -29.99 -12.09
CA VAL D 89 23.44 -30.80 -11.86
C VAL D 89 23.36 -31.09 -10.35
N ASN D 90 22.48 -30.37 -9.64
CA ASN D 90 22.29 -30.57 -8.19
C ASN D 90 21.34 -31.75 -7.99
N ASN D 91 21.89 -32.92 -7.65
CA ASN D 91 21.07 -34.16 -7.45
C ASN D 91 21.15 -34.60 -5.98
N ALA D 92 22.30 -34.40 -5.33
CA ALA D 92 22.47 -34.81 -3.91
C ALA D 92 21.16 -34.56 -3.14
N GLY D 93 20.57 -35.61 -2.58
CA GLY D 93 19.31 -35.50 -1.83
C GLY D 93 19.04 -36.74 -1.01
N ILE D 94 19.12 -36.63 0.32
CA ILE D 94 18.88 -37.79 1.24
C ILE D 94 17.46 -37.69 1.82
N ASN D 95 16.98 -38.80 2.39
CA ASN D 95 15.62 -38.86 3.00
C ASN D 95 15.69 -39.31 4.45
N ARG D 96 14.88 -38.67 5.30
CA ARG D 96 14.73 -38.97 6.75
C ARG D 96 13.23 -38.84 7.03
N ASP D 97 12.44 -39.63 6.29
CA ASP D 97 10.95 -39.63 6.39
C ASP D 97 10.50 -39.84 7.84
N ALA D 98 9.43 -39.15 8.20
CA ALA D 98 8.79 -39.20 9.54
C ALA D 98 7.59 -38.26 9.52
N LEU D 100 4.83 -35.52 10.54
CA LEU D 100 4.97 -34.17 11.06
C LEU D 100 4.98 -34.14 12.59
N HIS D 101 4.09 -34.90 13.24
CA HIS D 101 4.02 -34.91 14.72
C HIS D 101 5.15 -35.72 15.36
N LYS D 102 6.03 -36.37 14.58
CA LYS D 102 7.13 -37.16 15.20
C LYS D 102 8.49 -36.86 14.57
N LEU D 103 8.56 -35.99 13.55
CA LEU D 103 9.87 -35.69 12.92
C LEU D 103 10.81 -35.07 13.96
N THR D 104 11.95 -35.70 14.20
CA THR D 104 12.94 -35.20 15.18
C THR D 104 13.62 -33.94 14.63
N GLU D 105 14.13 -33.09 15.51
CA GLU D 105 14.81 -31.84 15.09
C GLU D 105 16.09 -32.24 14.34
N ALA D 106 16.69 -33.37 14.70
CA ALA D 106 17.94 -33.87 14.05
C ALA D 106 17.64 -34.28 12.60
N ASP D 107 16.63 -35.13 12.37
CA ASP D 107 16.26 -35.59 11.00
C ASP D 107 15.88 -34.38 10.13
N TRP D 108 15.27 -33.36 10.72
CA TRP D 108 14.90 -32.15 9.94
C TRP D 108 16.18 -31.45 9.45
N ASP D 109 17.05 -31.09 10.40
CA ASP D 109 18.33 -30.38 10.11
C ASP D 109 19.17 -31.13 9.06
N THR D 110 19.24 -32.47 9.14
N THR D 110 19.22 -32.46 9.16
CA THR D 110 20.05 -33.27 8.19
CA THR D 110 20.01 -33.31 8.22
C THR D 110 19.47 -33.15 6.76
C THR D 110 19.48 -33.20 6.79
N VAL D 111 18.17 -33.31 6.60
CA VAL D 111 17.54 -33.22 5.24
C VAL D 111 17.68 -31.80 4.67
N ILE D 112 17.38 -30.77 5.47
CA ILE D 112 17.45 -29.36 4.98
C ILE D 112 18.91 -28.96 4.69
N ASP D 113 19.85 -29.26 5.60
CA ASP D 113 21.27 -28.88 5.41
C ASP D 113 21.86 -29.50 4.14
N VAL D 114 21.45 -30.72 3.78
CA VAL D 114 22.01 -31.42 2.57
C VAL D 114 21.20 -31.11 1.31
N ASN D 115 19.87 -31.28 1.36
CA ASN D 115 19.01 -31.07 0.17
C ASN D 115 18.80 -29.60 -0.19
N LEU D 116 18.62 -28.72 0.80
CA LEU D 116 18.35 -27.29 0.47
C LEU D 116 19.62 -26.45 0.55
N LYS D 117 20.27 -26.39 1.73
CA LYS D 117 21.50 -25.55 1.86
C LYS D 117 22.58 -26.07 0.89
N GLY D 118 22.68 -27.38 0.73
CA GLY D 118 23.68 -27.97 -0.19
C GLY D 118 23.46 -27.48 -1.60
N THR D 119 22.20 -27.48 -2.07
CA THR D 119 21.87 -27.01 -3.43
C THR D 119 22.19 -25.52 -3.54
N PHE D 120 21.99 -24.75 -2.46
CA PHE D 120 22.30 -23.30 -2.45
C PHE D 120 23.82 -23.05 -2.61
N LEU D 121 24.62 -23.68 -1.75
CA LEU D 121 26.09 -23.50 -1.78
C LEU D 121 26.64 -23.80 -3.18
N CYS D 122 26.15 -24.87 -3.83
CA CYS D 122 26.63 -25.24 -5.20
C CYS D 122 26.16 -24.22 -6.23
N GLN D 124 25.39 -21.12 -5.73
CA GLN D 124 26.08 -19.87 -5.47
C GLN D 124 27.45 -19.88 -6.18
N GLN D 125 28.24 -20.94 -5.98
CA GLN D 125 29.59 -21.05 -6.60
C GLN D 125 29.47 -21.05 -8.13
N ALA D 126 28.41 -21.64 -8.67
CA ALA D 126 28.20 -21.69 -10.15
C ALA D 126 27.84 -20.28 -10.65
N ALA D 127 27.02 -19.55 -9.90
CA ALA D 127 26.58 -18.18 -10.27
C ALA D 127 27.78 -17.21 -10.34
N ILE D 128 28.63 -17.19 -9.31
CA ILE D 128 29.82 -16.30 -9.23
C ILE D 128 30.67 -16.41 -10.50
N ARG D 129 30.73 -17.62 -11.08
CA ARG D 129 31.54 -17.92 -12.29
C ARG D 129 30.76 -17.69 -13.58
N ARG D 131 28.05 -16.04 -14.22
CA ARG D 131 27.55 -14.70 -14.49
C ARG D 131 28.65 -13.85 -15.15
N GLU D 132 29.92 -14.20 -14.95
CA GLU D 132 31.07 -13.44 -15.54
C GLU D 132 31.38 -13.97 -16.95
N ARG D 133 31.31 -15.29 -17.13
CA ARG D 133 31.59 -15.96 -18.43
C ARG D 133 30.44 -15.72 -19.41
N GLY D 134 29.33 -15.14 -18.94
CA GLY D 134 28.16 -14.84 -19.79
C GLY D 134 27.55 -16.09 -20.42
N ALA D 135 27.62 -17.23 -19.73
CA ALA D 135 27.08 -18.51 -20.23
C ALA D 135 27.08 -19.54 -19.09
N GLY D 136 26.19 -20.53 -19.15
CA GLY D 136 26.13 -21.56 -18.10
C GLY D 136 24.79 -22.26 -18.02
N ARG D 137 24.78 -23.43 -17.36
CA ARG D 137 23.56 -24.26 -17.20
C ARG D 137 23.47 -24.81 -15.77
N ILE D 138 22.42 -24.44 -15.04
CA ILE D 138 22.20 -24.97 -13.66
C ILE D 138 20.91 -25.80 -13.73
N ILE D 139 21.01 -27.09 -13.39
CA ILE D 139 19.84 -28.00 -13.44
C ILE D 139 19.67 -28.65 -12.06
N ASN D 140 18.58 -28.32 -11.37
CA ASN D 140 18.29 -28.85 -10.01
C ASN D 140 17.33 -30.03 -10.08
N ILE D 141 17.71 -31.17 -9.52
CA ILE D 141 16.78 -32.34 -9.46
C ILE D 141 15.97 -32.23 -8.16
N ALA D 142 14.68 -31.90 -8.28
CA ALA D 142 13.79 -31.77 -7.11
C ALA D 142 12.90 -32.99 -7.07
N SER D 143 11.74 -32.99 -6.44
CA SER D 143 11.00 -34.27 -6.38
C SER D 143 9.51 -34.07 -6.58
N ALA D 144 8.85 -35.06 -7.17
CA ALA D 144 7.38 -34.95 -7.30
C ALA D 144 6.77 -34.62 -5.94
N SER D 145 7.54 -34.82 -4.87
CA SER D 145 7.09 -34.57 -3.47
C SER D 145 7.18 -33.08 -3.11
N TRP D 146 7.47 -32.19 -4.06
CA TRP D 146 7.58 -30.75 -3.70
C TRP D 146 6.17 -30.18 -3.45
N LEU D 147 5.13 -30.84 -3.98
CA LEU D 147 3.72 -30.39 -3.79
C LEU D 147 3.03 -31.28 -2.75
N GLY D 148 3.81 -31.80 -1.80
CA GLY D 148 3.28 -32.64 -0.71
C GLY D 148 3.37 -34.15 -0.97
N ASN D 149 3.56 -34.91 0.11
CA ASN D 149 3.64 -36.39 0.10
C ASN D 149 3.71 -36.83 1.56
N VAL D 150 2.85 -37.78 1.96
CA VAL D 150 2.78 -38.29 3.36
C VAL D 150 4.15 -38.71 3.91
N GLY D 151 4.44 -38.29 5.14
CA GLY D 151 5.68 -38.60 5.89
C GLY D 151 6.92 -37.93 5.32
N GLN D 152 6.76 -36.81 4.60
CA GLN D 152 7.95 -36.13 4.02
C GLN D 152 7.88 -34.62 4.22
N THR D 153 7.67 -34.18 5.47
CA THR D 153 7.60 -32.72 5.77
C THR D 153 8.95 -32.06 5.43
N ASN D 154 10.05 -32.68 5.88
CA ASN D 154 11.40 -32.15 5.64
C ASN D 154 11.80 -32.31 4.17
N TYR D 155 11.42 -33.42 3.53
CA TYR D 155 11.80 -33.66 2.11
C TYR D 155 10.96 -32.75 1.20
N SER D 156 9.66 -32.63 1.47
CA SER D 156 8.79 -31.76 0.63
C SER D 156 9.25 -30.31 0.79
N ALA D 157 9.62 -29.92 2.00
CA ALA D 157 10.09 -28.53 2.26
C ALA D 157 11.36 -28.27 1.45
N SER D 158 12.34 -29.17 1.54
CA SER D 158 13.64 -29.04 0.82
C SER D 158 13.43 -28.96 -0.69
N LYS D 159 12.72 -29.93 -1.28
CA LYS D 159 12.50 -29.93 -2.75
C LYS D 159 11.65 -28.74 -3.17
N ALA D 160 10.63 -28.35 -2.38
CA ALA D 160 9.82 -27.17 -2.74
C ALA D 160 10.74 -25.94 -2.71
N GLY D 161 11.66 -25.91 -1.73
CA GLY D 161 12.62 -24.81 -1.59
C GLY D 161 13.53 -24.73 -2.79
N VAL D 162 13.96 -25.89 -3.31
CA VAL D 162 14.85 -25.97 -4.50
C VAL D 162 14.13 -25.32 -5.70
N VAL D 163 12.83 -25.60 -5.86
CA VAL D 163 12.03 -25.01 -6.98
C VAL D 163 11.97 -23.49 -6.80
N GLY D 164 11.86 -23.03 -5.54
CA GLY D 164 11.80 -21.58 -5.24
C GLY D 164 13.09 -20.86 -5.64
N THR D 166 15.30 -22.05 -7.81
CA THR D 166 15.41 -22.22 -9.25
C THR D 166 14.78 -21.02 -9.97
N LYS D 167 13.54 -20.70 -9.62
CA LYS D 167 12.80 -19.56 -10.26
C LYS D 167 13.47 -18.23 -9.88
N THR D 168 14.08 -18.14 -8.70
CA THR D 168 14.75 -16.89 -8.27
C THR D 168 16.03 -16.68 -9.10
N ALA D 169 16.87 -17.73 -9.19
CA ALA D 169 18.15 -17.68 -9.93
C ALA D 169 17.86 -17.31 -11.40
N CYS D 170 16.77 -17.85 -11.95
CA CYS D 170 16.36 -17.56 -13.35
C CYS D 170 16.25 -16.04 -13.59
N ARG D 171 15.52 -15.36 -12.70
CA ARG D 171 15.30 -13.89 -12.76
C ARG D 171 16.59 -13.10 -12.55
N GLU D 172 17.62 -13.71 -11.97
CA GLU D 172 18.91 -13.00 -11.72
C GLU D 172 20.01 -13.38 -12.71
N LEU D 173 19.94 -14.56 -13.33
CA LEU D 173 21.02 -15.02 -14.24
C LEU D 173 20.55 -15.15 -15.70
N ALA D 174 19.27 -14.93 -15.99
CA ALA D 174 18.78 -15.07 -17.38
C ALA D 174 19.48 -14.06 -18.31
N LYS D 175 19.58 -12.80 -17.90
CA LYS D 175 20.22 -11.74 -18.73
C LYS D 175 21.72 -11.99 -18.90
N LYS D 176 22.29 -12.91 -18.12
CA LYS D 176 23.75 -13.22 -18.22
C LYS D 176 23.95 -14.43 -19.14
N GLY D 177 22.87 -14.91 -19.79
CA GLY D 177 22.95 -16.06 -20.71
C GLY D 177 23.01 -17.39 -19.98
N VAL D 178 22.58 -17.42 -18.71
CA VAL D 178 22.59 -18.67 -17.88
C VAL D 178 21.15 -19.12 -17.65
N THR D 179 20.84 -20.40 -17.91
CA THR D 179 19.47 -20.92 -17.69
C THR D 179 19.48 -21.79 -16.42
N VAL D 180 18.49 -21.59 -15.54
CA VAL D 180 18.37 -22.36 -14.28
C VAL D 180 17.01 -23.08 -14.31
N ASN D 181 17.02 -24.42 -14.43
CA ASN D 181 15.77 -25.22 -14.50
C ASN D 181 15.77 -26.33 -13.46
N ALA D 182 14.59 -26.90 -13.20
CA ALA D 182 14.45 -27.98 -12.21
C ALA D 182 13.72 -29.17 -12.82
N ILE D 183 14.05 -30.38 -12.36
CA ILE D 183 13.42 -31.65 -12.83
C ILE D 183 12.81 -32.35 -11.61
N CYS D 184 11.59 -32.89 -11.76
CA CYS D 184 10.90 -33.60 -10.66
C CYS D 184 10.63 -35.04 -11.10
N PRO D 185 11.53 -35.99 -10.79
CA PRO D 185 11.33 -37.39 -11.16
C PRO D 185 10.16 -38.03 -10.40
N GLY D 186 9.42 -38.93 -11.07
CA GLY D 186 8.30 -39.64 -10.42
C GLY D 186 8.83 -40.88 -9.74
N PHE D 187 8.27 -42.06 -10.04
CA PHE D 187 8.80 -43.31 -9.43
C PHE D 187 9.87 -43.87 -10.37
N ILE D 188 11.15 -43.75 -10.00
CA ILE D 188 12.26 -44.26 -10.84
C ILE D 188 12.77 -45.59 -10.26
N ASP D 189 12.95 -46.60 -11.11
CA ASP D 189 13.42 -47.93 -10.68
C ASP D 189 14.93 -47.91 -10.47
N THR D 190 15.38 -47.89 -9.21
CA THR D 190 16.82 -47.87 -8.82
C THR D 190 17.03 -48.75 -7.59
N ASP D 191 18.29 -49.08 -7.27
CA ASP D 191 18.64 -49.94 -6.10
C ASP D 191 18.01 -49.40 -4.81
N THR D 193 15.35 -47.54 -4.51
CA THR D 193 13.90 -47.71 -4.55
C THR D 193 13.54 -49.20 -4.47
N ARG D 194 14.32 -50.10 -5.10
CA ARG D 194 14.06 -51.56 -5.06
C ARG D 194 14.36 -52.09 -3.65
N GLY D 195 13.75 -51.45 -2.65
CA GLY D 195 13.88 -51.81 -1.22
C GLY D 195 12.52 -52.01 -0.58
N VAL D 196 11.53 -51.21 -0.99
CA VAL D 196 10.12 -51.30 -0.47
C VAL D 196 9.55 -52.65 -0.89
N PRO D 197 8.52 -53.18 -0.21
CA PRO D 197 7.92 -54.47 -0.58
C PRO D 197 7.50 -54.50 -2.06
N GLU D 198 7.79 -55.61 -2.75
CA GLU D 198 7.45 -55.75 -4.19
C GLU D 198 5.94 -55.54 -4.41
N ASN D 199 5.10 -55.93 -3.44
CA ASN D 199 3.63 -55.78 -3.57
C ASN D 199 3.23 -54.30 -3.52
N VAL D 200 3.87 -53.51 -2.66
CA VAL D 200 3.56 -52.05 -2.57
C VAL D 200 4.08 -51.36 -3.84
N TRP D 201 5.23 -51.83 -4.35
CA TRP D 201 5.85 -51.28 -5.58
C TRP D 201 4.93 -51.51 -6.79
N GLN D 202 4.30 -52.69 -6.88
CA GLN D 202 3.41 -52.98 -8.03
C GLN D 202 2.17 -52.06 -7.96
N ILE D 203 1.68 -51.81 -6.74
CA ILE D 203 0.50 -50.91 -6.52
C ILE D 203 0.88 -49.47 -6.89
N VAL D 205 3.16 -48.58 -9.15
CA VAL D 205 3.28 -48.52 -10.60
C VAL D 205 1.89 -48.48 -11.26
N SER D 206 0.90 -49.19 -10.71
CA SER D 206 -0.46 -49.22 -11.31
C SER D 206 -1.08 -47.81 -11.32
N LYS D 207 -0.51 -46.89 -10.54
CA LYS D 207 -1.00 -45.49 -10.43
C LYS D 207 -0.32 -44.61 -11.51
N ILE D 208 0.84 -45.03 -12.01
CA ILE D 208 1.57 -44.28 -13.07
C ILE D 208 0.81 -44.45 -14.38
N PRO D 209 0.28 -43.38 -14.99
CA PRO D 209 -0.46 -43.51 -16.25
C PRO D 209 0.33 -44.29 -17.32
N ALA D 210 1.64 -44.07 -17.40
CA ALA D 210 2.52 -44.75 -18.39
C ALA D 210 2.47 -46.27 -18.18
N GLY D 211 2.21 -46.71 -16.94
CA GLY D 211 2.11 -48.14 -16.61
C GLY D 211 3.44 -48.80 -16.30
N TYR D 212 4.51 -48.01 -16.07
CA TYR D 212 5.83 -48.59 -15.76
C TYR D 212 6.70 -47.57 -15.03
N ALA D 213 7.69 -48.04 -14.27
CA ALA D 213 8.61 -47.16 -13.53
C ALA D 213 9.74 -46.72 -14.47
N GLY D 214 10.12 -45.45 -14.41
CA GLY D 214 11.20 -44.91 -15.28
C GLY D 214 12.57 -45.38 -14.85
N GLU D 215 13.58 -45.07 -15.67
CA GLU D 215 15.00 -45.44 -15.41
C GLU D 215 15.78 -44.16 -15.14
N ALA D 216 16.95 -44.28 -14.51
CA ALA D 216 17.79 -43.11 -14.19
C ALA D 216 18.13 -42.33 -15.47
N LYS D 217 18.21 -43.01 -16.61
CA LYS D 217 18.54 -42.37 -17.91
C LYS D 217 17.36 -41.50 -18.39
N ASP D 218 16.13 -41.82 -17.97
CA ASP D 218 14.96 -41.00 -18.37
C ASP D 218 15.18 -39.58 -17.82
N VAL D 219 15.66 -39.47 -16.58
CA VAL D 219 15.93 -38.15 -15.94
C VAL D 219 17.13 -37.52 -16.66
N GLY D 220 18.09 -38.36 -17.04
CA GLY D 220 19.32 -37.91 -17.75
C GLY D 220 19.02 -37.34 -19.12
N GLU D 221 18.12 -37.98 -19.88
CA GLU D 221 17.75 -37.50 -21.24
C GLU D 221 17.22 -36.06 -21.14
N CYS D 222 16.47 -35.77 -20.08
CA CYS D 222 15.88 -34.42 -19.87
C CYS D 222 17.00 -33.45 -19.45
N VAL D 223 17.95 -33.91 -18.62
CA VAL D 223 19.09 -33.06 -18.16
C VAL D 223 19.97 -32.73 -19.37
N ALA D 224 20.24 -33.74 -20.21
CA ALA D 224 21.08 -33.56 -21.42
C ALA D 224 20.45 -32.51 -22.34
N PHE D 225 19.11 -32.50 -22.43
CA PHE D 225 18.41 -31.51 -23.30
C PHE D 225 18.53 -30.10 -22.70
N LEU D 226 18.18 -29.91 -21.42
CA LEU D 226 18.25 -28.58 -20.78
C LEU D 226 19.69 -28.05 -20.79
N ALA D 227 20.68 -28.95 -20.89
CA ALA D 227 22.10 -28.55 -20.89
C ALA D 227 22.55 -28.11 -22.29
N SER D 228 21.84 -28.54 -23.33
CA SER D 228 22.22 -28.18 -24.74
C SER D 228 21.92 -26.70 -25.01
N ASP D 229 22.54 -26.16 -26.07
CA ASP D 229 22.35 -24.76 -26.49
C ASP D 229 20.94 -24.60 -27.08
N GLY D 230 20.32 -25.71 -27.50
CA GLY D 230 18.97 -25.68 -28.08
C GLY D 230 17.90 -25.36 -27.04
N ALA D 231 18.22 -25.55 -25.75
CA ALA D 231 17.27 -25.26 -24.65
C ALA D 231 17.67 -23.95 -23.97
N ARG D 232 18.26 -23.02 -24.73
CA ARG D 232 18.72 -21.72 -24.18
C ARG D 232 17.53 -20.81 -23.83
N TYR D 233 16.33 -21.11 -24.33
CA TYR D 233 15.19 -20.20 -24.06
C TYR D 233 14.24 -20.80 -23.02
N ILE D 234 14.60 -21.96 -22.46
CA ILE D 234 13.80 -22.63 -21.38
C ILE D 234 14.45 -22.16 -20.08
N ASN D 235 13.74 -21.42 -19.23
CA ASN D 235 14.42 -20.93 -18.00
C ASN D 235 13.39 -20.78 -16.87
N GLY D 236 13.73 -21.30 -15.69
CA GLY D 236 12.83 -21.24 -14.51
C GLY D 236 11.71 -22.26 -14.59
N GLU D 237 11.90 -23.32 -15.37
CA GLU D 237 10.87 -24.38 -15.55
C GLU D 237 11.07 -25.58 -14.60
N VAL D 238 9.94 -26.24 -14.32
CA VAL D 238 9.84 -27.45 -13.46
C VAL D 238 9.32 -28.53 -14.41
N ILE D 239 10.17 -29.49 -14.79
CA ILE D 239 9.74 -30.56 -15.73
C ILE D 239 9.58 -31.88 -14.97
N ASN D 240 8.37 -32.46 -15.03
CA ASN D 240 8.09 -33.75 -14.35
C ASN D 240 8.48 -34.90 -15.28
N VAL D 241 9.23 -35.87 -14.72
CA VAL D 241 9.68 -37.10 -15.42
C VAL D 241 9.09 -38.24 -14.58
N GLY D 242 7.76 -38.43 -14.68
CA GLY D 242 7.06 -39.46 -13.89
C GLY D 242 5.96 -40.15 -14.69
N GLY D 243 6.14 -40.31 -16.00
CA GLY D 243 5.13 -40.99 -16.84
C GLY D 243 3.74 -40.38 -16.70
N GLY D 244 3.67 -39.06 -16.47
CA GLY D 244 2.41 -38.30 -16.32
C GLY D 244 1.74 -38.50 -14.97
N VAL D 246 0.77 -37.82 -11.08
CA VAL D 246 0.54 -36.70 -10.18
C VAL D 246 0.52 -37.28 -8.76
N LEU D 247 1.64 -37.14 -8.04
CA LEU D 247 1.79 -37.68 -6.66
C LEU D 247 0.73 -37.05 -5.73
N LYS E 5 32.59 -10.87 45.09
CA LYS E 5 32.39 -9.59 45.76
C LYS E 5 30.91 -9.17 45.66
N LEU E 6 30.18 -9.67 44.66
CA LEU E 6 28.73 -9.33 44.48
C LEU E 6 27.89 -10.56 44.85
N ALA E 7 28.45 -11.48 45.64
CA ALA E 7 27.73 -12.70 46.06
C ALA E 7 26.44 -12.33 46.80
N SER E 8 25.34 -13.01 46.49
CA SER E 8 24.02 -12.78 47.12
C SER E 8 23.52 -11.35 46.86
N LYS E 9 23.37 -10.98 45.58
CA LYS E 9 22.88 -9.63 45.17
C LYS E 9 22.10 -9.77 43.85
N THR E 10 20.84 -9.30 43.83
CA THR E 10 20.01 -9.40 42.61
C THR E 10 20.33 -8.19 41.70
N ALA E 11 20.54 -8.43 40.41
CA ALA E 11 20.87 -7.33 39.47
C ALA E 11 20.02 -7.40 38.20
N ILE E 12 19.50 -6.25 37.77
CA ILE E 12 18.69 -6.14 36.52
C ILE E 12 19.56 -5.46 35.46
N VAL E 13 19.67 -6.04 34.28
CA VAL E 13 20.48 -5.43 33.18
C VAL E 13 19.59 -5.34 31.94
N THR E 14 19.19 -4.13 31.56
CA THR E 14 18.33 -3.93 30.37
C THR E 14 19.15 -4.21 29.10
N GLY E 15 18.50 -4.69 28.04
CA GLY E 15 19.16 -5.01 26.77
C GLY E 15 20.34 -5.94 26.96
N ALA E 16 20.23 -6.90 27.88
CA ALA E 16 21.32 -7.86 28.18
C ALA E 16 21.22 -9.13 27.33
N ALA E 17 20.38 -9.13 26.28
CA ALA E 17 20.24 -10.31 25.42
C ALA E 17 21.47 -10.49 24.51
N ARG E 18 22.15 -9.38 24.17
N ARG E 18 22.12 -9.37 24.15
CA ARG E 18 23.35 -9.43 23.30
CA ARG E 18 23.31 -9.38 23.25
C ARG E 18 24.19 -8.17 23.53
C ARG E 18 24.15 -8.13 23.47
N GLY E 19 25.36 -8.10 22.88
CA GLY E 19 26.28 -6.94 22.97
C GLY E 19 26.82 -6.67 24.36
N ILE E 20 26.96 -5.37 24.69
CA ILE E 20 27.50 -4.88 25.99
C ILE E 20 26.68 -5.41 27.17
N GLY E 21 25.35 -5.37 27.07
CA GLY E 21 24.48 -5.86 28.15
C GLY E 21 24.78 -7.30 28.51
N PHE E 22 24.90 -8.19 27.52
CA PHE E 22 25.20 -9.61 27.82
C PHE E 22 26.59 -9.69 28.45
N GLY E 23 27.54 -8.88 27.96
CA GLY E 23 28.90 -8.86 28.53
C GLY E 23 28.85 -8.47 30.01
N ILE E 24 28.05 -7.46 30.34
CA ILE E 24 27.87 -6.98 31.74
C ILE E 24 27.31 -8.12 32.59
N ALA E 25 26.23 -8.76 32.11
CA ALA E 25 25.58 -9.88 32.83
C ALA E 25 26.63 -10.96 33.16
N GLN E 26 27.43 -11.35 32.17
CA GLN E 26 28.49 -12.38 32.36
C GLN E 26 29.43 -12.00 33.51
N VAL E 27 29.89 -10.74 33.54
CA VAL E 27 30.82 -10.27 34.61
C VAL E 27 30.07 -10.26 35.95
N LEU E 28 28.83 -9.77 35.98
CA LEU E 28 28.05 -9.75 37.25
C LEU E 28 27.79 -11.18 37.73
N ALA E 29 27.40 -12.08 36.82
CA ALA E 29 27.12 -13.49 37.18
C ALA E 29 28.41 -14.16 37.69
N ARG E 30 29.54 -13.76 37.12
CA ARG E 30 30.88 -14.29 37.50
C ARG E 30 31.17 -13.91 38.96
N GLU E 31 30.64 -12.77 39.42
CA GLU E 31 30.87 -12.27 40.81
C GLU E 31 29.79 -12.83 41.76
N GLY E 32 28.99 -13.79 41.28
CA GLY E 32 27.95 -14.44 42.11
C GLY E 32 26.68 -13.61 42.26
N ALA E 33 26.37 -12.77 41.27
CA ALA E 33 25.15 -11.92 41.35
C ALA E 33 24.00 -12.61 40.61
N ARG E 34 22.79 -12.54 41.18
CA ARG E 34 21.58 -13.13 40.54
C ARG E 34 21.17 -12.15 39.43
N VAL E 35 21.46 -12.50 38.17
CA VAL E 35 21.18 -11.61 37.01
C VAL E 35 19.78 -11.80 36.44
N ILE E 36 19.16 -10.67 36.06
CA ILE E 36 17.82 -10.58 35.42
C ILE E 36 18.04 -9.98 34.03
N ILE E 37 17.88 -10.79 32.98
CA ILE E 37 18.08 -10.27 31.60
C ILE E 37 16.76 -9.66 31.12
N ALA E 38 16.70 -8.32 31.17
CA ALA E 38 15.51 -7.56 30.73
C ALA E 38 15.78 -7.06 29.30
N ASP E 39 14.96 -7.47 28.33
CA ASP E 39 15.19 -7.05 26.93
C ASP E 39 13.86 -7.22 26.17
N ARG E 40 13.67 -6.48 25.08
CA ARG E 40 12.42 -6.58 24.30
C ARG E 40 12.49 -7.78 23.34
N ASP E 41 13.69 -8.25 23.02
CA ASP E 41 13.86 -9.41 22.08
C ASP E 41 13.84 -10.72 22.89
N ALA E 42 13.12 -11.73 22.40
CA ALA E 42 13.01 -13.05 23.08
C ALA E 42 14.36 -13.76 23.11
N HIS E 43 15.38 -13.21 22.42
CA HIS E 43 16.73 -13.84 22.42
C HIS E 43 17.31 -13.77 23.83
N GLY E 44 16.70 -12.97 24.71
CA GLY E 44 17.17 -12.83 26.10
C GLY E 44 17.08 -14.16 26.84
N GLU E 45 16.12 -15.01 26.45
CA GLU E 45 15.94 -16.35 27.07
C GLU E 45 17.20 -17.18 26.78
N ALA E 46 17.73 -17.06 25.55
CA ALA E 46 18.95 -17.80 25.16
C ALA E 46 20.13 -17.28 25.98
N ALA E 47 20.16 -15.96 26.23
CA ALA E 47 21.25 -15.34 27.03
C ALA E 47 21.16 -15.84 28.48
N ALA E 48 19.95 -15.87 29.04
CA ALA E 48 19.72 -16.33 30.43
C ALA E 48 20.17 -17.79 30.57
N ALA E 49 19.75 -18.66 29.64
CA ALA E 49 20.10 -20.09 29.66
C ALA E 49 21.62 -20.25 29.59
N SER E 50 22.29 -19.35 28.85
CA SER E 50 23.77 -19.39 28.71
C SER E 50 24.44 -19.09 30.05
N LEU E 51 23.81 -18.27 30.89
CA LEU E 51 24.36 -17.93 32.23
C LEU E 51 24.10 -19.09 33.20
N ARG E 52 22.94 -19.75 33.08
CA ARG E 52 22.61 -20.90 33.96
C ARG E 52 23.51 -22.08 33.59
N GLU E 53 23.91 -22.16 32.31
CA GLU E 53 24.78 -23.25 31.79
C GLU E 53 26.18 -23.10 32.42
N SER E 54 26.56 -21.87 32.78
CA SER E 54 27.88 -21.60 33.41
C SER E 54 27.82 -21.80 34.93
N GLY E 55 26.63 -22.12 35.48
CA GLY E 55 26.46 -22.37 36.93
C GLY E 55 25.89 -21.20 37.71
N ALA E 56 25.63 -20.05 37.06
CA ALA E 56 25.07 -18.88 37.76
C ALA E 56 23.54 -18.93 37.75
N GLN E 57 22.89 -18.01 38.47
CA GLN E 57 21.40 -17.94 38.53
C GLN E 57 20.94 -16.80 37.61
N ALA E 58 20.09 -17.11 36.63
CA ALA E 58 19.62 -16.07 35.68
C ALA E 58 18.16 -16.30 35.28
N LEU E 59 17.50 -15.25 34.81
CA LEU E 59 16.07 -15.29 34.38
C LEU E 59 15.81 -14.17 33.36
N PHE E 60 15.12 -14.50 32.27
CA PHE E 60 14.77 -13.52 31.21
C PHE E 60 13.37 -12.96 31.46
N ILE E 61 13.20 -11.66 31.23
CA ILE E 61 11.89 -10.97 31.40
C ILE E 61 11.68 -10.03 30.20
N SER E 62 10.73 -10.36 29.33
CA SER E 62 10.44 -9.50 28.15
C SER E 62 10.03 -8.11 28.65
N CYS E 63 10.59 -7.05 28.08
CA CYS E 63 10.23 -5.70 28.56
C CYS E 63 10.67 -4.60 27.58
N ASN E 64 9.74 -3.68 27.27
CA ASN E 64 10.02 -2.51 26.41
C ASN E 64 10.14 -1.34 27.40
N ILE E 65 11.37 -1.04 27.82
CA ILE E 65 11.65 0.04 28.82
C ILE E 65 10.86 1.32 28.49
N ALA E 66 10.44 1.50 27.23
CA ALA E 66 9.69 2.72 26.84
C ALA E 66 8.26 2.68 27.43
N GLU E 67 7.73 1.49 27.73
CA GLU E 67 6.37 1.32 28.30
C GLU E 67 6.49 1.26 29.83
N LYS E 68 5.88 2.23 30.54
CA LYS E 68 5.96 2.25 32.03
C LYS E 68 5.29 1.00 32.61
N THR E 69 4.16 0.57 32.02
CA THR E 69 3.43 -0.63 32.53
C THR E 69 4.34 -1.86 32.50
N GLN E 70 5.11 -2.05 31.42
CA GLN E 70 6.01 -3.24 31.33
C GLN E 70 7.18 -3.07 32.32
N VAL E 71 7.71 -1.86 32.48
CA VAL E 71 8.84 -1.60 33.42
C VAL E 71 8.36 -1.91 34.86
N GLU E 72 7.10 -1.57 35.18
CA GLU E 72 6.53 -1.86 36.53
C GLU E 72 6.52 -3.37 36.75
N ALA E 73 6.10 -4.13 35.73
CA ALA E 73 6.03 -5.61 35.75
C ALA E 73 7.44 -6.20 35.88
N LEU E 74 8.42 -5.55 35.23
CA LEU E 74 9.83 -6.02 35.29
C LEU E 74 10.29 -6.15 36.74
N PHE E 75 10.18 -5.06 37.52
CA PHE E 75 10.61 -5.07 38.95
C PHE E 75 9.69 -5.97 39.78
N SER E 76 8.39 -6.04 39.46
CA SER E 76 7.46 -6.92 40.23
C SER E 76 7.87 -8.38 40.07
N GLN E 77 8.04 -8.83 38.82
CA GLN E 77 8.44 -10.24 38.52
C GLN E 77 9.87 -10.51 38.99
N ALA E 78 10.75 -9.50 38.89
CA ALA E 78 12.17 -9.65 39.30
C ALA E 78 12.28 -9.88 40.81
N GLU E 79 11.45 -9.20 41.61
CA GLU E 79 11.48 -9.33 43.10
C GLU E 79 10.92 -10.69 43.52
N GLU E 80 9.77 -11.11 42.98
CA GLU E 80 9.22 -12.44 43.38
C GLU E 80 10.15 -13.56 42.90
N ALA E 81 11.07 -13.25 41.97
CA ALA E 81 12.01 -14.25 41.43
C ALA E 81 13.29 -14.34 42.28
N PHE E 82 14.05 -13.24 42.41
CA PHE E 82 15.30 -13.28 43.21
C PHE E 82 15.25 -12.37 44.43
N GLY E 83 14.16 -11.63 44.64
CA GLY E 83 14.06 -10.75 45.82
C GLY E 83 14.50 -9.32 45.54
N PRO E 84 14.82 -8.53 46.59
CA PRO E 84 15.24 -7.13 46.43
C PRO E 84 16.29 -6.89 45.33
N VAL E 85 16.00 -5.92 44.45
CA VAL E 85 16.92 -5.55 43.33
C VAL E 85 17.97 -4.59 43.89
N ASP E 86 19.20 -5.09 44.07
CA ASP E 86 20.33 -4.29 44.64
C ASP E 86 21.06 -3.51 43.55
N ILE E 87 21.01 -3.99 42.29
CA ILE E 87 21.74 -3.30 41.19
C ILE E 87 20.86 -3.13 39.96
N LEU E 88 20.93 -1.95 39.32
CA LEU E 88 20.18 -1.64 38.09
C LEU E 88 21.16 -1.13 37.05
N VAL E 89 21.23 -1.79 35.88
CA VAL E 89 22.14 -1.36 34.79
C VAL E 89 21.26 -1.01 33.58
N ASN E 90 21.11 0.28 33.30
CA ASN E 90 20.31 0.76 32.15
C ASN E 90 21.22 0.77 30.92
N ASN E 91 21.23 -0.34 30.19
CA ASN E 91 22.08 -0.53 28.98
C ASN E 91 21.23 -0.35 27.71
N ALA E 92 20.00 -0.87 27.74
CA ALA E 92 19.07 -0.80 26.59
C ALA E 92 19.18 0.55 25.89
N GLY E 93 19.43 0.53 24.58
CA GLY E 93 19.56 1.75 23.76
C GLY E 93 19.47 1.42 22.29
N ILE E 94 19.16 2.41 21.45
CA ILE E 94 19.04 2.20 19.97
C ILE E 94 19.61 3.41 19.23
N ASN E 95 19.86 3.25 17.92
CA ASN E 95 20.41 4.35 17.08
C ASN E 95 19.53 4.50 15.83
N ARG E 96 19.32 5.75 15.41
CA ARG E 96 18.53 6.14 14.20
C ARG E 96 19.26 7.35 13.62
N ASP E 97 20.54 7.12 13.34
CA ASP E 97 21.42 8.23 12.90
C ASP E 97 20.89 8.88 11.63
N ALA E 98 21.16 10.17 11.50
CA ALA E 98 20.71 10.95 10.34
C ALA E 98 21.24 12.35 10.56
N LEU E 100 21.32 16.44 10.92
CA LEU E 100 20.38 17.34 11.56
C LEU E 100 19.31 17.84 10.58
N HIS E 101 19.70 18.15 9.34
CA HIS E 101 18.75 18.68 8.31
C HIS E 101 17.91 17.56 7.66
N LYS E 102 18.04 16.30 8.11
CA LYS E 102 17.25 15.20 7.49
C LYS E 102 16.64 14.27 8.55
N LEU E 103 16.96 14.46 9.83
CA LEU E 103 16.39 13.57 10.87
C LEU E 103 14.87 13.69 10.91
N THR E 104 14.15 12.60 10.60
CA THR E 104 12.66 12.61 10.60
C THR E 104 12.16 12.71 12.04
N GLU E 105 10.93 13.19 12.22
CA GLU E 105 10.31 13.35 13.56
C GLU E 105 10.12 11.96 14.21
N ALA E 106 9.87 10.93 13.40
CA ALA E 106 9.68 9.54 13.89
C ALA E 106 10.99 9.01 14.48
N ASP E 107 12.11 9.18 13.77
CA ASP E 107 13.44 8.71 14.24
C ASP E 107 13.82 9.47 15.52
N TRP E 108 13.39 10.71 15.65
CA TRP E 108 13.69 11.51 16.88
C TRP E 108 12.94 10.90 18.07
N ASP E 109 11.61 10.78 17.95
CA ASP E 109 10.72 10.24 19.01
C ASP E 109 11.19 8.86 19.50
N THR E 110 11.34 7.90 18.59
CA THR E 110 11.75 6.50 18.95
C THR E 110 13.06 6.50 19.74
N VAL E 111 14.07 7.29 19.36
CA VAL E 111 15.37 7.30 20.09
C VAL E 111 15.20 7.92 21.48
N ILE E 112 14.54 9.08 21.58
CA ILE E 112 14.29 9.76 22.89
C ILE E 112 13.42 8.87 23.78
N ASP E 113 12.35 8.32 23.21
CA ASP E 113 11.37 7.46 23.94
C ASP E 113 12.09 6.24 24.57
N VAL E 114 13.11 5.68 23.90
CA VAL E 114 13.80 4.48 24.45
C VAL E 114 15.02 4.86 25.30
N ASN E 115 16.04 5.47 24.67
CA ASN E 115 17.31 5.85 25.34
C ASN E 115 17.12 6.82 26.51
N LEU E 116 16.24 7.82 26.37
CA LEU E 116 16.06 8.82 27.47
C LEU E 116 14.87 8.48 28.36
N LYS E 117 13.64 8.47 27.82
CA LYS E 117 12.44 8.18 28.65
C LYS E 117 12.51 6.76 29.23
N GLY E 118 12.97 5.78 28.46
CA GLY E 118 13.08 4.40 28.96
C GLY E 118 14.03 4.28 30.13
N THR E 119 15.18 4.97 30.04
CA THR E 119 16.19 4.94 31.13
C THR E 119 15.57 5.57 32.38
N PHE E 120 14.75 6.62 32.18
CA PHE E 120 14.06 7.32 33.29
C PHE E 120 13.09 6.39 34.02
N LEU E 121 12.17 5.75 33.28
CA LEU E 121 11.17 4.83 33.89
C LEU E 121 11.87 3.76 34.75
N CYS E 122 13.00 3.22 34.28
CA CYS E 122 13.74 2.17 35.04
C CYS E 122 14.37 2.78 36.30
N GLN E 124 13.37 5.38 37.87
CA GLN E 124 12.25 5.74 38.72
C GLN E 124 11.84 4.55 39.60
N GLN E 125 11.59 3.39 38.98
CA GLN E 125 11.17 2.17 39.74
C GLN E 125 12.30 1.74 40.68
N ALA E 126 13.56 1.97 40.31
CA ALA E 126 14.69 1.59 41.18
C ALA E 126 14.75 2.52 42.38
N ALA E 127 14.56 3.83 42.15
CA ALA E 127 14.59 4.88 43.20
C ALA E 127 13.49 4.64 44.24
N ILE E 128 12.27 4.34 43.80
CA ILE E 128 11.10 4.09 44.70
C ILE E 128 11.42 2.97 45.69
N ARG E 129 12.19 1.97 45.25
CA ARG E 129 12.55 0.78 46.09
C ARG E 129 13.89 0.93 46.79
N ARG E 131 15.26 3.91 47.80
CA ARG E 131 15.29 4.99 48.77
C ARG E 131 14.61 4.56 50.07
N GLU E 132 14.11 3.32 50.16
CA GLU E 132 13.44 2.82 51.39
C GLU E 132 14.27 1.72 52.04
N ARG E 133 15.20 1.12 51.29
CA ARG E 133 16.07 0.02 51.81
C ARG E 133 17.38 0.60 52.35
N GLY E 134 17.72 1.83 51.97
CA GLY E 134 18.96 2.48 52.45
C GLY E 134 20.21 1.94 51.75
N ALA E 135 20.03 1.34 50.58
CA ALA E 135 21.15 0.77 49.79
C ALA E 135 20.71 0.61 48.33
N GLY E 136 21.67 0.59 47.40
CA GLY E 136 21.31 0.43 45.97
C GLY E 136 22.42 0.86 45.03
N ARG E 137 22.32 0.42 43.77
CA ARG E 137 23.31 0.74 42.71
C ARG E 137 22.60 0.95 41.38
N ILE E 138 22.82 2.12 40.75
CA ILE E 138 22.23 2.45 39.42
C ILE E 138 23.40 2.82 38.51
N ILE E 139 23.56 2.06 37.42
CA ILE E 139 24.68 2.29 36.47
C ILE E 139 24.08 2.47 35.07
N ASN E 140 24.14 3.69 34.56
CA ASN E 140 23.55 4.01 33.25
C ASN E 140 24.62 3.94 32.17
N ILE E 141 24.31 3.31 31.05
CA ILE E 141 25.28 3.23 29.91
C ILE E 141 24.94 4.37 28.95
N ALA E 142 25.81 5.37 28.86
CA ALA E 142 25.62 6.51 27.95
C ALA E 142 26.60 6.37 26.78
N SER E 143 26.98 7.44 26.10
CA SER E 143 27.88 7.22 24.95
C SER E 143 28.94 8.31 24.90
N ALA E 144 30.08 7.98 24.28
CA ALA E 144 31.10 9.04 24.08
C ALA E 144 30.48 10.13 23.19
N SER E 145 29.33 9.82 22.59
CA SER E 145 28.60 10.74 21.69
C SER E 145 27.81 11.78 22.51
N TRP E 146 27.87 11.71 23.85
CA TRP E 146 27.07 12.67 24.68
C TRP E 146 27.62 14.09 24.49
N LEU E 147 28.91 14.22 24.09
CA LEU E 147 29.54 15.55 23.86
C LEU E 147 29.61 15.84 22.35
N GLY E 148 28.65 15.28 21.58
CA GLY E 148 28.57 15.52 20.13
C GLY E 148 29.20 14.42 19.28
N ASN E 149 28.60 14.19 18.11
CA ASN E 149 29.06 13.18 17.11
C ASN E 149 28.21 13.38 15.84
N VAL E 150 28.87 13.50 14.68
CA VAL E 150 28.18 13.72 13.38
C VAL E 150 27.09 12.66 13.15
N GLY E 151 25.93 13.11 12.65
CA GLY E 151 24.77 12.26 12.32
C GLY E 151 24.11 11.63 13.54
N GLN E 152 24.25 12.24 14.72
CA GLN E 152 23.64 11.68 15.95
C GLN E 152 22.97 12.77 16.79
N THR E 153 22.17 13.64 16.16
CA THR E 153 21.48 14.72 16.91
C THR E 153 20.56 14.09 17.97
N ASN E 154 19.83 13.04 17.58
CA ASN E 154 18.88 12.33 18.48
C ASN E 154 19.63 11.45 19.50
N TYR E 155 20.71 10.78 19.08
CA TYR E 155 21.46 9.87 19.98
C TYR E 155 22.25 10.67 21.01
N SER E 156 22.97 11.71 20.58
CA SER E 156 23.78 12.54 21.51
C SER E 156 22.88 13.18 22.58
N ALA E 157 21.73 13.70 22.16
CA ALA E 157 20.76 14.36 23.07
C ALA E 157 20.26 13.35 24.13
N SER E 158 19.90 12.14 23.69
CA SER E 158 19.39 11.11 24.63
C SER E 158 20.50 10.70 25.61
N LYS E 159 21.71 10.45 25.10
CA LYS E 159 22.84 10.04 25.97
C LYS E 159 23.28 11.21 26.85
N ALA E 160 23.22 12.44 26.34
CA ALA E 160 23.59 13.60 27.17
C ALA E 160 22.56 13.74 28.29
N GLY E 161 21.30 13.43 27.96
CA GLY E 161 20.19 13.48 28.94
C GLY E 161 20.38 12.44 30.04
N VAL E 162 20.83 11.23 29.68
CA VAL E 162 21.08 10.15 30.67
C VAL E 162 22.14 10.63 31.66
N VAL E 163 23.17 11.34 31.19
CA VAL E 163 24.24 11.85 32.11
C VAL E 163 23.61 12.89 33.05
N GLY E 164 22.81 13.81 32.51
CA GLY E 164 22.15 14.84 33.34
C GLY E 164 21.32 14.20 34.46
N THR E 166 21.73 11.12 35.61
CA THR E 166 22.64 10.40 36.47
C THR E 166 23.11 11.33 37.60
N LYS E 167 23.45 12.58 37.24
CA LYS E 167 23.94 13.57 38.24
C LYS E 167 22.77 14.01 39.13
N THR E 168 21.57 14.16 38.57
CA THR E 168 20.37 14.56 39.36
C THR E 168 20.02 13.47 40.38
N ALA E 169 20.01 12.21 39.93
CA ALA E 169 19.68 11.06 40.82
C ALA E 169 20.73 10.96 41.94
N CYS E 170 21.98 11.33 41.64
CA CYS E 170 23.08 11.30 42.65
C CYS E 170 22.69 12.21 43.83
N ARG E 171 22.39 13.47 43.53
CA ARG E 171 22.02 14.52 44.54
C ARG E 171 20.76 14.14 45.33
N GLU E 172 19.89 13.27 44.78
CA GLU E 172 18.64 12.91 45.51
C GLU E 172 18.73 11.57 46.24
N LEU E 173 19.62 10.66 45.82
CA LEU E 173 19.69 9.32 46.47
C LEU E 173 20.99 9.07 47.23
N ALA E 174 22.05 9.84 46.96
CA ALA E 174 23.35 9.64 47.65
C ALA E 174 23.17 9.45 49.16
N LYS E 175 22.41 10.36 49.81
CA LYS E 175 22.17 10.31 51.28
C LYS E 175 21.44 9.03 51.68
N LYS E 176 20.80 8.34 50.73
CA LYS E 176 20.05 7.08 51.03
C LYS E 176 20.99 5.88 50.92
N GLY E 177 22.30 6.10 50.74
CA GLY E 177 23.29 5.02 50.62
C GLY E 177 23.28 4.39 49.23
N VAL E 178 22.73 5.12 48.24
CA VAL E 178 22.63 4.65 46.84
C VAL E 178 23.64 5.41 45.97
N THR E 179 24.27 4.73 44.99
CA THR E 179 25.23 5.42 44.09
C THR E 179 24.66 5.36 42.67
N VAL E 180 24.64 6.50 41.98
CA VAL E 180 24.14 6.59 40.58
C VAL E 180 25.30 7.08 39.73
N ASN E 181 25.86 6.18 38.92
CA ASN E 181 27.02 6.51 38.05
C ASN E 181 26.66 6.22 36.59
N ALA E 182 27.45 6.77 35.66
CA ALA E 182 27.22 6.57 34.22
C ALA E 182 28.52 6.14 33.55
N ILE E 183 28.43 5.17 32.64
CA ILE E 183 29.62 4.67 31.90
C ILE E 183 29.44 5.06 30.43
N CYS E 184 30.46 5.70 29.84
CA CYS E 184 30.41 6.12 28.41
C CYS E 184 31.36 5.25 27.59
N PRO E 185 30.87 4.14 26.99
CA PRO E 185 31.74 3.28 26.17
C PRO E 185 32.15 4.02 24.90
N GLY E 186 33.40 3.83 24.46
CA GLY E 186 33.89 4.48 23.24
C GLY E 186 33.41 3.72 22.01
N PHE E 187 34.20 2.74 21.56
CA PHE E 187 33.85 1.90 20.39
C PHE E 187 34.05 0.43 20.81
N ILE E 188 32.94 -0.26 21.12
CA ILE E 188 32.97 -1.68 21.59
C ILE E 188 32.57 -2.62 20.45
N ASP E 189 33.22 -3.80 20.40
CA ASP E 189 32.96 -4.84 19.37
C ASP E 189 31.66 -5.58 19.69
N THR E 190 30.61 -5.32 18.89
CA THR E 190 29.28 -5.96 19.06
C THR E 190 28.65 -6.14 17.67
N ASP E 191 27.50 -6.83 17.60
CA ASP E 191 26.80 -7.06 16.31
C ASP E 191 26.42 -5.74 15.66
N THR E 193 28.17 -2.77 15.86
CA THR E 193 29.38 -2.18 15.31
C THR E 193 29.95 -3.05 14.17
N ARG E 194 29.45 -4.28 13.99
CA ARG E 194 29.95 -5.16 12.90
C ARG E 194 29.10 -4.94 11.64
N GLY E 195 27.88 -4.44 11.80
CA GLY E 195 26.97 -4.19 10.65
C GLY E 195 27.40 -2.99 9.83
N VAL E 196 28.24 -2.11 10.40
CA VAL E 196 28.71 -0.89 9.67
C VAL E 196 29.76 -1.32 8.64
N PRO E 197 29.96 -0.52 7.56
CA PRO E 197 30.96 -0.85 6.53
C PRO E 197 32.38 -1.08 7.06
N GLU E 198 33.22 -1.70 6.23
CA GLU E 198 34.65 -2.03 6.55
C GLU E 198 35.48 -0.74 6.71
N ASN E 199 35.27 0.24 5.82
CA ASN E 199 36.04 1.52 5.88
C ASN E 199 35.63 2.34 7.10
N VAL E 200 34.38 2.19 7.58
CA VAL E 200 33.89 2.96 8.77
C VAL E 200 34.52 2.37 10.04
N TRP E 201 34.80 1.07 10.03
CA TRP E 201 35.40 0.37 11.19
C TRP E 201 36.84 0.84 11.40
N GLN E 202 37.63 0.95 10.32
CA GLN E 202 39.05 1.38 10.39
C GLN E 202 39.17 2.83 10.88
N ILE E 203 38.34 3.73 10.33
CA ILE E 203 38.37 5.18 10.71
C ILE E 203 38.11 5.34 12.20
N VAL E 205 38.59 2.94 14.62
CA VAL E 205 39.66 2.33 15.39
C VAL E 205 40.92 3.20 15.38
N SER E 206 41.15 3.98 14.31
CA SER E 206 42.36 4.85 14.23
C SER E 206 42.27 5.98 15.27
N LYS E 207 41.07 6.23 15.82
CA LYS E 207 40.85 7.30 16.83
C LYS E 207 41.13 6.75 18.25
N ILE E 208 41.21 5.43 18.38
CA ILE E 208 41.45 4.76 19.70
C ILE E 208 42.95 4.70 19.98
N PRO E 209 43.48 5.49 20.95
CA PRO E 209 44.90 5.46 21.28
C PRO E 209 45.37 4.03 21.63
N ALA E 210 44.47 3.24 22.25
CA ALA E 210 44.79 1.84 22.64
C ALA E 210 45.10 1.01 21.39
N GLY E 211 44.55 1.42 20.23
CA GLY E 211 44.78 0.74 18.94
C GLY E 211 43.86 -0.45 18.68
N TYR E 212 42.76 -0.59 19.43
CA TYR E 212 41.85 -1.74 19.19
C TYR E 212 40.46 -1.45 19.74
N ALA E 213 39.45 -2.10 19.16
CA ALA E 213 38.04 -1.94 19.60
C ALA E 213 37.84 -2.72 20.91
N GLY E 214 37.21 -2.11 21.90
CA GLY E 214 36.97 -2.75 23.21
C GLY E 214 36.01 -3.92 23.13
N GLU E 215 35.99 -4.75 24.17
CA GLU E 215 35.11 -5.94 24.25
C GLU E 215 33.95 -5.61 25.21
N ALA E 216 32.92 -6.46 25.25
CA ALA E 216 31.76 -6.22 26.13
C ALA E 216 32.19 -6.34 27.60
N LYS E 217 33.12 -7.25 27.91
CA LYS E 217 33.58 -7.43 29.32
C LYS E 217 34.37 -6.21 29.79
N ASP E 218 34.99 -5.44 28.89
CA ASP E 218 35.74 -4.23 29.33
C ASP E 218 34.76 -3.29 30.03
N VAL E 219 33.52 -3.23 29.52
CA VAL E 219 32.45 -2.37 30.11
C VAL E 219 31.93 -3.08 31.37
N GLY E 220 31.83 -4.41 31.30
CA GLY E 220 31.34 -5.24 32.43
C GLY E 220 32.22 -5.10 33.66
N GLU E 221 33.54 -5.14 33.48
CA GLU E 221 34.50 -5.03 34.62
C GLU E 221 34.23 -3.71 35.37
N CYS E 222 34.00 -2.64 34.62
CA CYS E 222 33.74 -1.30 35.22
C CYS E 222 32.37 -1.30 35.93
N VAL E 223 31.40 -2.05 35.40
CA VAL E 223 30.03 -2.12 36.02
C VAL E 223 30.13 -2.92 37.32
N ALA E 224 30.82 -4.07 37.29
CA ALA E 224 30.98 -4.94 38.48
C ALA E 224 31.68 -4.18 39.60
N PHE E 225 32.57 -3.24 39.25
CA PHE E 225 33.29 -2.44 40.27
C PHE E 225 32.35 -1.40 40.90
N LEU E 226 31.69 -0.58 40.07
CA LEU E 226 30.75 0.46 40.59
C LEU E 226 29.62 -0.20 41.38
N ALA E 227 29.32 -1.46 41.09
CA ALA E 227 28.23 -2.23 41.76
C ALA E 227 28.70 -2.79 43.11
N SER E 228 30.01 -2.78 43.37
CA SER E 228 30.60 -3.33 44.63
C SER E 228 30.51 -2.30 45.75
N ASP E 229 30.75 -2.73 46.98
CA ASP E 229 30.72 -1.86 48.18
C ASP E 229 31.99 -0.98 48.18
N GLY E 230 33.01 -1.38 47.42
CA GLY E 230 34.28 -0.63 47.34
C GLY E 230 34.14 0.69 46.59
N ALA E 231 33.11 0.82 45.74
CA ALA E 231 32.89 2.06 44.97
C ALA E 231 31.76 2.87 45.61
N ARG E 232 31.46 2.61 46.88
CA ARG E 232 30.37 3.31 47.60
C ARG E 232 30.62 4.83 47.67
N TYR E 233 31.87 5.27 47.50
CA TYR E 233 32.12 6.73 47.65
C TYR E 233 32.24 7.36 46.25
N ILE E 234 31.97 6.57 45.22
CA ILE E 234 31.98 7.05 43.80
C ILE E 234 30.51 7.26 43.45
N ASN E 235 30.10 8.52 43.24
CA ASN E 235 28.66 8.78 42.95
C ASN E 235 28.54 9.99 42.03
N GLY E 236 27.71 9.89 40.99
CA GLY E 236 27.50 11.00 40.02
C GLY E 236 28.64 11.14 39.02
N GLU E 237 29.47 10.09 38.87
CA GLU E 237 30.62 10.13 37.91
C GLU E 237 30.28 9.59 36.52
N VAL E 238 31.07 10.07 35.55
CA VAL E 238 30.98 9.67 34.11
C VAL E 238 32.32 8.99 33.81
N ILE E 239 32.31 7.66 33.66
CA ILE E 239 33.58 6.92 33.39
C ILE E 239 33.61 6.50 31.92
N ASN E 240 34.60 7.00 31.17
CA ASN E 240 34.77 6.67 29.73
C ASN E 240 35.55 5.36 29.62
N VAL E 241 34.98 4.39 28.91
CA VAL E 241 35.61 3.06 28.67
C VAL E 241 35.82 2.99 27.14
N GLY E 242 36.82 3.71 26.64
CA GLY E 242 37.10 3.75 25.20
C GLY E 242 38.59 3.74 24.87
N GLY E 243 39.41 3.14 25.75
CA GLY E 243 40.87 3.06 25.52
C GLY E 243 41.48 4.45 25.30
N GLY E 244 40.90 5.48 25.94
CA GLY E 244 41.39 6.86 25.83
C GLY E 244 40.91 7.59 24.58
N VAL E 246 39.00 10.03 22.43
CA VAL E 246 38.35 11.31 22.63
C VAL E 246 37.59 11.61 21.33
N LEU E 247 36.33 11.15 21.26
CA LEU E 247 35.47 11.34 20.06
C LEU E 247 35.30 12.83 19.78
N ALA F 3 28.19 51.53 18.16
CA ALA F 3 27.95 50.82 16.88
C ALA F 3 26.78 49.85 17.03
N LYS F 5 26.44 46.22 15.96
CA LYS F 5 27.14 45.08 15.33
C LYS F 5 26.17 44.13 14.60
N LEU F 6 24.96 43.96 15.14
CA LEU F 6 24.06 42.99 14.50
C LEU F 6 23.19 43.73 13.48
N ALA F 7 23.74 44.80 12.89
CA ALA F 7 22.98 45.56 11.87
C ALA F 7 22.86 44.70 10.60
N SER F 8 21.66 44.69 9.99
CA SER F 8 21.37 43.90 8.76
C SER F 8 21.33 42.41 9.09
N LYS F 9 20.59 42.03 10.14
CA LYS F 9 20.45 40.61 10.56
C LYS F 9 19.06 40.38 11.16
N THR F 10 18.43 39.26 10.81
CA THR F 10 17.09 38.90 11.36
C THR F 10 17.30 37.84 12.43
N ALA F 11 16.59 37.95 13.57
CA ALA F 11 16.78 36.97 14.67
C ALA F 11 15.44 36.45 15.19
N ILE F 12 15.40 35.15 15.50
CA ILE F 12 14.20 34.46 16.05
C ILE F 12 14.56 34.01 17.48
N VAL F 13 13.84 34.55 18.48
CA VAL F 13 14.10 34.20 19.90
C VAL F 13 12.84 33.48 20.43
N THR F 14 12.93 32.16 20.63
CA THR F 14 11.77 31.37 21.14
C THR F 14 11.53 31.73 22.61
N GLY F 15 10.26 31.72 23.03
CA GLY F 15 9.88 32.03 24.42
C GLY F 15 10.45 33.36 24.89
N ALA F 16 10.20 34.45 24.14
CA ALA F 16 10.72 35.78 24.49
C ALA F 16 9.58 36.75 24.87
N ALA F 17 8.46 36.22 25.38
CA ALA F 17 7.33 37.09 25.80
C ALA F 17 7.71 37.80 27.10
N ARG F 18 8.22 37.03 28.06
CA ARG F 18 8.68 37.52 29.39
C ARG F 18 9.92 36.73 29.82
N GLY F 19 10.50 37.13 30.96
CA GLY F 19 11.69 36.45 31.53
C GLY F 19 12.97 36.69 30.74
N ILE F 20 13.90 35.73 30.83
CA ILE F 20 15.22 35.78 30.14
C ILE F 20 15.03 36.05 28.64
N GLY F 21 14.14 35.30 27.99
CA GLY F 21 13.87 35.44 26.55
C GLY F 21 13.67 36.89 26.12
N PHE F 22 12.86 37.65 26.86
CA PHE F 22 12.61 39.07 26.51
C PHE F 22 13.90 39.88 26.70
N GLY F 23 14.72 39.51 27.71
CA GLY F 23 15.99 40.22 27.94
C GLY F 23 16.90 40.10 26.74
N ILE F 24 16.97 38.90 26.15
CA ILE F 24 17.81 38.61 24.95
C ILE F 24 17.31 39.49 23.79
N ALA F 25 16.00 39.50 23.55
CA ALA F 25 15.38 40.29 22.46
C ALA F 25 15.81 41.76 22.58
N GLN F 26 15.75 42.33 23.79
CA GLN F 26 16.14 43.74 24.04
C GLN F 26 17.60 43.97 23.64
N VAL F 27 18.51 43.11 24.11
CA VAL F 27 19.96 43.27 23.76
C VAL F 27 20.12 43.17 22.24
N LEU F 28 19.49 42.17 21.60
CA LEU F 28 19.59 42.03 20.13
C LEU F 28 18.97 43.25 19.44
N ALA F 29 17.84 43.75 19.95
CA ALA F 29 17.16 44.94 19.38
C ALA F 29 18.05 46.18 19.54
N ARG F 30 18.71 46.31 20.71
CA ARG F 30 19.60 47.45 21.00
C ARG F 30 20.79 47.45 20.02
N GLU F 31 21.24 46.26 19.61
CA GLU F 31 22.37 46.10 18.66
C GLU F 31 21.86 46.21 17.22
N GLY F 32 20.70 46.83 17.01
CA GLY F 32 20.08 47.03 15.68
C GLY F 32 19.87 45.74 14.93
N ALA F 33 19.01 44.85 15.46
CA ALA F 33 18.72 43.56 14.81
C ALA F 33 17.21 43.34 14.74
N ARG F 34 16.71 42.85 13.59
CA ARG F 34 15.26 42.59 13.40
C ARG F 34 14.94 41.40 14.33
N VAL F 35 14.06 41.60 15.31
CA VAL F 35 13.72 40.51 16.29
C VAL F 35 12.35 39.89 16.00
N ILE F 36 12.28 38.56 16.16
CA ILE F 36 11.05 37.74 15.97
C ILE F 36 10.75 37.04 17.30
N ILE F 37 9.72 37.49 18.02
CA ILE F 37 9.33 36.87 19.31
C ILE F 37 8.37 35.71 19.03
N ALA F 38 8.84 34.48 19.22
CA ALA F 38 8.02 33.26 18.99
C ALA F 38 7.71 32.58 20.33
N ASP F 39 6.49 32.74 20.83
CA ASP F 39 6.11 32.12 22.13
C ASP F 39 4.59 31.84 22.09
N ARG F 40 4.10 31.07 23.07
CA ARG F 40 2.65 30.71 23.16
C ARG F 40 1.93 31.82 23.95
N ASP F 41 2.64 32.45 24.89
CA ASP F 41 2.08 33.53 25.73
C ASP F 41 1.58 34.67 24.83
N ALA F 42 0.30 35.02 24.93
CA ALA F 42 -0.32 36.09 24.11
C ALA F 42 0.32 37.45 24.45
N HIS F 43 1.09 37.52 25.54
CA HIS F 43 1.76 38.79 25.95
C HIS F 43 2.93 39.08 25.00
N GLY F 44 3.25 38.15 24.11
CA GLY F 44 4.35 38.34 23.15
C GLY F 44 4.09 39.53 22.23
N GLU F 45 2.82 39.89 22.05
CA GLU F 45 2.42 41.05 21.20
C GLU F 45 2.87 42.35 21.89
N ALA F 46 2.56 42.49 23.18
CA ALA F 46 2.92 43.70 23.96
C ALA F 46 4.45 43.82 24.04
N ALA F 47 5.14 42.68 24.19
CA ALA F 47 6.62 42.66 24.28
C ALA F 47 7.22 43.15 22.94
N ALA F 48 6.69 42.65 21.82
CA ALA F 48 7.19 43.03 20.48
C ALA F 48 6.87 44.51 20.21
N ALA F 49 5.70 44.96 20.67
CA ALA F 49 5.26 46.37 20.47
C ALA F 49 6.20 47.31 21.24
N SER F 50 6.75 46.83 22.37
CA SER F 50 7.68 47.64 23.21
C SER F 50 9.02 47.84 22.49
N LEU F 51 9.48 46.83 21.75
CA LEU F 51 10.77 46.93 21.01
C LEU F 51 10.64 47.93 19.86
N ARG F 52 9.43 48.07 19.28
CA ARG F 52 9.23 49.03 18.16
C ARG F 52 9.11 50.45 18.75
N GLU F 53 8.80 50.56 20.04
CA GLU F 53 8.66 51.88 20.73
C GLU F 53 10.05 52.35 21.18
N SER F 54 11.03 51.44 21.23
CA SER F 54 12.41 51.79 21.65
C SER F 54 13.25 52.17 20.42
N GLY F 55 12.66 52.05 19.22
CA GLY F 55 13.35 52.38 17.96
C GLY F 55 14.04 51.18 17.34
N ALA F 56 13.27 50.16 16.96
CA ALA F 56 13.85 48.93 16.35
C ALA F 56 12.73 48.11 15.70
N GLN F 57 13.08 47.28 14.71
CA GLN F 57 12.09 46.43 13.98
C GLN F 57 11.86 45.15 14.78
N ALA F 58 10.60 44.81 15.04
CA ALA F 58 10.24 43.58 15.80
C ALA F 58 8.85 43.08 15.38
N LEU F 59 8.56 41.79 15.64
CA LEU F 59 7.26 41.18 15.26
C LEU F 59 6.99 39.94 16.13
N PHE F 60 5.73 39.76 16.55
CA PHE F 60 5.32 38.59 17.37
C PHE F 60 4.67 37.55 16.44
N ILE F 61 4.92 36.27 16.73
CA ILE F 61 4.35 35.14 15.93
C ILE F 61 3.91 34.03 16.89
N SER F 62 2.60 33.90 17.11
CA SER F 62 2.05 32.84 18.00
C SER F 62 2.52 31.50 17.45
N CYS F 63 3.27 30.74 18.24
CA CYS F 63 3.81 29.44 17.74
C CYS F 63 4.04 28.43 18.87
N ASN F 64 3.83 27.15 18.55
CA ASN F 64 4.04 25.99 19.47
C ASN F 64 5.23 25.21 18.89
N ILE F 65 6.43 25.42 19.45
CA ILE F 65 7.68 24.75 18.96
C ILE F 65 7.57 23.22 19.14
N ALA F 66 6.55 22.73 19.85
CA ALA F 66 6.40 21.26 20.05
C ALA F 66 5.87 20.60 18.78
N GLU F 67 5.22 21.37 17.89
CA GLU F 67 4.65 20.86 16.62
C GLU F 67 5.49 21.34 15.43
N LYS F 68 6.08 20.40 14.68
CA LYS F 68 6.95 20.71 13.51
C LYS F 68 6.18 21.56 12.49
N THR F 69 4.86 21.41 12.43
CA THR F 69 4.00 22.17 11.48
C THR F 69 4.14 23.68 11.73
N GLN F 70 3.95 24.11 12.99
CA GLN F 70 4.02 25.55 13.36
C GLN F 70 5.47 26.06 13.26
N VAL F 71 6.46 25.18 13.47
CA VAL F 71 7.89 25.62 13.39
C VAL F 71 8.18 25.98 11.93
N GLU F 72 7.67 25.18 10.98
CA GLU F 72 7.87 25.44 9.53
C GLU F 72 7.22 26.77 9.15
N ALA F 73 6.05 27.05 9.73
CA ALA F 73 5.30 28.30 9.46
C ALA F 73 5.99 29.49 10.13
N LEU F 74 6.76 29.24 11.20
CA LEU F 74 7.47 30.34 11.92
C LEU F 74 8.54 30.94 11.02
N PHE F 75 9.45 30.10 10.50
CA PHE F 75 10.54 30.58 9.60
C PHE F 75 9.94 31.12 8.29
N SER F 76 8.83 30.55 7.82
CA SER F 76 8.18 31.03 6.58
C SER F 76 7.81 32.51 6.71
N GLN F 77 7.03 32.85 7.75
CA GLN F 77 6.59 34.25 8.00
C GLN F 77 7.80 35.16 8.24
N ALA F 78 8.63 34.81 9.23
CA ALA F 78 9.83 35.59 9.62
C ALA F 78 10.65 36.01 8.39
N GLU F 79 10.74 35.13 7.39
CA GLU F 79 11.54 35.44 6.16
C GLU F 79 10.77 36.40 5.24
N GLU F 80 9.46 36.18 5.05
CA GLU F 80 8.68 37.10 4.17
C GLU F 80 8.55 38.46 4.86
N ALA F 81 8.80 38.50 6.17
CA ALA F 81 8.69 39.76 6.96
C ALA F 81 10.04 40.50 6.98
N PHE F 82 11.09 39.89 7.54
CA PHE F 82 12.41 40.57 7.63
C PHE F 82 13.51 39.84 6.84
N GLY F 83 13.14 38.96 5.90
CA GLY F 83 14.15 38.26 5.09
C GLY F 83 14.84 37.13 5.84
N PRO F 84 15.86 36.49 5.22
CA PRO F 84 16.59 35.36 5.81
C PRO F 84 16.91 35.46 7.31
N VAL F 85 16.72 34.34 8.02
CA VAL F 85 16.98 34.25 9.50
C VAL F 85 18.47 33.96 9.71
N ASP F 86 19.23 34.97 10.14
CA ASP F 86 20.69 34.83 10.38
C ASP F 86 20.97 34.40 11.83
N ILE F 87 20.00 34.59 12.73
CA ILE F 87 20.20 34.24 14.17
C ILE F 87 18.98 33.48 14.72
N LEU F 88 19.25 32.38 15.43
CA LEU F 88 18.19 31.55 16.07
C LEU F 88 18.54 31.41 17.56
N VAL F 89 17.64 31.83 18.45
CA VAL F 89 17.89 31.72 19.92
C VAL F 89 16.82 30.80 20.51
N ASN F 90 17.22 29.60 20.94
CA ASN F 90 16.30 28.60 21.54
C ASN F 90 16.27 28.81 23.06
N ASN F 91 15.31 29.63 23.53
CA ASN F 91 15.16 29.94 24.98
C ASN F 91 13.91 29.26 25.52
N ALA F 92 12.86 29.15 24.69
CA ALA F 92 11.58 28.51 25.08
C ALA F 92 11.85 27.31 26.00
N GLY F 93 11.43 27.43 27.27
CA GLY F 93 11.62 26.35 28.26
C GLY F 93 10.58 26.41 29.36
N ILE F 94 10.27 25.26 29.96
CA ILE F 94 9.25 25.16 31.06
C ILE F 94 9.79 24.25 32.17
N ASN F 95 9.21 24.36 33.36
CA ASN F 95 9.61 23.56 34.55
C ASN F 95 8.41 22.79 35.10
N ARG F 96 8.61 21.51 35.41
CA ARG F 96 7.60 20.59 35.99
C ARG F 96 8.37 19.70 36.99
N ASP F 97 8.97 20.38 37.97
CA ASP F 97 9.80 19.76 39.04
C ASP F 97 9.03 18.69 39.81
N ALA F 98 9.78 17.70 40.31
CA ALA F 98 9.29 16.55 41.09
C ALA F 98 10.53 15.70 41.38
N LEU F 100 12.68 12.27 41.58
CA LEU F 100 12.77 11.13 40.68
C LEU F 100 11.70 10.07 40.96
N HIS F 101 11.48 9.72 42.23
CA HIS F 101 10.51 8.67 42.61
C HIS F 101 9.04 9.13 42.53
N LYS F 102 8.77 10.39 42.17
CA LYS F 102 7.35 10.85 42.10
C LYS F 102 7.06 11.60 40.80
N LEU F 103 8.01 11.67 39.86
CA LEU F 103 7.76 12.41 38.59
C LEU F 103 6.71 11.66 37.75
N THR F 104 5.60 12.32 37.45
CA THR F 104 4.52 11.71 36.63
C THR F 104 5.00 11.61 35.18
N GLU F 105 4.48 10.64 34.43
CA GLU F 105 4.85 10.43 33.01
C GLU F 105 4.40 11.67 32.19
N ALA F 106 3.33 12.33 32.64
CA ALA F 106 2.81 13.54 31.95
C ALA F 106 3.80 14.69 32.12
N ASP F 107 4.28 14.95 33.34
CA ASP F 107 5.25 16.06 33.60
C ASP F 107 6.55 15.77 32.84
N TRP F 108 6.92 14.49 32.71
CA TRP F 108 8.14 14.13 31.96
C TRP F 108 7.97 14.52 30.48
N ASP F 109 6.89 14.03 29.87
CA ASP F 109 6.56 14.26 28.43
C ASP F 109 6.52 15.77 28.09
N THR F 110 5.74 16.56 28.83
CA THR F 110 5.61 18.01 28.54
C THR F 110 6.97 18.73 28.54
N VAL F 111 7.82 18.47 29.54
CA VAL F 111 9.16 19.14 29.63
C VAL F 111 10.06 18.69 28.46
N ILE F 112 10.11 17.39 28.16
CA ILE F 112 10.96 16.89 27.05
C ILE F 112 10.42 17.39 25.70
N ASP F 113 9.09 17.37 25.53
CA ASP F 113 8.43 17.78 24.26
C ASP F 113 8.73 19.27 23.97
N VAL F 114 8.83 20.12 24.98
CA VAL F 114 9.07 21.59 24.74
C VAL F 114 10.57 21.93 24.81
N ASN F 115 11.22 21.60 25.91
CA ASN F 115 12.66 21.95 26.11
C ASN F 115 13.60 21.18 25.16
N LEU F 116 13.35 19.89 24.92
CA LEU F 116 14.30 19.12 24.06
C LEU F 116 13.80 19.04 22.61
N LYS F 117 12.66 18.38 22.38
CA LYS F 117 12.11 18.23 20.99
C LYS F 117 11.86 19.61 20.37
N GLY F 118 11.35 20.56 21.15
CA GLY F 118 11.08 21.92 20.63
C GLY F 118 12.35 22.59 20.14
N THR F 119 13.45 22.42 20.88
CA THR F 119 14.76 23.01 20.50
C THR F 119 15.25 22.34 19.22
N PHE F 120 15.01 21.03 19.11
CA PHE F 120 15.43 20.25 17.91
C PHE F 120 14.70 20.74 16.65
N LEU F 121 13.36 20.74 16.65
CA LEU F 121 12.58 21.17 15.46
C LEU F 121 13.06 22.55 14.98
N CYS F 122 13.31 23.49 15.90
CA CYS F 122 13.78 24.86 15.51
C CYS F 122 15.19 24.77 14.93
N GLN F 124 16.56 22.24 13.54
CA GLN F 124 16.44 21.53 12.27
C GLN F 124 16.10 22.51 11.14
N GLN F 125 15.10 23.37 11.36
CA GLN F 125 14.68 24.36 10.33
C GLN F 125 15.81 25.36 10.05
N ALA F 126 16.54 25.77 11.09
CA ALA F 126 17.65 26.73 10.91
C ALA F 126 18.76 26.08 10.07
N ALA F 127 19.09 24.82 10.39
CA ALA F 127 20.16 24.07 9.69
C ALA F 127 19.88 24.01 8.18
N ILE F 128 18.72 23.47 7.80
CA ILE F 128 18.30 23.32 6.36
C ILE F 128 18.60 24.60 5.58
N ARG F 129 18.30 25.76 6.16
CA ARG F 129 18.50 27.08 5.51
C ARG F 129 19.94 27.56 5.58
N ARG F 131 22.64 26.10 6.19
CA ARG F 131 23.67 25.27 5.57
C ARG F 131 23.78 25.59 4.07
N GLU F 132 22.74 26.17 3.47
CA GLU F 132 22.76 26.52 2.01
C GLU F 132 23.35 27.93 1.84
N ARG F 133 22.91 28.87 2.68
CA ARG F 133 23.35 30.29 2.67
C ARG F 133 24.84 30.40 3.05
N GLY F 134 25.39 29.38 3.71
CA GLY F 134 26.81 29.37 4.11
C GLY F 134 27.12 30.34 5.23
N ALA F 135 26.13 30.63 6.09
CA ALA F 135 26.31 31.56 7.23
C ALA F 135 25.10 31.46 8.16
N GLY F 136 25.31 31.64 9.47
CA GLY F 136 24.21 31.57 10.44
C GLY F 136 24.68 31.41 11.88
N ARG F 137 23.79 31.72 12.83
CA ARG F 137 24.09 31.63 14.28
C ARG F 137 22.94 30.93 15.01
N ILE F 138 23.26 29.85 15.74
CA ILE F 138 22.26 29.09 16.54
C ILE F 138 22.75 29.13 17.99
N ILE F 139 22.00 29.81 18.87
CA ILE F 139 22.37 29.94 20.31
C ILE F 139 21.27 29.28 21.14
N ASN F 140 21.60 28.19 21.83
CA ASN F 140 20.63 27.43 22.66
C ASN F 140 20.79 27.80 24.13
N ILE F 141 19.71 28.18 24.82
CA ILE F 141 19.82 28.43 26.29
C ILE F 141 19.52 27.13 27.06
N ALA F 142 20.55 26.47 27.63
CA ALA F 142 20.34 25.27 28.50
C ALA F 142 20.31 25.76 29.95
N SER F 143 20.55 24.88 30.95
CA SER F 143 20.54 25.50 32.31
C SER F 143 21.76 25.08 33.11
N ALA F 144 22.10 25.90 34.10
CA ALA F 144 23.19 25.41 34.98
C ALA F 144 22.81 24.02 35.53
N SER F 145 21.55 23.64 35.36
CA SER F 145 21.02 22.33 35.84
C SER F 145 21.35 21.21 34.85
N TRP F 146 22.07 21.49 33.76
CA TRP F 146 22.37 20.42 32.77
C TRP F 146 23.28 19.36 33.41
N LEU F 147 24.06 19.75 34.44
CA LEU F 147 24.95 18.77 35.13
C LEU F 147 24.26 18.28 36.41
N GLY F 148 22.93 18.32 36.45
CA GLY F 148 22.14 17.84 37.60
C GLY F 148 21.70 18.92 38.57
N ASN F 149 20.58 18.64 39.26
CA ASN F 149 19.97 19.54 40.28
C ASN F 149 18.79 18.78 40.91
N VAL F 150 18.63 18.89 42.23
CA VAL F 150 17.54 18.18 42.97
C VAL F 150 16.17 18.54 42.40
N GLY F 151 15.29 17.53 42.27
CA GLY F 151 13.91 17.67 41.77
C GLY F 151 13.81 18.07 40.31
N GLN F 152 14.85 17.84 39.50
CA GLN F 152 14.78 18.23 38.06
C GLN F 152 15.27 17.09 37.17
N THR F 153 14.79 15.87 37.40
CA THR F 153 15.20 14.72 36.55
C THR F 153 14.90 15.06 35.09
N ASN F 154 13.67 15.51 34.82
CA ASN F 154 13.20 15.87 33.45
C ASN F 154 13.87 17.14 32.92
N TYR F 155 14.00 18.18 33.73
CA TYR F 155 14.60 19.46 33.25
C TYR F 155 16.11 19.28 32.98
N SER F 156 16.83 18.59 33.88
CA SER F 156 18.28 18.36 33.69
C SER F 156 18.50 17.48 32.45
N ALA F 157 17.59 16.53 32.21
CA ALA F 157 17.68 15.62 31.05
C ALA F 157 17.54 16.44 29.77
N SER F 158 16.51 17.30 29.71
CA SER F 158 16.26 18.16 28.52
C SER F 158 17.41 19.13 28.29
N LYS F 159 17.86 19.82 29.35
CA LYS F 159 18.97 20.80 29.21
C LYS F 159 20.27 20.08 28.84
N ALA F 160 20.60 18.97 29.51
CA ALA F 160 21.83 18.24 29.15
C ALA F 160 21.72 17.82 27.68
N GLY F 161 20.53 17.41 27.25
CA GLY F 161 20.28 16.99 25.85
C GLY F 161 20.55 18.11 24.88
N VAL F 162 20.10 19.33 25.21
CA VAL F 162 20.30 20.52 24.34
C VAL F 162 21.81 20.74 24.14
N VAL F 163 22.61 20.52 25.20
CA VAL F 163 24.09 20.69 25.09
C VAL F 163 24.63 19.66 24.11
N GLY F 164 24.17 18.41 24.22
CA GLY F 164 24.60 17.32 23.32
C GLY F 164 24.30 17.62 21.86
N THR F 166 23.84 20.66 20.70
CA THR F 166 24.63 21.85 20.39
C THR F 166 26.01 21.45 19.84
N LYS F 167 26.67 20.49 20.50
CA LYS F 167 28.01 20.02 20.08
C LYS F 167 27.92 19.21 18.78
N THR F 168 26.82 18.50 18.56
CA THR F 168 26.65 17.71 17.31
C THR F 168 26.50 18.66 16.13
N ALA F 169 25.54 19.60 16.23
CA ALA F 169 25.28 20.59 15.16
C ALA F 169 26.59 21.32 14.81
N CYS F 170 27.45 21.54 15.80
CA CYS F 170 28.75 22.20 15.59
C CYS F 170 29.60 21.39 14.61
N ARG F 171 29.68 20.07 14.84
CA ARG F 171 30.47 19.13 13.99
C ARG F 171 29.87 18.99 12.59
N GLU F 172 28.61 19.40 12.39
CA GLU F 172 27.95 19.25 11.06
C GLU F 172 27.81 20.57 10.31
N LEU F 173 27.68 21.71 11.02
CA LEU F 173 27.47 23.02 10.34
C LEU F 173 28.70 23.93 10.45
N ALA F 174 29.73 23.53 11.20
CA ALA F 174 30.95 24.38 11.35
C ALA F 174 31.58 24.66 9.98
N LYS F 175 31.71 23.62 9.15
CA LYS F 175 32.34 23.75 7.80
C LYS F 175 31.46 24.59 6.87
N LYS F 176 30.21 24.87 7.26
CA LYS F 176 29.27 25.66 6.41
C LYS F 176 29.33 27.14 6.81
N GLY F 177 30.17 27.49 7.80
CA GLY F 177 30.29 28.89 8.27
C GLY F 177 29.22 29.23 9.29
N VAL F 178 28.68 28.21 9.98
CA VAL F 178 27.62 28.39 11.01
C VAL F 178 28.20 27.99 12.38
N THR F 179 27.85 28.74 13.43
CA THR F 179 28.34 28.43 14.80
C THR F 179 27.13 28.05 15.67
N VAL F 180 27.24 26.94 16.40
CA VAL F 180 26.15 26.46 17.29
C VAL F 180 26.73 26.43 18.72
N ASN F 181 26.26 27.32 19.58
CA ASN F 181 26.75 27.41 20.99
C ASN F 181 25.59 27.31 21.97
N ALA F 182 25.91 27.07 23.25
CA ALA F 182 24.89 26.95 24.31
C ALA F 182 25.25 27.84 25.49
N ILE F 183 24.26 28.48 26.10
CA ILE F 183 24.46 29.36 27.28
C ILE F 183 23.71 28.74 28.46
N CYS F 184 24.35 28.67 29.64
CA CYS F 184 23.74 28.10 30.85
C CYS F 184 23.62 29.18 31.93
N PRO F 185 22.45 29.84 32.06
CA PRO F 185 22.27 30.87 33.08
C PRO F 185 22.14 30.26 34.48
N GLY F 186 22.67 30.95 35.49
CA GLY F 186 22.58 30.50 36.89
C GLY F 186 21.29 31.04 37.50
N PHE F 187 21.35 31.71 38.65
CA PHE F 187 20.12 32.29 39.24
C PHE F 187 19.94 33.71 38.70
N ILE F 188 18.93 33.89 37.85
CA ILE F 188 18.61 35.20 37.21
C ILE F 188 17.31 35.75 37.82
N ASP F 189 17.27 37.05 38.11
CA ASP F 189 16.07 37.71 38.69
C ASP F 189 15.11 38.06 37.54
N THR F 190 13.99 37.32 37.45
CA THR F 190 12.98 37.55 36.38
C THR F 190 11.60 37.75 37.02
N ASP F 191 10.56 37.92 36.20
CA ASP F 191 9.16 38.14 36.68
C ASP F 191 8.64 36.90 37.39
N THR F 193 10.50 34.65 39.06
CA THR F 193 11.56 34.14 39.92
C THR F 193 11.56 34.93 41.24
N ARG F 194 11.14 36.20 41.18
CA ARG F 194 11.10 37.07 42.39
C ARG F 194 9.91 36.65 43.27
N GLY F 195 8.93 35.94 42.68
CA GLY F 195 7.74 35.48 43.41
C GLY F 195 8.08 34.34 44.37
N VAL F 196 9.06 34.58 45.25
CA VAL F 196 9.52 33.57 46.26
C VAL F 196 10.01 34.34 47.48
N PRO F 197 9.78 33.83 48.72
CA PRO F 197 10.22 34.52 49.94
C PRO F 197 11.67 35.03 49.91
N GLU F 198 11.90 36.19 50.56
CA GLU F 198 13.25 36.83 50.63
C GLU F 198 14.26 35.94 51.36
N ASN F 199 13.83 35.24 52.41
CA ASN F 199 14.76 34.36 53.17
C ASN F 199 15.30 33.29 52.22
N VAL F 200 14.45 32.80 51.30
CA VAL F 200 14.84 31.77 50.28
C VAL F 200 15.86 32.39 49.34
N TRP F 201 15.51 33.53 48.76
CA TRP F 201 16.35 34.31 47.81
C TRP F 201 17.77 34.43 48.35
N GLN F 202 17.91 34.89 49.61
CA GLN F 202 19.23 35.09 50.27
C GLN F 202 20.07 33.82 50.25
N ILE F 203 19.46 32.67 50.54
CA ILE F 203 20.16 31.35 50.57
C ILE F 203 20.77 31.03 49.21
N VAL F 205 21.43 33.19 46.72
CA VAL F 205 22.42 34.21 46.41
C VAL F 205 23.73 33.92 47.17
N SER F 206 23.64 33.33 48.37
CA SER F 206 24.85 33.03 49.19
C SER F 206 25.74 32.01 48.47
N LYS F 207 25.15 31.20 47.56
CA LYS F 207 25.91 30.18 46.80
C LYS F 207 26.69 30.87 45.66
N ILE F 208 26.15 31.96 45.10
CA ILE F 208 26.76 32.72 43.97
C ILE F 208 27.99 33.47 44.47
N PRO F 209 29.22 33.10 44.04
CA PRO F 209 30.42 33.81 44.47
C PRO F 209 30.32 35.33 44.24
N ALA F 210 29.72 35.73 43.10
CA ALA F 210 29.55 37.16 42.75
C ALA F 210 28.80 37.89 43.87
N GLY F 211 27.93 37.20 44.59
CA GLY F 211 27.17 37.78 45.71
C GLY F 211 25.88 38.47 45.29
N TYR F 212 25.41 38.24 44.05
CA TYR F 212 24.15 38.88 43.59
C TYR F 212 23.54 38.06 42.45
N ALA F 213 22.21 38.12 42.33
CA ALA F 213 21.48 37.40 41.25
C ALA F 213 21.60 38.22 39.97
N GLY F 214 21.88 37.55 38.84
CA GLY F 214 22.03 38.24 37.55
C GLY F 214 20.69 38.72 37.00
N GLU F 215 20.72 39.43 35.87
CA GLU F 215 19.50 39.96 35.22
C GLU F 215 19.37 39.32 33.84
N ALA F 216 18.19 39.43 33.23
CA ALA F 216 17.92 38.84 31.89
C ALA F 216 18.91 39.39 30.85
N LYS F 217 19.24 40.68 30.92
CA LYS F 217 20.18 41.32 29.94
C LYS F 217 21.58 40.68 30.04
N ASP F 218 21.96 40.16 31.21
CA ASP F 218 23.30 39.50 31.35
C ASP F 218 23.37 38.34 30.35
N VAL F 219 22.29 37.58 30.23
CA VAL F 219 22.22 36.43 29.27
C VAL F 219 22.20 36.99 27.84
N GLY F 220 21.52 38.12 27.65
CA GLY F 220 21.42 38.78 26.33
C GLY F 220 22.76 39.27 25.83
N GLU F 221 23.60 39.81 26.75
CA GLU F 221 24.95 40.32 26.38
C GLU F 221 25.77 39.18 25.76
N CYS F 222 25.76 38.01 26.40
CA CYS F 222 26.51 36.83 25.90
C CYS F 222 25.91 36.33 24.58
N VAL F 223 24.60 36.49 24.41
CA VAL F 223 23.90 36.04 23.15
C VAL F 223 24.32 36.98 22.02
N ALA F 224 24.35 38.29 22.27
CA ALA F 224 24.72 39.28 21.24
C ALA F 224 26.15 39.01 20.74
N PHE F 225 27.06 38.70 21.66
CA PHE F 225 28.47 38.41 21.30
C PHE F 225 28.57 37.12 20.47
N LEU F 226 27.93 36.03 20.91
CA LEU F 226 27.99 34.76 20.15
C LEU F 226 27.35 34.94 18.76
N ALA F 227 26.38 35.86 18.65
CA ALA F 227 25.68 36.11 17.37
C ALA F 227 26.45 37.11 16.50
N SER F 228 27.54 37.70 17.00
CA SER F 228 28.33 38.70 16.21
C SER F 228 29.36 37.99 15.32
N ASP F 229 29.92 38.73 14.36
CA ASP F 229 30.94 38.18 13.42
C ASP F 229 32.25 37.93 14.19
N GLY F 230 32.45 38.63 15.30
CA GLY F 230 33.67 38.48 16.12
C GLY F 230 33.78 37.10 16.76
N ALA F 231 32.65 36.47 17.07
CA ALA F 231 32.64 35.13 17.70
C ALA F 231 32.49 34.03 16.64
N ARG F 232 32.97 34.28 15.42
CA ARG F 232 32.84 33.28 14.33
C ARG F 232 33.72 32.05 14.59
N TYR F 233 34.74 32.16 15.45
CA TYR F 233 35.66 31.01 15.67
C TYR F 233 35.32 30.30 17.00
N ILE F 234 34.17 30.64 17.59
CA ILE F 234 33.67 29.99 18.85
C ILE F 234 32.52 29.08 18.43
N ASN F 235 32.68 27.76 18.56
CA ASN F 235 31.60 26.85 18.13
C ASN F 235 31.59 25.62 19.04
N GLY F 236 30.40 25.09 19.34
CA GLY F 236 30.26 23.90 20.21
C GLY F 236 30.60 24.20 21.66
N GLU F 237 30.52 25.47 22.07
CA GLU F 237 30.84 25.87 23.46
C GLU F 237 29.60 26.02 24.35
N VAL F 238 29.83 25.82 25.64
CA VAL F 238 28.83 25.94 26.74
C VAL F 238 29.36 27.07 27.63
N ILE F 239 28.69 28.23 27.63
CA ILE F 239 29.15 29.39 28.45
C ILE F 239 28.20 29.59 29.63
N ASN F 240 28.70 29.43 30.85
CA ASN F 240 27.87 29.63 32.07
C ASN F 240 27.78 31.13 32.37
N VAL F 241 26.57 31.60 32.68
CA VAL F 241 26.31 33.03 33.02
C VAL F 241 25.64 33.01 34.40
N GLY F 242 26.39 32.61 35.43
CA GLY F 242 25.87 32.51 36.81
C GLY F 242 26.82 33.05 37.85
N GLY F 243 27.58 34.09 37.52
CA GLY F 243 28.53 34.71 38.48
C GLY F 243 29.49 33.71 39.11
N GLY F 244 29.91 32.70 38.35
CA GLY F 244 30.87 31.68 38.84
C GLY F 244 30.23 30.65 39.77
N VAL F 246 28.67 27.20 40.84
CA VAL F 246 28.78 25.80 40.48
C VAL F 246 27.60 25.11 41.18
N LEU F 247 26.44 25.10 40.51
CA LEU F 247 25.19 24.50 41.05
C LEU F 247 25.47 23.09 41.58
N SER G 1 -44.12 60.65 -17.54
CA SER G 1 -43.31 60.09 -18.66
C SER G 1 -42.79 61.24 -19.55
N ASN G 2 -41.53 61.65 -19.33
CA ASN G 2 -40.88 62.75 -20.11
C ASN G 2 -39.62 62.20 -20.80
N ALA G 3 -38.98 63.03 -21.65
CA ALA G 3 -37.76 62.65 -22.39
C ALA G 3 -36.60 62.33 -21.45
N LYS G 5 -35.90 61.16 -18.11
CA LYS G 5 -36.46 60.51 -16.93
C LYS G 5 -35.38 60.34 -15.85
N LEU G 6 -34.14 60.76 -16.10
CA LEU G 6 -33.06 60.63 -15.09
C LEU G 6 -32.34 61.98 -14.91
N ALA G 7 -33.00 63.08 -15.27
CA ALA G 7 -32.38 64.43 -15.13
C ALA G 7 -32.20 64.73 -13.63
N SER G 8 -31.11 65.41 -13.28
CA SER G 8 -30.79 65.79 -11.88
C SER G 8 -30.31 64.57 -11.08
N LYS G 9 -29.85 63.51 -11.76
CA LYS G 9 -29.35 62.30 -11.03
C LYS G 9 -27.91 62.01 -11.45
N THR G 10 -27.08 61.67 -10.47
CA THR G 10 -25.65 61.35 -10.71
C THR G 10 -25.50 59.83 -10.74
N ALA G 11 -24.85 59.30 -11.77
CA ALA G 11 -24.68 57.84 -11.88
C ALA G 11 -23.20 57.46 -12.00
N ILE G 12 -22.81 56.40 -11.30
CA ILE G 12 -21.43 55.85 -11.36
C ILE G 12 -21.53 54.52 -12.12
N VAL G 13 -20.81 54.40 -13.24
CA VAL G 13 -20.82 53.16 -14.05
C VAL G 13 -19.38 52.63 -14.06
N THR G 14 -19.13 51.48 -13.42
CA THR G 14 -17.75 50.91 -13.40
C THR G 14 -17.46 50.23 -14.75
N GLY G 15 -16.21 50.26 -15.19
CA GLY G 15 -15.81 49.63 -16.46
C GLY G 15 -16.57 50.22 -17.64
N ALA G 16 -16.85 51.53 -17.60
CA ALA G 16 -17.62 52.23 -18.66
C ALA G 16 -16.69 52.78 -19.75
N ALA G 17 -15.41 52.41 -19.75
CA ALA G 17 -14.47 52.92 -20.78
C ALA G 17 -14.86 52.36 -22.16
N ARG G 18 -15.39 51.13 -22.20
CA ARG G 18 -15.79 50.49 -23.49
C ARG G 18 -16.85 49.44 -23.23
N GLY G 19 -17.24 48.72 -24.28
CA GLY G 19 -18.23 47.62 -24.22
C GLY G 19 -19.57 48.00 -23.61
N ILE G 20 -20.16 47.06 -22.87
CA ILE G 20 -21.48 47.20 -22.20
C ILE G 20 -21.50 48.45 -21.32
N GLY G 21 -20.48 48.62 -20.47
CA GLY G 21 -20.42 49.79 -19.58
C GLY G 21 -20.54 51.11 -20.33
N PHE G 22 -19.80 51.26 -21.43
CA PHE G 22 -19.86 52.52 -22.21
C PHE G 22 -21.27 52.69 -22.81
N GLY G 23 -21.87 51.58 -23.26
CA GLY G 23 -23.23 51.62 -23.83
C GLY G 23 -24.23 52.06 -22.78
N ILE G 24 -24.07 51.55 -21.55
CA ILE G 24 -24.95 51.90 -20.39
C ILE G 24 -24.78 53.39 -20.09
N ALA G 25 -23.53 53.88 -20.09
CA ALA G 25 -23.22 55.30 -19.80
C ALA G 25 -23.93 56.21 -20.81
N GLN G 26 -23.87 55.84 -22.10
CA GLN G 26 -24.51 56.63 -23.18
C GLN G 26 -26.02 56.71 -22.96
N VAL G 27 -26.66 55.58 -22.62
CA VAL G 27 -28.13 55.57 -22.38
C VAL G 27 -28.46 56.45 -21.17
N LEU G 28 -27.75 56.27 -20.05
CA LEU G 28 -28.01 57.09 -18.84
C LEU G 28 -27.81 58.59 -19.14
N ALA G 29 -26.77 58.93 -19.92
CA ALA G 29 -26.50 60.34 -20.29
C ALA G 29 -27.62 60.87 -21.20
N ARG G 30 -28.14 60.00 -22.08
CA ARG G 30 -29.24 60.38 -23.01
C ARG G 30 -30.53 60.61 -22.22
N GLU G 31 -30.61 60.08 -20.99
CA GLU G 31 -31.81 60.25 -20.13
C GLU G 31 -31.58 61.43 -19.17
N GLY G 32 -30.49 62.19 -19.36
CA GLY G 32 -30.18 63.40 -18.57
C GLY G 32 -29.36 63.15 -17.32
N ALA G 33 -28.84 61.94 -17.12
CA ALA G 33 -28.06 61.66 -15.90
C ALA G 33 -26.61 62.15 -16.05
N ARG G 34 -26.02 62.64 -14.95
CA ARG G 34 -24.60 63.08 -14.92
C ARG G 34 -23.84 61.78 -14.72
N VAL G 35 -22.97 61.42 -15.67
CA VAL G 35 -22.27 60.11 -15.57
C VAL G 35 -20.81 60.19 -15.14
N ILE G 36 -20.44 59.29 -14.24
CA ILE G 36 -19.05 59.12 -13.72
C ILE G 36 -18.52 57.86 -14.39
N ILE G 37 -17.60 57.98 -15.34
CA ILE G 37 -17.01 56.79 -16.00
C ILE G 37 -15.86 56.29 -15.14
N ALA G 38 -16.14 55.28 -14.30
CA ALA G 38 -15.14 54.68 -13.39
C ALA G 38 -14.53 53.47 -14.08
N ASP G 39 -13.22 53.51 -14.36
CA ASP G 39 -12.57 52.36 -15.04
C ASP G 39 -11.08 52.38 -14.68
N ARG G 40 -10.43 51.22 -14.77
CA ARG G 40 -8.99 51.12 -14.43
C ARG G 40 -8.13 51.49 -15.65
N ASP G 41 -8.74 51.64 -16.83
CA ASP G 41 -7.98 51.97 -18.07
C ASP G 41 -8.15 53.45 -18.41
N ALA G 42 -7.07 54.10 -18.85
CA ALA G 42 -7.08 55.54 -19.22
C ALA G 42 -7.99 55.79 -20.42
N HIS G 43 -8.40 54.74 -21.14
CA HIS G 43 -9.31 54.97 -22.30
C HIS G 43 -10.64 55.52 -21.78
N GLY G 44 -10.88 55.35 -20.46
CA GLY G 44 -12.11 55.87 -19.84
C GLY G 44 -12.25 57.36 -20.04
N GLU G 45 -11.12 58.06 -20.23
CA GLU G 45 -11.14 59.53 -20.45
C GLU G 45 -11.76 59.81 -21.83
N ALA G 46 -11.41 58.98 -22.82
CA ALA G 46 -11.96 59.14 -24.18
C ALA G 46 -13.48 58.91 -24.11
N ALA G 47 -13.91 57.98 -23.25
CA ALA G 47 -15.34 57.65 -23.08
C ALA G 47 -16.08 58.88 -22.52
N ALA G 48 -15.55 59.47 -21.44
CA ALA G 48 -16.16 60.66 -20.80
C ALA G 48 -16.22 61.81 -21.80
N ALA G 49 -15.12 62.05 -22.53
CA ALA G 49 -15.06 63.13 -23.53
C ALA G 49 -16.14 62.90 -24.60
N SER G 50 -16.38 61.63 -24.95
CA SER G 50 -17.42 61.31 -25.98
C SER G 50 -18.80 61.77 -25.48
N LEU G 51 -19.12 61.51 -24.20
CA LEU G 51 -20.42 61.93 -23.64
C LEU G 51 -20.50 63.47 -23.57
N ARG G 52 -19.41 64.13 -23.14
CA ARG G 52 -19.42 65.61 -23.05
C ARG G 52 -19.62 66.24 -24.43
N GLU G 53 -19.04 65.64 -25.47
CA GLU G 53 -19.16 66.16 -26.86
C GLU G 53 -20.60 65.97 -27.36
N SER G 54 -21.38 65.09 -26.72
CA SER G 54 -22.80 64.86 -27.12
C SER G 54 -23.69 65.85 -26.36
N GLY G 55 -23.11 66.60 -25.41
CA GLY G 55 -23.85 67.60 -24.61
C GLY G 55 -24.13 67.15 -23.19
N ALA G 56 -23.80 65.91 -22.84
CA ALA G 56 -24.05 65.40 -21.47
C ALA G 56 -22.90 65.78 -20.52
N GLN G 57 -23.12 65.64 -19.21
CA GLN G 57 -22.07 65.94 -18.20
C GLN G 57 -21.44 64.60 -17.81
N ALA G 58 -20.15 64.43 -18.08
CA ALA G 58 -19.45 63.17 -17.74
C ALA G 58 -18.05 63.46 -17.19
N LEU G 59 -17.56 62.56 -16.35
CA LEU G 59 -16.22 62.69 -15.72
C LEU G 59 -15.58 61.32 -15.58
N PHE G 60 -14.35 61.18 -16.08
CA PHE G 60 -13.62 59.90 -15.95
C PHE G 60 -12.83 59.91 -14.62
N ILE G 61 -12.89 58.79 -13.89
CA ILE G 61 -12.15 58.64 -12.60
C ILE G 61 -11.44 57.29 -12.64
N SER G 62 -10.10 57.31 -12.68
CA SER G 62 -9.30 56.07 -12.71
C SER G 62 -9.55 55.29 -11.42
N CYS G 63 -9.85 54.00 -11.51
CA CYS G 63 -10.14 53.22 -10.28
C CYS G 63 -10.06 51.71 -10.50
N ASN G 64 -9.37 51.02 -9.59
CA ASN G 64 -9.27 49.54 -9.59
C ASN G 64 -10.25 49.11 -8.50
N ILE G 65 -11.47 48.71 -8.90
CA ILE G 65 -12.54 48.31 -7.93
C ILE G 65 -12.04 47.28 -6.92
N ALA G 66 -10.95 46.57 -7.20
CA ALA G 66 -10.43 45.56 -6.25
C ALA G 66 -9.78 46.25 -5.04
N GLU G 67 -9.30 47.49 -5.23
CA GLU G 67 -8.64 48.28 -4.15
C GLU G 67 -9.70 49.12 -3.40
N LYS G 68 -9.87 48.88 -2.11
CA LYS G 68 -10.87 49.63 -1.30
C LYS G 68 -10.47 51.12 -1.25
N THR G 69 -9.19 51.42 -1.09
CA THR G 69 -8.72 52.83 -1.01
C THR G 69 -9.11 53.58 -2.30
N GLN G 70 -9.00 52.93 -3.47
CA GLN G 70 -9.35 53.59 -4.76
C GLN G 70 -10.87 53.72 -4.88
N VAL G 71 -11.65 52.75 -4.35
CA VAL G 71 -13.14 52.83 -4.43
C VAL G 71 -13.61 53.97 -3.53
N GLU G 72 -12.98 54.14 -2.37
CA GLU G 72 -13.34 55.25 -1.44
C GLU G 72 -13.06 56.59 -2.13
N ALA G 73 -11.92 56.71 -2.82
CA ALA G 73 -11.54 57.94 -3.54
C ALA G 73 -12.55 58.18 -4.68
N LEU G 74 -12.98 57.10 -5.34
CA LEU G 74 -13.97 57.18 -6.46
C LEU G 74 -15.23 57.90 -5.99
N PHE G 75 -15.86 57.41 -4.91
CA PHE G 75 -17.10 58.04 -4.40
C PHE G 75 -16.81 59.45 -3.85
N SER G 76 -15.63 59.67 -3.26
CA SER G 76 -15.29 61.03 -2.72
C SER G 76 -15.26 62.04 -3.87
N GLN G 77 -14.46 61.75 -4.90
CA GLN G 77 -14.31 62.62 -6.11
C GLN G 77 -15.64 62.74 -6.86
N ALA G 78 -16.40 61.65 -6.94
CA ALA G 78 -17.70 61.64 -7.66
C ALA G 78 -18.68 62.66 -7.05
N GLU G 79 -18.88 62.63 -5.74
CA GLU G 79 -19.84 63.55 -5.05
C GLU G 79 -19.28 64.97 -5.01
N GLU G 80 -17.96 65.14 -4.94
CA GLU G 80 -17.38 66.51 -4.91
C GLU G 80 -17.52 67.13 -6.31
N ALA G 81 -17.84 66.33 -7.32
CA ALA G 81 -17.99 66.83 -8.72
C ALA G 81 -19.47 66.99 -9.10
N PHE G 82 -20.25 65.89 -9.05
CA PHE G 82 -21.69 65.98 -9.44
C PHE G 82 -22.65 65.81 -8.25
N GLY G 83 -22.15 65.84 -7.01
CA GLY G 83 -23.05 65.70 -5.85
C GLY G 83 -23.44 64.24 -5.56
N PRO G 84 -24.42 64.04 -4.65
CA PRO G 84 -24.88 62.70 -4.27
C PRO G 84 -25.05 61.67 -5.39
N VAL G 85 -24.50 60.47 -5.18
CA VAL G 85 -24.60 59.36 -6.17
C VAL G 85 -25.96 58.70 -6.00
N ASP G 86 -26.81 58.81 -7.03
CA ASP G 86 -28.19 58.23 -7.01
C ASP G 86 -28.19 56.86 -7.69
N ILE G 87 -27.27 56.63 -8.63
CA ILE G 87 -27.25 55.33 -9.37
C ILE G 87 -25.83 54.75 -9.39
N LEU G 88 -25.71 53.47 -9.06
CA LEU G 88 -24.41 52.74 -9.11
C LEU G 88 -24.58 51.53 -10.03
N VAL G 89 -23.76 51.44 -11.08
CA VAL G 89 -23.86 50.28 -12.01
C VAL G 89 -22.53 49.52 -11.94
N ASN G 90 -22.55 48.34 -11.31
CA ASN G 90 -21.34 47.49 -11.20
C ASN G 90 -21.25 46.63 -12.46
N ASN G 91 -20.54 47.15 -13.47
CA ASN G 91 -20.36 46.50 -14.78
C ASN G 91 -18.96 45.88 -14.90
N ALA G 92 -17.96 46.50 -14.25
CA ALA G 92 -16.56 46.02 -14.30
C ALA G 92 -16.49 44.50 -14.01
N GLY G 93 -15.84 43.77 -14.92
CA GLY G 93 -15.67 42.32 -14.80
C GLY G 93 -14.57 41.84 -15.73
N ILE G 94 -14.00 40.65 -15.47
CA ILE G 94 -12.91 40.10 -16.32
C ILE G 94 -13.06 38.58 -16.42
N ASN G 95 -12.40 37.98 -17.41
CA ASN G 95 -12.44 36.50 -17.61
C ASN G 95 -11.01 35.96 -17.69
N ARG G 96 -10.80 34.83 -17.02
CA ARG G 96 -9.52 34.07 -16.98
C ARG G 96 -9.95 32.60 -17.04
N ASP G 97 -10.68 32.27 -18.11
CA ASP G 97 -11.26 30.92 -18.36
C ASP G 97 -10.18 29.82 -18.38
N ALA G 98 -10.58 28.63 -17.92
CA ALA G 98 -9.75 27.42 -17.84
C ALA G 98 -10.64 26.31 -17.29
N LEU G 100 -11.63 23.30 -14.77
CA LEU G 100 -11.48 23.17 -13.33
C LEU G 100 -10.15 22.51 -12.95
N HIS G 101 -9.70 21.51 -13.73
CA HIS G 101 -8.44 20.78 -13.43
C HIS G 101 -7.19 21.54 -13.91
N LYS G 102 -7.35 22.72 -14.52
CA LYS G 102 -6.17 23.50 -15.01
C LYS G 102 -6.17 24.93 -14.48
N LEU G 103 -7.28 25.43 -13.95
CA LEU G 103 -7.34 26.83 -13.46
C LEU G 103 -6.22 27.08 -12.43
N THR G 104 -5.34 28.05 -12.73
CA THR G 104 -4.22 28.41 -11.82
C THR G 104 -4.79 29.22 -10.65
N GLU G 105 -4.05 29.26 -9.53
CA GLU G 105 -4.49 30.03 -8.33
C GLU G 105 -4.53 31.52 -8.68
N ALA G 106 -3.62 31.97 -9.56
CA ALA G 106 -3.54 33.39 -9.98
C ALA G 106 -4.82 33.79 -10.73
N ASP G 107 -5.22 33.01 -11.73
CA ASP G 107 -6.46 33.29 -12.52
C ASP G 107 -7.67 33.26 -11.59
N TRP G 108 -7.68 32.36 -10.60
CA TRP G 108 -8.83 32.32 -9.66
C TRP G 108 -8.88 33.63 -8.86
N ASP G 109 -7.77 33.98 -8.22
CA ASP G 109 -7.65 35.21 -7.38
C ASP G 109 -8.06 36.48 -8.13
N THR G 110 -7.51 36.76 -9.32
CA THR G 110 -7.85 38.03 -10.03
C THR G 110 -9.34 38.09 -10.41
N VAL G 111 -9.95 36.98 -10.84
CA VAL G 111 -11.39 37.02 -11.24
C VAL G 111 -12.26 37.25 -10.00
N ILE G 112 -11.97 36.59 -8.88
CA ILE G 112 -12.77 36.77 -7.64
C ILE G 112 -12.50 38.16 -7.03
N ASP G 113 -11.23 38.58 -7.02
CA ASP G 113 -10.81 39.87 -6.43
C ASP G 113 -11.46 41.05 -7.19
N VAL G 114 -11.72 40.89 -8.49
CA VAL G 114 -12.31 41.98 -9.32
C VAL G 114 -13.84 41.86 -9.41
N ASN G 115 -14.33 40.78 -10.03
CA ASN G 115 -15.79 40.56 -10.23
C ASN G 115 -16.59 40.45 -8.93
N LEU G 116 -16.05 39.77 -7.90
CA LEU G 116 -16.84 39.57 -6.65
C LEU G 116 -16.45 40.60 -5.56
N LYS G 117 -15.19 40.63 -5.14
CA LYS G 117 -14.76 41.59 -4.09
C LYS G 117 -14.93 43.03 -4.58
N GLY G 118 -14.56 43.30 -5.84
CA GLY G 118 -14.69 44.66 -6.40
C GLY G 118 -16.14 45.14 -6.37
N THR G 119 -17.06 44.29 -6.80
CA THR G 119 -18.52 44.63 -6.82
C THR G 119 -18.94 44.95 -5.38
N PHE G 120 -18.43 44.16 -4.41
CA PHE G 120 -18.75 44.35 -2.97
C PHE G 120 -18.26 45.72 -2.47
N LEU G 121 -16.98 46.04 -2.71
CA LEU G 121 -16.42 47.35 -2.24
C LEU G 121 -17.27 48.51 -2.78
N CYS G 122 -17.74 48.43 -4.03
CA CYS G 122 -18.55 49.53 -4.63
C CYS G 122 -19.94 49.57 -3.99
N GLN G 124 -20.80 48.61 -1.14
CA GLN G 124 -20.63 49.06 0.23
C GLN G 124 -20.61 50.60 0.28
N GLN G 125 -19.76 51.23 -0.54
CA GLN G 125 -19.68 52.72 -0.54
C GLN G 125 -21.03 53.32 -0.95
N ALA G 126 -21.78 52.62 -1.80
CA ALA G 126 -23.11 53.10 -2.21
C ALA G 126 -24.09 52.95 -1.04
N ALA G 127 -24.01 51.81 -0.35
CA ALA G 127 -24.90 51.49 0.80
C ALA G 127 -24.72 52.52 1.93
N ILE G 128 -23.47 52.77 2.34
CA ILE G 128 -23.15 53.76 3.43
C ILE G 128 -23.90 55.08 3.21
N ARG G 129 -23.89 55.58 1.98
CA ARG G 129 -24.51 56.88 1.60
C ARG G 129 -26.02 56.79 1.37
N ARG G 131 -28.30 54.49 2.24
CA ARG G 131 -29.14 54.10 3.36
C ARG G 131 -29.47 55.30 4.26
N GLU G 132 -28.60 56.32 4.30
CA GLU G 132 -28.84 57.52 5.16
C GLU G 132 -29.65 58.58 4.39
N ARG G 133 -29.63 58.56 3.06
CA ARG G 133 -30.37 59.55 2.22
C ARG G 133 -31.81 59.09 1.95
N GLY G 134 -32.09 57.79 2.12
CA GLY G 134 -33.46 57.25 1.90
C GLY G 134 -33.81 57.11 0.44
N ALA G 135 -32.81 56.95 -0.44
CA ALA G 135 -33.05 56.79 -1.89
C ALA G 135 -31.77 56.29 -2.57
N GLY G 136 -31.91 55.55 -3.67
CA GLY G 136 -30.72 55.05 -4.37
C GLY G 136 -31.05 53.91 -5.33
N ARG G 137 -30.13 53.63 -6.24
CA ARG G 137 -30.28 52.55 -7.26
C ARG G 137 -28.95 51.83 -7.43
N ILE G 138 -28.93 50.51 -7.17
CA ILE G 138 -27.71 49.67 -7.37
C ILE G 138 -28.09 48.62 -8.40
N ILE G 139 -27.36 48.59 -9.51
CA ILE G 139 -27.64 47.61 -10.61
C ILE G 139 -26.35 46.85 -10.89
N ASN G 140 -26.38 45.54 -10.70
CA ASN G 140 -25.17 44.71 -10.89
C ASN G 140 -25.27 43.93 -12.20
N ILE G 141 -24.17 43.84 -12.94
CA ILE G 141 -24.10 43.03 -14.19
C ILE G 141 -23.50 41.67 -13.83
N ALA G 142 -24.32 40.60 -13.81
CA ALA G 142 -23.85 39.22 -13.50
C ALA G 142 -23.70 38.47 -14.83
N SER G 143 -23.79 37.12 -14.83
CA SER G 143 -23.66 36.54 -16.19
C SER G 143 -24.65 35.42 -16.37
N ALA G 144 -24.98 35.15 -17.61
CA ALA G 144 -25.83 33.93 -17.74
C ALA G 144 -25.03 32.73 -17.25
N SER G 145 -23.72 32.92 -17.03
CA SER G 145 -22.81 31.85 -16.55
C SER G 145 -22.97 31.65 -15.03
N TRP G 146 -23.84 32.40 -14.35
CA TRP G 146 -23.99 32.24 -12.88
C TRP G 146 -24.58 30.86 -12.56
N LEU G 147 -25.30 30.24 -13.51
CA LEU G 147 -25.88 28.89 -13.29
C LEU G 147 -25.01 27.83 -13.99
N GLY G 148 -23.73 28.14 -14.23
CA GLY G 148 -22.79 27.17 -14.82
C GLY G 148 -22.46 27.41 -16.29
N ASN G 149 -21.19 27.18 -16.64
CA ASN G 149 -20.67 27.33 -18.04
C ASN G 149 -19.29 26.65 -18.09
N VAL G 150 -19.07 25.80 -19.10
CA VAL G 150 -17.79 25.06 -19.28
C VAL G 150 -16.59 26.02 -19.32
N GLY G 151 -15.53 25.67 -18.58
CA GLY G 151 -14.27 26.44 -18.51
C GLY G 151 -14.40 27.75 -17.77
N GLN G 152 -15.43 27.92 -16.93
CA GLN G 152 -15.61 29.19 -16.18
C GLN G 152 -15.88 28.95 -14.70
N THR G 153 -15.03 28.16 -14.03
CA THR G 153 -15.20 27.88 -12.58
C THR G 153 -15.13 29.19 -11.79
N ASN G 154 -14.09 29.99 -12.04
CA ASN G 154 -13.87 31.28 -11.33
C ASN G 154 -14.92 32.33 -11.76
N TYR G 155 -15.24 32.41 -13.05
CA TYR G 155 -16.20 33.43 -13.55
C TYR G 155 -17.62 33.10 -13.06
N SER G 156 -18.04 31.83 -13.15
CA SER G 156 -19.41 31.45 -12.69
C SER G 156 -19.53 31.67 -11.18
N ALA G 157 -18.46 31.40 -10.43
CA ALA G 157 -18.48 31.57 -8.96
C ALA G 157 -18.64 33.05 -8.61
N SER G 158 -17.84 33.91 -9.26
CA SER G 158 -17.89 35.37 -9.00
C SER G 158 -19.24 35.94 -9.42
N LYS G 159 -19.78 35.52 -10.55
CA LYS G 159 -21.09 36.04 -11.05
C LYS G 159 -22.25 35.49 -10.20
N ALA G 160 -22.15 34.23 -9.73
CA ALA G 160 -23.22 33.68 -8.87
C ALA G 160 -23.15 34.42 -7.54
N GLY G 161 -21.93 34.78 -7.11
CA GLY G 161 -21.72 35.54 -5.86
C GLY G 161 -22.36 36.90 -5.94
N VAL G 162 -22.23 37.58 -7.09
CA VAL G 162 -22.83 38.93 -7.29
C VAL G 162 -24.36 38.83 -7.14
N VAL G 163 -24.97 37.75 -7.64
CA VAL G 163 -26.44 37.57 -7.53
C VAL G 163 -26.81 37.38 -6.05
N GLY G 164 -26.01 36.60 -5.30
CA GLY G 164 -26.28 36.36 -3.88
C GLY G 164 -26.25 37.67 -3.07
N THR G 166 -26.60 40.66 -4.35
CA THR G 166 -27.69 41.48 -4.86
C THR G 166 -28.94 41.25 -4.00
N LYS G 167 -29.24 39.99 -3.72
CA LYS G 167 -30.43 39.61 -2.90
C LYS G 167 -30.22 40.03 -1.45
N THR G 168 -29.01 39.88 -0.92
CA THR G 168 -28.73 40.29 0.48
C THR G 168 -28.93 41.80 0.63
N ALA G 169 -28.37 42.57 -0.29
CA ALA G 169 -28.47 44.05 -0.26
C ALA G 169 -29.94 44.47 -0.35
N CYS G 170 -30.74 43.73 -1.14
CA CYS G 170 -32.19 44.02 -1.28
C CYS G 170 -32.84 43.99 0.10
N ARG G 171 -32.69 42.87 0.82
CA ARG G 171 -33.27 42.66 2.17
C ARG G 171 -32.80 43.73 3.16
N GLU G 172 -31.54 44.16 3.08
CA GLU G 172 -30.99 45.18 4.02
C GLU G 172 -31.32 46.62 3.61
N LEU G 173 -31.40 46.94 2.31
CA LEU G 173 -31.63 48.35 1.88
C LEU G 173 -33.05 48.62 1.35
N ALA G 174 -33.87 47.59 1.11
CA ALA G 174 -35.22 47.82 0.55
C ALA G 174 -36.02 48.82 1.41
N LYS G 175 -35.99 48.68 2.74
CA LYS G 175 -36.73 49.57 3.67
C LYS G 175 -36.19 51.00 3.65
N LYS G 176 -35.02 51.23 3.03
CA LYS G 176 -34.42 52.59 2.98
C LYS G 176 -34.78 53.28 1.65
N GLY G 177 -35.76 52.74 0.91
CA GLY G 177 -36.18 53.33 -0.38
C GLY G 177 -35.15 53.10 -1.47
N VAL G 178 -34.29 52.09 -1.29
CA VAL G 178 -33.23 51.76 -2.28
C VAL G 178 -33.61 50.43 -2.96
N THR G 179 -33.21 50.24 -4.22
CA THR G 179 -33.50 48.97 -4.94
C THR G 179 -32.16 48.40 -5.41
N VAL G 180 -31.95 47.11 -5.22
CA VAL G 180 -30.71 46.43 -5.65
C VAL G 180 -31.14 45.31 -6.61
N ASN G 181 -30.77 45.43 -7.88
CA ASN G 181 -31.16 44.44 -8.92
C ASN G 181 -29.93 43.99 -9.69
N ALA G 182 -30.01 42.81 -10.30
CA ALA G 182 -28.91 42.25 -11.10
C ALA G 182 -29.38 41.97 -12.52
N ILE G 183 -28.54 42.30 -13.50
CA ILE G 183 -28.85 42.05 -14.94
C ILE G 183 -27.87 40.98 -15.41
N CYS G 184 -28.38 39.93 -16.06
CA CYS G 184 -27.54 38.83 -16.61
C CYS G 184 -27.56 38.88 -18.13
N PRO G 185 -26.61 39.58 -18.78
CA PRO G 185 -26.58 39.62 -20.24
C PRO G 185 -26.24 38.23 -20.77
N GLY G 186 -26.83 37.84 -21.90
CA GLY G 186 -26.54 36.53 -22.51
C GLY G 186 -25.24 36.59 -23.30
N PHE G 187 -25.35 36.88 -24.59
CA PHE G 187 -24.17 37.01 -25.48
C PHE G 187 -24.29 38.36 -26.17
N ILE G 188 -23.46 39.32 -25.75
CA ILE G 188 -23.50 40.71 -26.29
C ILE G 188 -22.29 40.99 -27.20
N ASP G 189 -22.54 41.69 -28.30
CA ASP G 189 -21.49 42.05 -29.30
C ASP G 189 -20.60 43.16 -28.71
N THR G 190 -19.35 42.81 -28.38
CA THR G 190 -18.35 43.75 -27.81
C THR G 190 -16.95 43.32 -28.28
N ASP G 191 -15.90 44.03 -27.86
CA ASP G 191 -14.51 43.68 -28.26
C ASP G 191 -14.12 42.33 -27.68
N THR G 193 -16.19 39.70 -27.07
CA THR G 193 -16.84 38.64 -27.84
C THR G 193 -16.33 38.61 -29.29
N ARG G 194 -15.81 39.72 -29.81
CA ARG G 194 -15.28 39.73 -31.21
C ARG G 194 -13.86 39.16 -31.22
N GLY G 195 -13.28 38.94 -30.03
CA GLY G 195 -11.90 38.40 -29.90
C GLY G 195 -11.85 36.88 -29.96
N VAL G 196 -12.98 36.21 -29.70
CA VAL G 196 -13.02 34.72 -29.72
C VAL G 196 -13.05 34.27 -31.19
N PRO G 197 -12.73 32.99 -31.48
CA PRO G 197 -12.74 32.48 -32.85
C PRO G 197 -14.15 32.57 -33.47
N GLU G 198 -14.23 32.52 -34.80
CA GLU G 198 -15.52 32.60 -35.55
C GLU G 198 -16.40 31.37 -35.28
N ASN G 199 -15.80 30.17 -35.25
CA ASN G 199 -16.60 28.93 -35.02
C ASN G 199 -17.27 28.99 -33.63
N VAL G 200 -16.66 29.69 -32.67
CA VAL G 200 -17.26 29.80 -31.30
C VAL G 200 -18.42 30.80 -31.36
N TRP G 201 -18.26 31.87 -32.16
CA TRP G 201 -19.31 32.91 -32.32
C TRP G 201 -20.57 32.28 -32.91
N GLN G 202 -20.44 31.48 -33.97
CA GLN G 202 -21.58 30.80 -34.65
C GLN G 202 -22.31 29.86 -33.68
N ILE G 203 -21.58 29.13 -32.83
CA ILE G 203 -22.19 28.19 -31.85
C ILE G 203 -22.94 28.98 -30.77
N VAL G 205 -24.27 31.99 -31.01
CA VAL G 205 -25.44 32.61 -31.62
C VAL G 205 -26.52 31.57 -31.89
N SER G 206 -26.14 30.33 -32.22
CA SER G 206 -27.14 29.26 -32.52
C SER G 206 -27.94 28.89 -31.27
N LYS G 207 -27.47 29.30 -30.08
CA LYS G 207 -28.17 28.97 -28.80
C LYS G 207 -29.08 30.13 -28.38
N ILE G 208 -29.12 31.20 -29.18
CA ILE G 208 -29.96 32.40 -28.89
C ILE G 208 -31.27 32.29 -29.68
N PRO G 209 -32.42 32.01 -29.03
CA PRO G 209 -33.69 31.90 -29.74
C PRO G 209 -33.99 33.10 -30.66
N ALA G 210 -33.60 34.31 -30.24
CA ALA G 210 -33.84 35.54 -31.06
C ALA G 210 -33.07 35.44 -32.38
N GLY G 211 -32.00 34.64 -32.40
CA GLY G 211 -31.18 34.43 -33.62
C GLY G 211 -30.07 35.44 -33.82
N TYR G 212 -29.75 36.27 -32.83
CA TYR G 212 -28.66 37.26 -33.03
C TYR G 212 -28.04 37.68 -31.69
N ALA G 213 -26.77 38.11 -31.75
CA ALA G 213 -26.04 38.57 -30.54
C ALA G 213 -26.60 39.94 -30.13
N GLY G 214 -26.75 40.18 -28.82
CA GLY G 214 -27.28 41.46 -28.32
C GLY G 214 -26.29 42.58 -28.50
N GLU G 215 -26.72 43.81 -28.20
CA GLU G 215 -25.84 45.01 -28.31
C GLU G 215 -25.77 45.65 -26.92
N ALA G 216 -24.79 46.53 -26.71
CA ALA G 216 -24.63 47.20 -25.39
C ALA G 216 -25.90 48.01 -25.05
N LYS G 217 -26.55 48.61 -26.06
CA LYS G 217 -27.77 49.43 -25.82
C LYS G 217 -28.89 48.56 -25.22
N ASP G 218 -28.96 47.27 -25.58
CA ASP G 218 -29.99 46.36 -25.02
C ASP G 218 -29.85 46.29 -23.50
N VAL G 219 -28.61 46.24 -23.01
CA VAL G 219 -28.36 46.18 -21.54
C VAL G 219 -28.62 47.58 -20.96
N GLY G 220 -28.19 48.62 -21.67
CA GLY G 220 -28.35 50.02 -21.25
C GLY G 220 -29.80 50.39 -21.03
N GLU G 221 -30.68 49.95 -21.94
CA GLU G 221 -32.13 50.25 -21.82
C GLU G 221 -32.69 49.62 -20.54
N CYS G 222 -32.28 48.38 -20.25
CA CYS G 222 -32.78 47.69 -19.03
C CYS G 222 -32.28 48.42 -17.78
N VAL G 223 -31.01 48.87 -17.78
CA VAL G 223 -30.43 49.60 -16.64
C VAL G 223 -31.22 50.90 -16.44
N ALA G 224 -31.48 51.62 -17.54
CA ALA G 224 -32.24 52.90 -17.48
C ALA G 224 -33.58 52.67 -16.79
N PHE G 225 -34.28 51.59 -17.16
CA PHE G 225 -35.61 51.27 -16.56
C PHE G 225 -35.48 51.01 -15.05
N LEU G 226 -34.54 50.13 -14.64
CA LEU G 226 -34.36 49.82 -13.20
C LEU G 226 -33.95 51.07 -12.42
N ALA G 227 -33.29 52.04 -13.07
CA ALA G 227 -32.86 53.28 -12.37
C ALA G 227 -34.02 54.30 -12.31
N SER G 228 -35.10 54.06 -13.05
CA SER G 228 -36.26 55.00 -13.06
C SER G 228 -37.15 54.76 -11.84
N ASP G 229 -38.00 55.74 -11.53
CA ASP G 229 -38.94 55.67 -10.39
C ASP G 229 -40.02 54.63 -10.70
N GLY G 230 -40.21 54.31 -11.99
CA GLY G 230 -41.21 53.31 -12.41
C GLY G 230 -40.81 51.89 -12.06
N ALA G 231 -39.56 51.70 -11.59
CA ALA G 231 -39.06 50.36 -11.20
C ALA G 231 -38.75 50.34 -9.71
N ARG G 232 -39.40 51.22 -8.95
CA ARG G 232 -39.17 51.31 -7.49
C ARG G 232 -39.68 50.06 -6.76
N TYR G 233 -40.54 49.26 -7.39
CA TYR G 233 -41.09 48.09 -6.66
C TYR G 233 -40.44 46.80 -7.16
N ILE G 234 -39.40 46.94 -7.99
CA ILE G 234 -38.61 45.78 -8.52
C ILE G 234 -37.34 45.77 -7.66
N ASN G 235 -37.17 44.75 -6.82
CA ASN G 235 -35.99 44.74 -5.93
C ASN G 235 -35.51 43.29 -5.72
N GLY G 236 -34.20 43.08 -5.78
CA GLY G 236 -33.61 41.73 -5.60
C GLY G 236 -33.88 40.84 -6.81
N GLU G 237 -34.21 41.43 -7.95
CA GLU G 237 -34.49 40.64 -9.19
C GLU G 237 -33.25 40.37 -10.03
N VAL G 238 -33.35 39.31 -10.82
CA VAL G 238 -32.28 38.86 -11.76
C VAL G 238 -32.94 38.90 -13.14
N ILE G 239 -32.63 39.95 -13.93
CA ILE G 239 -33.24 40.09 -15.29
C ILE G 239 -32.24 39.62 -16.34
N ASN G 240 -32.63 38.65 -17.17
CA ASN G 240 -31.76 38.13 -18.25
C ASN G 240 -31.99 38.96 -19.52
N VAL G 241 -30.90 39.43 -20.11
CA VAL G 241 -30.93 40.21 -21.38
C VAL G 241 -30.09 39.39 -22.37
N GLY G 242 -30.67 38.29 -22.87
CA GLY G 242 -29.95 37.40 -23.79
C GLY G 242 -30.84 36.79 -24.87
N GLY G 243 -31.90 37.49 -25.27
CA GLY G 243 -32.81 36.99 -26.31
C GLY G 243 -33.41 35.63 -26.01
N GLY G 244 -33.60 35.31 -24.72
CA GLY G 244 -34.19 34.04 -24.28
C GLY G 244 -33.19 32.88 -24.24
N VAL G 246 -30.79 30.17 -22.87
CA VAL G 246 -30.65 29.39 -21.66
C VAL G 246 -29.29 28.70 -21.83
N LEU G 247 -28.25 29.27 -21.24
CA LEU G 247 -26.87 28.72 -21.37
C LEU G 247 -26.84 27.30 -20.78
N ASN H 2 -26.66 -5.06 8.25
CA ASN H 2 -27.00 -3.64 7.91
C ASN H 2 -26.59 -3.36 6.46
N ALA H 3 -27.45 -2.66 5.70
CA ALA H 3 -27.18 -2.33 4.29
C ALA H 3 -26.11 -1.25 4.19
N LYS H 5 -24.12 0.66 1.58
CA LYS H 5 -24.05 1.03 0.17
C LYS H 5 -22.70 1.64 -0.22
N LEU H 6 -21.89 2.07 0.75
CA LEU H 6 -20.58 2.71 0.42
C LEU H 6 -19.41 1.96 1.07
N ALA H 7 -19.37 0.64 0.94
CA ALA H 7 -18.30 -0.17 1.58
C ALA H 7 -16.94 0.03 0.88
N SER H 8 -16.87 -0.24 -0.43
CA SER H 8 -15.59 -0.12 -1.18
C SER H 8 -15.32 1.35 -1.60
N LYS H 9 -15.66 2.32 -0.74
CA LYS H 9 -15.43 3.75 -1.13
C LYS H 9 -14.74 4.52 -0.01
N THR H 10 -13.93 5.51 -0.41
CA THR H 10 -13.16 6.40 0.51
C THR H 10 -13.70 7.82 0.33
N ALA H 11 -14.03 8.50 1.43
CA ALA H 11 -14.59 9.86 1.33
C ALA H 11 -13.81 10.86 2.19
N ILE H 12 -13.65 12.08 1.67
CA ILE H 12 -12.99 13.20 2.39
C ILE H 12 -14.08 14.22 2.71
N VAL H 13 -14.25 14.55 4.00
CA VAL H 13 -15.29 15.53 4.41
C VAL H 13 -14.60 16.71 5.09
N THR H 14 -14.55 17.86 4.41
CA THR H 14 -13.89 19.07 4.98
C THR H 14 -14.79 19.65 6.08
N GLY H 15 -14.20 20.28 7.10
CA GLY H 15 -14.96 20.88 8.22
C GLY H 15 -15.84 19.84 8.90
N ALA H 16 -15.33 18.62 9.08
CA ALA H 16 -16.09 17.51 9.70
C ALA H 16 -15.71 17.29 11.16
N ALA H 17 -15.11 18.28 11.83
CA ALA H 17 -14.74 18.10 13.25
C ALA H 17 -16.01 18.22 14.12
N ARG H 18 -16.90 19.16 13.78
CA ARG H 18 -18.14 19.38 14.56
C ARG H 18 -19.33 19.67 13.63
N GLY H 19 -20.50 19.91 14.23
CA GLY H 19 -21.76 20.25 13.54
C GLY H 19 -22.10 19.37 12.35
N ILE H 20 -22.71 19.99 11.34
CA ILE H 20 -23.17 19.33 10.08
C ILE H 20 -22.07 18.42 9.51
N GLY H 21 -20.83 18.92 9.42
CA GLY H 21 -19.72 18.12 8.88
C GLY H 21 -19.54 16.79 9.58
N PHE H 22 -19.60 16.79 10.92
CA PHE H 22 -19.44 15.51 11.67
C PHE H 22 -20.65 14.62 11.43
N GLY H 23 -21.86 15.21 11.32
CA GLY H 23 -23.07 14.41 11.07
C GLY H 23 -22.97 13.70 9.72
N ILE H 24 -22.30 14.34 8.76
CA ILE H 24 -22.09 13.78 7.39
C ILE H 24 -21.07 12.65 7.46
N ALA H 25 -20.05 12.79 8.31
CA ALA H 25 -19.01 11.75 8.48
C ALA H 25 -19.64 10.52 9.13
N GLN H 26 -20.54 10.72 10.10
CA GLN H 26 -21.22 9.61 10.81
C GLN H 26 -22.08 8.78 9.84
N VAL H 27 -22.89 9.44 9.01
CA VAL H 27 -23.75 8.71 8.04
C VAL H 27 -22.89 7.95 7.02
N LEU H 28 -21.85 8.59 6.47
CA LEU H 28 -20.96 7.91 5.48
C LEU H 28 -20.25 6.72 6.14
N ALA H 29 -19.72 6.92 7.35
CA ALA H 29 -19.00 5.84 8.08
C ALA H 29 -19.98 4.68 8.34
N ARG H 30 -21.22 5.01 8.70
CA ARG H 30 -22.29 4.01 8.98
C ARG H 30 -22.57 3.18 7.72
N GLU H 31 -22.31 3.76 6.53
CA GLU H 31 -22.56 3.07 5.23
C GLU H 31 -21.31 2.28 4.81
N GLY H 32 -20.31 2.18 5.70
CA GLY H 32 -19.07 1.42 5.45
C GLY H 32 -18.01 2.19 4.67
N ALA H 33 -18.08 3.52 4.66
CA ALA H 33 -17.09 4.30 3.90
C ALA H 33 -15.88 4.66 4.78
N ARG H 34 -14.69 4.73 4.17
CA ARG H 34 -13.44 5.11 4.87
C ARG H 34 -13.49 6.64 4.91
N VAL H 35 -13.70 7.22 6.09
CA VAL H 35 -13.85 8.70 6.18
C VAL H 35 -12.56 9.41 6.60
N ILE H 36 -12.26 10.51 5.89
CA ILE H 36 -11.09 11.40 6.15
C ILE H 36 -11.68 12.70 6.70
N ILE H 37 -11.41 13.03 7.96
CA ILE H 37 -11.93 14.28 8.57
C ILE H 37 -10.88 15.39 8.36
N ALA H 38 -11.09 16.25 7.36
CA ALA H 38 -10.19 17.36 7.05
C ALA H 38 -10.75 18.62 7.70
N ASP H 39 -10.03 19.21 8.66
CA ASP H 39 -10.51 20.43 9.35
C ASP H 39 -9.32 21.08 10.08
N ARG H 40 -9.45 22.35 10.47
CA ARG H 40 -8.36 23.06 11.20
C ARG H 40 -8.52 22.80 12.70
N ASP H 41 -9.76 22.62 13.15
CA ASP H 41 -10.07 22.37 14.59
C ASP H 41 -9.37 21.06 15.01
N ALA H 42 -8.56 21.12 16.07
CA ALA H 42 -7.83 19.93 16.58
C ALA H 42 -8.82 18.86 17.08
N HIS H 43 -10.05 19.28 17.40
CA HIS H 43 -11.09 18.34 17.89
C HIS H 43 -11.35 17.26 16.83
N GLY H 44 -10.90 17.51 15.59
CA GLY H 44 -11.08 16.54 14.50
C GLY H 44 -10.49 15.18 14.85
N GLU H 45 -9.43 15.16 15.68
CA GLU H 45 -8.81 13.88 16.09
C GLU H 45 -9.80 13.08 16.93
N ALA H 46 -10.52 13.75 17.85
CA ALA H 46 -11.52 13.10 18.71
C ALA H 46 -12.68 12.60 17.83
N ALA H 47 -13.09 13.40 16.85
CA ALA H 47 -14.20 13.03 15.93
C ALA H 47 -13.82 11.74 15.19
N ALA H 48 -12.58 11.67 14.69
CA ALA H 48 -12.09 10.47 13.96
C ALA H 48 -12.02 9.29 14.93
N ALA H 49 -11.58 9.55 16.17
CA ALA H 49 -11.49 8.48 17.19
C ALA H 49 -12.91 7.97 17.48
N SER H 50 -13.87 8.88 17.56
CA SER H 50 -15.30 8.54 17.83
C SER H 50 -15.82 7.61 16.74
N LEU H 51 -15.41 7.83 15.48
CA LEU H 51 -15.86 6.98 14.34
C LEU H 51 -15.17 5.60 14.43
N ARG H 52 -13.90 5.56 14.84
CA ARG H 52 -13.18 4.26 14.95
C ARG H 52 -13.76 3.46 16.12
N GLU H 53 -14.31 4.15 17.13
CA GLU H 53 -14.92 3.46 18.30
C GLU H 53 -16.24 2.83 17.86
N SER H 54 -16.93 3.42 16.87
CA SER H 54 -18.22 2.88 16.37
C SER H 54 -17.96 1.65 15.47
N GLY H 55 -16.68 1.38 15.17
CA GLY H 55 -16.27 0.23 14.32
C GLY H 55 -16.10 0.58 12.85
N ALA H 56 -15.57 1.78 12.55
CA ALA H 56 -15.37 2.22 11.15
C ALA H 56 -13.94 2.73 10.96
N GLN H 57 -13.45 2.73 9.72
CA GLN H 57 -12.07 3.24 9.43
C GLN H 57 -12.16 4.76 9.23
N ALA H 58 -11.48 5.53 10.08
CA ALA H 58 -11.50 7.01 10.00
C ALA H 58 -10.09 7.55 10.24
N LEU H 59 -9.80 8.74 9.70
CA LEU H 59 -8.47 9.38 9.84
C LEU H 59 -8.62 10.91 9.85
N PHE H 60 -8.00 11.57 10.83
CA PHE H 60 -8.04 13.05 10.92
C PHE H 60 -6.77 13.62 10.29
N ILE H 61 -6.94 14.61 9.40
CA ILE H 61 -5.80 15.28 8.71
C ILE H 61 -5.94 16.79 8.93
N SER H 62 -5.12 17.37 9.82
CA SER H 62 -5.17 18.83 10.08
C SER H 62 -4.89 19.52 8.74
N CYS H 63 -5.74 20.47 8.33
CA CYS H 63 -5.52 21.10 7.01
C CYS H 63 -6.26 22.43 6.86
N ASN H 64 -5.60 23.40 6.21
CA ASN H 64 -6.17 24.75 5.90
C ASN H 64 -6.48 24.74 4.40
N ILE H 65 -7.71 24.38 4.04
CA ILE H 65 -8.13 24.30 2.60
C ILE H 65 -7.90 25.63 1.87
N ALA H 66 -7.61 26.72 2.59
CA ALA H 66 -7.36 28.03 1.95
C ALA H 66 -5.99 28.03 1.27
N GLU H 67 -5.10 27.12 1.70
CA GLU H 67 -3.72 26.99 1.15
C GLU H 67 -3.68 25.78 0.20
N LYS H 68 -3.39 26.01 -1.08
CA LYS H 68 -3.34 24.94 -2.11
C LYS H 68 -2.36 23.83 -1.70
N THR H 69 -1.16 24.22 -1.25
CA THR H 69 -0.12 23.23 -0.85
C THR H 69 -0.68 22.24 0.20
N GLN H 70 -1.48 22.73 1.15
CA GLN H 70 -2.06 21.83 2.20
C GLN H 70 -3.14 20.95 1.56
N VAL H 71 -3.89 21.49 0.58
CA VAL H 71 -4.95 20.68 -0.09
C VAL H 71 -4.27 19.56 -0.89
N GLU H 72 -3.19 19.88 -1.62
CA GLU H 72 -2.46 18.84 -2.40
C GLU H 72 -1.99 17.73 -1.45
N ALA H 73 -1.48 18.13 -0.29
CA ALA H 73 -0.97 17.18 0.75
C ALA H 73 -2.13 16.41 1.37
N LEU H 74 -3.32 17.02 1.44
CA LEU H 74 -4.52 16.36 2.02
C LEU H 74 -4.89 15.14 1.16
N PHE H 75 -5.01 15.33 -0.15
CA PHE H 75 -5.36 14.24 -1.11
C PHE H 75 -4.21 13.21 -1.19
N SER H 76 -2.96 13.67 -1.20
CA SER H 76 -1.80 12.74 -1.27
C SER H 76 -1.83 11.79 -0.06
N GLN H 77 -1.96 12.37 1.14
CA GLN H 77 -1.98 11.62 2.42
C GLN H 77 -3.24 10.74 2.51
N ALA H 78 -4.38 11.27 2.06
CA ALA H 78 -5.67 10.53 2.10
C ALA H 78 -5.58 9.28 1.22
N GLU H 79 -4.97 9.38 0.04
CA GLU H 79 -4.85 8.22 -0.88
C GLU H 79 -3.79 7.24 -0.37
N GLU H 80 -2.77 7.73 0.33
CA GLU H 80 -1.72 6.83 0.87
C GLU H 80 -2.32 6.03 2.04
N ALA H 81 -3.44 6.52 2.60
CA ALA H 81 -4.10 5.86 3.74
C ALA H 81 -5.23 4.93 3.28
N PHE H 82 -6.27 5.46 2.62
CA PHE H 82 -7.40 4.59 2.18
C PHE H 82 -7.58 4.56 0.66
N GLY H 83 -6.47 4.60 -0.08
CA GLY H 83 -6.53 4.54 -1.57
C GLY H 83 -7.29 5.69 -2.21
N PRO H 84 -7.55 5.59 -3.54
CA PRO H 84 -8.26 6.63 -4.28
C PRO H 84 -9.48 7.25 -3.59
N VAL H 85 -9.62 8.57 -3.68
CA VAL H 85 -10.77 9.31 -3.07
C VAL H 85 -11.95 9.25 -4.04
N ASP H 86 -13.00 8.52 -3.67
CA ASP H 86 -14.20 8.37 -4.54
C ASP H 86 -15.22 9.48 -4.23
N ILE H 87 -15.25 9.96 -2.99
CA ILE H 87 -16.24 11.01 -2.58
C ILE H 87 -15.53 12.20 -1.93
N LEU H 88 -15.96 13.41 -2.28
CA LEU H 88 -15.44 14.67 -1.69
C LEU H 88 -16.63 15.48 -1.18
N VAL H 89 -16.67 15.77 0.12
CA VAL H 89 -17.79 16.57 0.69
C VAL H 89 -17.20 17.90 1.18
N ASN H 90 -17.44 18.97 0.42
CA ASN H 90 -16.93 20.31 0.79
C ASN H 90 -17.93 20.94 1.77
N ASN H 91 -17.73 20.68 3.07
CA ASN H 91 -18.63 21.23 4.13
C ASN H 91 -17.94 22.42 4.80
N ALA H 92 -16.59 22.41 4.83
CA ALA H 92 -15.81 23.49 5.47
C ALA H 92 -16.46 24.85 5.17
N GLY H 93 -16.80 25.58 6.24
CA GLY H 93 -17.43 26.91 6.12
C GLY H 93 -17.29 27.68 7.42
N ILE H 94 -17.33 29.02 7.33
CA ILE H 94 -17.22 29.91 8.53
C ILE H 94 -18.10 31.13 8.30
N ASN H 95 -18.40 31.87 9.37
CA ASN H 95 -19.25 33.08 9.25
C ASN H 95 -18.55 34.26 9.93
N ARG H 96 -18.74 35.44 9.36
CA ARG H 96 -18.20 36.75 9.85
C ARG H 96 -19.27 37.77 9.47
N ASP H 97 -20.48 37.55 9.99
CA ASP H 97 -21.68 38.37 9.73
C ASP H 97 -21.42 39.85 10.05
N ALA H 98 -22.07 40.72 9.28
CA ALA H 98 -21.99 42.18 9.39
C ALA H 98 -22.87 42.74 8.28
N LEU H 100 -23.99 45.16 5.20
CA LEU H 100 -23.27 45.58 4.00
C LEU H 100 -22.45 46.85 4.25
N HIS H 101 -23.05 47.85 4.90
CA HIS H 101 -22.37 49.16 5.16
C HIS H 101 -21.28 49.07 6.23
N LYS H 102 -21.09 47.92 6.89
CA LYS H 102 -20.05 47.83 7.95
C LYS H 102 -19.13 46.60 7.79
N LEU H 103 -19.42 45.70 6.84
CA LEU H 103 -18.55 44.50 6.68
C LEU H 103 -17.09 44.96 6.47
N THR H 104 -16.18 44.52 7.35
CA THR H 104 -14.74 44.88 7.23
C THR H 104 -14.13 44.07 6.09
N GLU H 105 -13.06 44.58 5.49
CA GLU H 105 -12.38 43.87 4.36
C GLU H 105 -11.78 42.56 4.88
N ALA H 106 -11.34 42.54 6.14
CA ALA H 106 -10.74 41.32 6.73
C ALA H 106 -11.83 40.24 6.86
N ASP H 107 -13.02 40.62 7.37
CA ASP H 107 -14.15 39.65 7.54
C ASP H 107 -14.59 39.16 6.14
N TRP H 108 -14.50 40.01 5.12
CA TRP H 108 -14.87 39.60 3.74
C TRP H 108 -13.85 38.56 3.24
N ASP H 109 -12.56 38.91 3.30
CA ASP H 109 -11.45 38.03 2.83
C ASP H 109 -11.51 36.65 3.49
N THR H 110 -11.62 36.59 4.82
CA THR H 110 -11.61 35.27 5.53
C THR H 110 -12.78 34.39 5.09
N VAL H 111 -13.99 34.93 4.92
CA VAL H 111 -15.14 34.07 4.51
C VAL H 111 -14.96 33.57 3.07
N ILE H 112 -14.62 34.45 2.14
CA ILE H 112 -14.41 34.05 0.72
C ILE H 112 -13.22 33.09 0.61
N ASP H 113 -12.18 33.33 1.41
CA ASP H 113 -10.93 32.53 1.39
C ASP H 113 -11.21 31.07 1.80
N VAL H 114 -12.04 30.85 2.82
CA VAL H 114 -12.33 29.47 3.32
C VAL H 114 -13.56 28.85 2.65
N ASN H 115 -14.67 29.60 2.55
CA ASN H 115 -15.93 29.05 1.97
C ASN H 115 -15.89 28.90 0.45
N LEU H 116 -15.36 29.88 -0.29
CA LEU H 116 -15.38 29.78 -1.77
C LEU H 116 -14.05 29.23 -2.32
N LYS H 117 -12.93 29.90 -2.05
CA LYS H 117 -11.62 29.41 -2.57
C LYS H 117 -11.32 28.02 -2.01
N GLY H 118 -11.57 27.80 -0.71
CA GLY H 118 -11.33 26.49 -0.10
C GLY H 118 -12.08 25.39 -0.85
N THR H 119 -13.33 25.65 -1.24
CA THR H 119 -14.16 24.68 -1.98
C THR H 119 -13.52 24.45 -3.36
N PHE H 120 -13.07 25.53 -4.01
CA PHE H 120 -12.42 25.43 -5.35
C PHE H 120 -11.17 24.54 -5.33
N LEU H 121 -10.18 24.88 -4.49
CA LEU H 121 -8.92 24.09 -4.39
C LEU H 121 -9.22 22.60 -4.18
N CYS H 122 -10.13 22.27 -3.24
CA CYS H 122 -10.47 20.86 -2.98
C CYS H 122 -11.15 20.24 -4.20
N GLN H 124 -10.75 21.10 -7.23
CA GLN H 124 -9.75 20.98 -8.27
C GLN H 124 -8.98 19.66 -8.10
N GLN H 125 -8.50 19.38 -6.88
CA GLN H 125 -7.74 18.14 -6.61
C GLN H 125 -8.59 16.91 -6.96
N ALA H 126 -9.88 16.95 -6.62
CA ALA H 126 -10.80 15.83 -6.91
C ALA H 126 -10.96 15.66 -8.42
N ALA H 127 -11.18 16.78 -9.13
CA ALA H 127 -11.38 16.79 -10.60
C ALA H 127 -10.16 16.19 -11.31
N ILE H 128 -8.95 16.63 -10.94
CA ILE H 128 -7.68 16.13 -11.56
C ILE H 128 -7.64 14.60 -11.49
N ARG H 129 -8.02 14.03 -10.35
CA ARG H 129 -7.99 12.55 -10.14
C ARG H 129 -9.21 11.84 -10.72
N ARG H 131 -11.36 12.81 -13.11
CA ARG H 131 -11.57 12.83 -14.55
C ARG H 131 -10.69 11.77 -15.24
N GLU H 132 -9.63 11.29 -14.58
CA GLU H 132 -8.72 10.24 -15.14
C GLU H 132 -9.29 8.86 -14.84
N ARG H 133 -9.77 8.65 -13.61
CA ARG H 133 -10.35 7.36 -13.15
C ARG H 133 -11.72 7.13 -13.80
N GLY H 134 -12.36 8.19 -14.30
CA GLY H 134 -13.67 8.08 -14.95
C GLY H 134 -14.78 7.76 -13.97
N ALA H 135 -14.64 8.20 -12.71
CA ALA H 135 -15.65 7.96 -11.65
C ALA H 135 -15.41 8.93 -10.50
N GLY H 136 -16.47 9.28 -9.75
CA GLY H 136 -16.28 10.20 -8.62
C GLY H 136 -17.57 10.88 -8.18
N ARG H 137 -17.53 11.45 -6.98
CA ARG H 137 -18.69 12.16 -6.38
C ARG H 137 -18.19 13.40 -5.64
N ILE H 138 -18.80 14.55 -5.95
CA ILE H 138 -18.45 15.84 -5.29
C ILE H 138 -19.76 16.44 -4.76
N ILE H 139 -19.95 16.41 -3.44
CA ILE H 139 -21.18 16.98 -2.81
C ILE H 139 -20.74 18.27 -2.09
N ASN H 140 -21.17 19.42 -2.60
CA ASN H 140 -20.82 20.74 -2.00
C ASN H 140 -21.91 21.16 -1.03
N ILE H 141 -21.55 21.60 0.17
CA ILE H 141 -22.58 22.15 1.10
C ILE H 141 -22.61 23.68 1.00
N ALA H 142 -23.65 24.25 0.35
CA ALA H 142 -23.82 25.73 0.26
C ALA H 142 -24.78 26.15 1.37
N SER H 143 -25.51 27.27 1.23
CA SER H 143 -26.45 27.53 2.36
C SER H 143 -27.78 28.01 1.86
N ALA H 144 -28.81 27.82 2.67
CA ALA H 144 -30.10 28.42 2.23
C ALA H 144 -29.87 29.91 1.94
N SER H 145 -28.81 30.49 2.53
CA SER H 145 -28.44 31.91 2.38
C SER H 145 -27.85 32.19 0.99
N TRP H 146 -27.73 31.18 0.11
CA TRP H 146 -27.12 31.43 -1.23
C TRP H 146 -28.01 32.40 -2.02
N LEU H 147 -29.29 32.51 -1.68
CA LEU H 147 -30.21 33.45 -2.38
C LEU H 147 -30.45 34.69 -1.51
N GLY H 148 -29.42 35.11 -0.76
CA GLY H 148 -29.50 36.30 0.10
C GLY H 148 -30.00 36.04 1.52
N ASN H 149 -29.53 36.87 2.46
CA ASN H 149 -29.91 36.79 3.90
C ASN H 149 -29.28 38.01 4.60
N VAL H 150 -30.08 38.71 5.42
CA VAL H 150 -29.64 39.93 6.16
C VAL H 150 -28.35 39.67 6.95
N GLY H 151 -27.39 40.58 6.83
CA GLY H 151 -26.09 40.54 7.53
C GLY H 151 -25.16 39.44 7.00
N GLN H 152 -25.39 38.96 5.79
CA GLN H 152 -24.51 37.88 5.25
C GLN H 152 -24.09 38.18 3.81
N THR H 153 -23.60 39.40 3.55
CA THR H 153 -23.13 39.77 2.19
C THR H 153 -22.04 38.78 1.75
N ASN H 154 -21.02 38.63 2.58
CA ASN H 154 -19.86 37.73 2.32
C ASN H 154 -20.27 36.24 2.34
N TYR H 155 -21.20 35.85 3.20
CA TYR H 155 -21.59 34.41 3.29
C TYR H 155 -22.48 34.06 2.08
N SER H 156 -23.46 34.93 1.78
CA SER H 156 -24.37 34.69 0.63
C SER H 156 -23.56 34.67 -0.67
N ALA H 157 -22.49 35.47 -0.74
CA ALA H 157 -21.63 35.52 -1.94
C ALA H 157 -20.90 34.18 -2.09
N SER H 158 -20.26 33.73 -1.00
CA SER H 158 -19.49 32.46 -1.01
C SER H 158 -20.41 31.25 -1.29
N LYS H 159 -21.60 31.22 -0.68
CA LYS H 159 -22.52 30.07 -0.89
C LYS H 159 -23.11 30.14 -2.31
N ALA H 160 -23.53 31.32 -2.76
CA ALA H 160 -24.05 31.41 -4.14
C ALA H 160 -22.91 31.03 -5.09
N GLY H 161 -21.68 31.42 -4.74
CA GLY H 161 -20.50 31.09 -5.55
C GLY H 161 -20.27 29.59 -5.64
N VAL H 162 -20.44 28.88 -4.52
CA VAL H 162 -20.25 27.40 -4.52
C VAL H 162 -21.30 26.77 -5.43
N VAL H 163 -22.54 27.28 -5.41
CA VAL H 163 -23.60 26.70 -6.28
C VAL H 163 -23.20 26.91 -7.75
N GLY H 164 -22.63 28.08 -8.07
CA GLY H 164 -22.20 28.40 -9.44
C GLY H 164 -21.13 27.43 -9.95
N THR H 166 -20.59 24.42 -8.67
CA THR H 166 -21.19 23.10 -8.68
C THR H 166 -21.77 22.83 -10.08
N LYS H 167 -22.52 23.79 -10.62
CA LYS H 167 -23.15 23.65 -11.95
C LYS H 167 -22.09 23.67 -13.07
N THR H 168 -20.97 24.35 -12.86
CA THR H 168 -19.88 24.38 -13.88
C THR H 168 -19.18 23.02 -13.92
N ALA H 169 -18.75 22.51 -12.77
CA ALA H 169 -18.06 21.20 -12.69
C ALA H 169 -18.96 20.11 -13.30
N CYS H 170 -20.27 20.23 -13.09
CA CYS H 170 -21.25 19.26 -13.64
C CYS H 170 -21.08 19.17 -15.16
N ARG H 171 -21.03 20.33 -15.82
CA ARG H 171 -20.90 20.46 -17.30
C ARG H 171 -19.54 19.95 -17.79
N GLU H 172 -18.52 19.92 -16.92
CA GLU H 172 -17.16 19.48 -17.34
C GLU H 172 -16.86 18.02 -16.95
N LEU H 173 -17.48 17.50 -15.89
CA LEU H 173 -17.15 16.12 -15.42
C LEU H 173 -18.30 15.12 -15.60
N ALA H 174 -19.46 15.54 -16.11
CA ALA H 174 -20.59 14.57 -16.27
C ALA H 174 -20.24 13.47 -17.28
N LYS H 175 -19.61 13.82 -18.40
CA LYS H 175 -19.25 12.80 -19.44
C LYS H 175 -18.16 11.86 -18.91
N LYS H 176 -17.46 12.25 -17.84
CA LYS H 176 -16.38 11.44 -17.22
C LYS H 176 -16.99 10.48 -16.18
N GLY H 177 -18.31 10.44 -16.06
CA GLY H 177 -18.99 9.56 -15.10
C GLY H 177 -18.88 10.09 -13.68
N VAL H 178 -18.75 11.41 -13.53
CA VAL H 178 -18.63 12.07 -12.19
C VAL H 178 -19.85 12.95 -11.96
N THR H 179 -20.38 12.99 -10.74
CA THR H 179 -21.56 13.85 -10.45
C THR H 179 -21.13 14.93 -9.45
N VAL H 180 -21.50 16.18 -9.73
CA VAL H 180 -21.18 17.33 -8.84
C VAL H 180 -22.52 17.94 -8.43
N ASN H 181 -22.88 17.81 -7.15
CA ASN H 181 -24.17 18.33 -6.62
C ASN H 181 -23.91 19.21 -5.39
N ALA H 182 -24.93 19.98 -5.00
CA ALA H 182 -24.84 20.89 -3.84
C ALA H 182 -26.05 20.72 -2.93
N ILE H 183 -25.82 20.75 -1.61
CA ILE H 183 -26.90 20.64 -0.59
C ILE H 183 -26.97 21.98 0.15
N CYS H 184 -28.19 22.51 0.34
CA CYS H 184 -28.39 23.79 1.07
C CYS H 184 -29.15 23.51 2.36
N PRO H 185 -28.45 23.35 3.51
CA PRO H 185 -29.11 23.09 4.78
C PRO H 185 -29.89 24.31 5.25
N GLY H 186 -31.04 24.08 5.89
CA GLY H 186 -31.88 25.17 6.44
C GLY H 186 -31.43 25.47 7.85
N PHE H 187 -32.35 25.43 8.81
CA PHE H 187 -32.00 25.63 10.24
C PHE H 187 -31.76 24.26 10.89
N ILE H 188 -30.49 23.95 11.16
CA ILE H 188 -30.12 22.62 11.73
C ILE H 188 -29.69 22.79 13.19
N ASP H 189 -30.05 21.84 14.05
CA ASP H 189 -29.66 21.90 15.48
C ASP H 189 -28.21 21.49 15.63
N THR H 190 -27.34 22.43 15.99
CA THR H 190 -25.91 22.14 16.29
C THR H 190 -25.49 22.98 17.50
N ASP H 191 -24.31 22.73 18.05
CA ASP H 191 -23.80 23.49 19.23
C ASP H 191 -23.71 24.98 18.90
N THR H 193 -25.87 26.87 16.56
CA THR H 193 -27.21 27.46 16.55
C THR H 193 -27.92 27.25 17.89
N ARG H 194 -27.44 26.32 18.72
CA ARG H 194 -28.12 26.05 20.03
C ARG H 194 -27.61 27.04 21.09
N GLY H 195 -26.61 27.86 20.73
CA GLY H 195 -26.05 28.86 21.66
C GLY H 195 -26.75 30.21 21.56
N VAL H 196 -28.08 30.19 21.41
CA VAL H 196 -28.90 31.44 21.31
C VAL H 196 -30.08 31.30 22.27
N PRO H 197 -30.86 32.39 22.52
CA PRO H 197 -32.00 32.31 23.44
C PRO H 197 -33.19 31.55 22.86
N GLU H 198 -33.88 30.76 23.70
CA GLU H 198 -35.07 29.97 23.28
C GLU H 198 -36.10 30.92 22.63
N ASN H 199 -36.08 32.19 23.06
CA ASN H 199 -37.00 33.23 22.54
C ASN H 199 -36.79 33.36 21.03
N VAL H 200 -35.53 33.45 20.59
CA VAL H 200 -35.16 33.58 19.15
C VAL H 200 -35.36 32.23 18.47
N TRP H 201 -34.82 31.16 19.06
CA TRP H 201 -34.92 29.78 18.54
C TRP H 201 -36.34 29.48 18.07
N GLN H 202 -37.34 29.78 18.91
CA GLN H 202 -38.78 29.54 18.62
C GLN H 202 -39.23 30.26 17.35
N ILE H 203 -38.95 31.56 17.24
CA ILE H 203 -39.38 32.38 16.06
C ILE H 203 -38.74 31.86 14.78
N VAL H 205 -37.97 28.71 14.28
CA VAL H 205 -38.61 27.43 14.01
C VAL H 205 -39.99 27.70 13.40
N SER H 206 -40.64 28.82 13.77
CA SER H 206 -41.97 29.14 13.21
C SER H 206 -41.85 29.44 11.70
N LYS H 207 -40.64 29.71 11.22
CA LYS H 207 -40.35 30.00 9.79
C LYS H 207 -40.17 28.68 9.02
N ILE H 208 -40.12 27.56 9.75
CA ILE H 208 -39.92 26.20 9.15
C ILE H 208 -41.27 25.49 9.05
N PRO H 209 -41.82 25.26 7.83
CA PRO H 209 -43.09 24.56 7.69
C PRO H 209 -43.14 23.22 8.45
N ALA H 210 -42.03 22.48 8.46
CA ALA H 210 -41.94 21.17 9.15
C ALA H 210 -42.25 21.35 10.64
N GLY H 211 -41.95 22.52 11.20
CA GLY H 211 -42.21 22.83 12.61
C GLY H 211 -41.12 22.39 13.57
N TYR H 212 -39.89 22.16 13.08
CA TYR H 212 -38.79 21.74 13.98
C TYR H 212 -37.44 21.93 13.28
N ALA H 213 -36.38 22.15 14.07
CA ALA H 213 -35.02 22.32 13.52
C ALA H 213 -34.49 20.93 13.12
N GLY H 214 -33.82 20.84 11.97
CA GLY H 214 -33.27 19.56 11.50
C GLY H 214 -32.04 19.14 12.29
N GLU H 215 -31.58 17.90 12.07
CA GLU H 215 -30.39 17.32 12.74
C GLU H 215 -29.24 17.30 11.71
N ALA H 216 -28.01 17.09 12.17
CA ALA H 216 -26.86 17.04 11.23
C ALA H 216 -26.98 15.82 10.31
N LYS H 217 -27.55 14.71 10.80
CA LYS H 217 -27.71 13.48 9.98
C LYS H 217 -28.70 13.73 8.84
N ASP H 218 -29.68 14.64 9.03
CA ASP H 218 -30.65 14.94 7.95
C ASP H 218 -29.87 15.36 6.69
N VAL H 219 -28.75 16.07 6.89
CA VAL H 219 -27.88 16.51 5.76
C VAL H 219 -27.05 15.29 5.31
N GLY H 220 -26.60 14.49 6.28
CA GLY H 220 -25.80 13.28 6.02
C GLY H 220 -26.54 12.26 5.16
N GLU H 221 -27.84 12.08 5.43
CA GLU H 221 -28.67 11.13 4.65
C GLU H 221 -28.70 11.57 3.18
N CYS H 222 -28.86 12.87 2.93
CA CYS H 222 -28.89 13.37 1.53
C CYS H 222 -27.52 13.19 0.89
N VAL H 223 -26.45 13.42 1.65
CA VAL H 223 -25.06 13.25 1.10
C VAL H 223 -24.85 11.77 0.76
N ALA H 224 -25.32 10.87 1.63
CA ALA H 224 -25.17 9.41 1.42
C ALA H 224 -25.87 8.98 0.13
N PHE H 225 -27.03 9.56 -0.17
CA PHE H 225 -27.79 9.22 -1.40
C PHE H 225 -27.07 9.73 -2.65
N LEU H 226 -26.66 11.00 -2.65
CA LEU H 226 -25.94 11.59 -3.82
C LEU H 226 -24.63 10.83 -4.08
N ALA H 227 -24.02 10.29 -3.02
CA ALA H 227 -22.74 9.55 -3.18
C ALA H 227 -22.96 8.13 -3.70
N SER H 228 -24.21 7.65 -3.69
CA SER H 228 -24.51 6.25 -4.14
C SER H 228 -24.59 6.16 -5.67
N ASP H 229 -24.75 4.93 -6.16
CA ASP H 229 -24.86 4.60 -7.61
C ASP H 229 -26.28 4.94 -8.10
N GLY H 230 -27.25 5.00 -7.18
CA GLY H 230 -28.65 5.32 -7.54
C GLY H 230 -28.85 6.79 -7.85
N ALA H 231 -27.83 7.61 -7.61
CA ALA H 231 -27.89 9.08 -7.86
C ALA H 231 -26.90 9.44 -8.97
N ARG H 232 -26.56 8.47 -9.82
CA ARG H 232 -25.59 8.69 -10.92
C ARG H 232 -26.18 9.62 -11.99
N TYR H 233 -27.51 9.75 -12.07
CA TYR H 233 -28.11 10.59 -13.15
C TYR H 233 -28.55 11.94 -12.56
N ILE H 234 -28.20 12.19 -11.30
CA ILE H 234 -28.48 13.49 -10.62
C ILE H 234 -27.18 14.27 -10.70
N ASN H 235 -27.16 15.40 -11.42
CA ASN H 235 -25.88 16.13 -11.55
C ASN H 235 -26.16 17.62 -11.73
N GLY H 236 -25.44 18.48 -11.00
CA GLY H 236 -25.62 19.93 -11.08
C GLY H 236 -26.86 20.40 -10.34
N GLU H 237 -27.35 19.59 -9.40
CA GLU H 237 -28.57 19.94 -8.60
C GLU H 237 -28.24 20.59 -7.26
N VAL H 238 -29.19 21.40 -6.80
CA VAL H 238 -29.16 22.10 -5.49
C VAL H 238 -30.31 21.50 -4.70
N ILE H 239 -30.02 20.77 -3.63
CA ILE H 239 -31.12 20.14 -2.83
C ILE H 239 -31.22 20.83 -1.47
N ASN H 240 -32.35 21.50 -1.21
CA ASN H 240 -32.55 22.17 0.10
C ASN H 240 -32.93 21.10 1.13
N VAL H 241 -32.31 21.17 2.30
CA VAL H 241 -32.60 20.23 3.43
C VAL H 241 -32.98 21.15 4.58
N GLY H 242 -34.19 21.71 4.55
CA GLY H 242 -34.64 22.66 5.59
C GLY H 242 -36.11 22.54 5.94
N GLY H 243 -36.71 21.37 5.73
CA GLY H 243 -38.13 21.15 6.07
C GLY H 243 -39.07 22.10 5.33
N GLY H 244 -38.71 22.47 4.10
CA GLY H 244 -39.53 23.37 3.26
C GLY H 244 -39.38 24.85 3.60
N VAL H 246 -38.28 28.55 3.21
CA VAL H 246 -37.86 29.46 2.16
C VAL H 246 -37.28 30.68 2.90
N LEU H 247 -35.95 30.71 3.08
CA LEU H 247 -35.28 31.81 3.81
C LEU H 247 -35.57 33.17 3.15
#